data_4RR2
#
_entry.id   4RR2
#
_cell.length_a   86.195
_cell.length_b   88.899
_cell.length_c   94.682
_cell.angle_alpha   93.82
_cell.angle_beta   96.57
_cell.angle_gamma   111.72
#
_symmetry.space_group_name_H-M   'P 1'
#
loop_
_entity.id
_entity.type
_entity.pdbx_description
1 polymer 'DNA primase small subunit'
2 polymer 'DNA primase large subunit'
3 non-polymer 'ZINC ION'
4 non-polymer 'IRON/SULFUR CLUSTER'
5 water water
#
loop_
_entity_poly.entity_id
_entity_poly.type
_entity_poly.pdbx_seq_one_letter_code
_entity_poly.pdbx_strand_id
1 'polypeptide(L)'
;METFDPTELPELLKLYYRRLFPYSQYYRWLNYGGVIKNYFQHREFSFTLKDDIYIRYQSFNNQSDLEKEMQKMNPYKIDI
GAVYSHRPNQHNTVKLGAFQAQEKELVFDIDMTDYDDVRRCCSSADICPKCWTLMTMAIRIIDRALKEDFGFKHRLWVYS
GRRGVHCWVCDESVRKLSSAVRSGIVEYLSLVKGGQDVKKKVHLSEKIHPFIRKSINIIKKYFEEYALVNQDILENKESW
DKILALVPETIHDELQQSFQKSHNSLQRWEHLKKVASRYQNNIKNDKYGPWLEWEIMLQYCFPRLDINVSKGINHLLKSP
FSVHPKTGRISVPIDLQKVDQFDPFTVPTISFICRELDAISTNEEEKEENEAESDVKHRTRDYKKTSLAPYVKVFEHFLE
NLDKSRKGELLKKSDLQKDF
;
A,C
2 'polypeptide(L)'
;MEFSGRKWRKLRLAGDQRNASYPHCLQFYLQPPSENISLIEFENLAIDRVKLLKSVENLGVSYVKGTEQYQSKLESELRK
LKFSYRENLEDEYEPRRRDHISHFILRLAYCQSEELRRWFIQQEMDLLRFRFSILPKDKIQDFLKDSQLQFEAISDEEKT
LREQEIVASSPSLSGLKLGFESIYKIPFADALDLFRGRKVYLEDGFAYVPLKDIVAIILNEFRAKLSKALALTARSLPAV
QSDERLQPLLNHLSHSYTGQDYSTQGNVGKISLDQIDLLSTKSFPPCMRQLHKALRENHHLRHGGRMQYGLFLKGIGLTL
EQALQFWKQEFIKGKMDPDKFDKGYSYNIRHSFGKEGKRTDYTPFSCLKIILSNPPSQGDYHGCPFRHSDPELLKQKLQS
YKISPGGISQILDLVKGTHYQVACQKYFEMIHNVDDCGFSLNHPNQFFCESQRILNGGKDIKKEPIQPETPQPKPSVQKT
KDASSALASLNSSLEMDMEGLEDYFSEDS
;
B,D
#
loop_
_chem_comp.id
_chem_comp.type
_chem_comp.name
_chem_comp.formula
SF4 non-polymer 'IRON/SULFUR CLUSTER' 'Fe4 S4'
ZN non-polymer 'ZINC ION' 'Zn 2'
#
# COMPACT_ATOMS: atom_id res chain seq x y z
N MET A 1 -24.13 1.28 10.47
CA MET A 1 -25.09 1.65 11.56
C MET A 1 -25.21 0.46 12.51
N GLU A 2 -25.70 0.69 13.72
CA GLU A 2 -25.85 -0.39 14.69
C GLU A 2 -26.82 -1.45 14.17
N THR A 3 -26.47 -2.72 14.35
CA THR A 3 -27.34 -3.80 13.91
C THR A 3 -28.65 -3.69 14.69
N PHE A 4 -29.76 -3.60 13.96
CA PHE A 4 -31.10 -3.46 14.53
C PHE A 4 -31.69 -4.70 15.20
N ASP A 5 -32.30 -4.50 16.37
CA ASP A 5 -32.92 -5.60 17.13
C ASP A 5 -34.45 -5.53 16.99
N PRO A 6 -35.02 -6.38 16.13
CA PRO A 6 -36.47 -6.39 15.92
C PRO A 6 -37.34 -6.68 17.12
N THR A 7 -36.73 -6.89 18.28
CA THR A 7 -37.49 -7.17 19.49
C THR A 7 -38.06 -5.90 20.08
N GLU A 8 -37.39 -4.78 19.83
CA GLU A 8 -37.82 -3.49 20.36
C GLU A 8 -38.90 -2.88 19.49
N LEU A 9 -39.21 -3.53 18.38
CA LEU A 9 -40.19 -3.01 17.43
C LEU A 9 -41.51 -2.45 18.01
N PRO A 10 -42.19 -3.20 18.89
CA PRO A 10 -43.45 -2.73 19.48
C PRO A 10 -43.35 -1.33 20.08
N GLU A 11 -42.30 -1.11 20.85
CA GLU A 11 -42.10 0.20 21.48
C GLU A 11 -41.68 1.25 20.46
N LEU A 12 -40.72 0.88 19.62
CA LEU A 12 -40.25 1.78 18.59
C LEU A 12 -41.42 2.23 17.72
N LEU A 13 -42.21 1.28 17.26
CA LEU A 13 -43.35 1.64 16.42
C LEU A 13 -44.23 2.65 17.11
N LYS A 14 -44.55 2.40 18.39
CA LYS A 14 -45.40 3.34 19.14
C LYS A 14 -44.83 4.75 19.09
N LEU A 15 -43.54 4.87 19.37
CA LEU A 15 -42.87 6.16 19.35
C LEU A 15 -42.98 6.70 17.92
N TYR A 16 -42.44 5.93 17.00
CA TYR A 16 -42.44 6.27 15.60
C TYR A 16 -43.78 6.76 15.09
N TYR A 17 -44.85 6.01 15.38
CA TYR A 17 -46.19 6.40 14.92
C TYR A 17 -46.83 7.56 15.67
N ARG A 18 -46.24 7.99 16.77
CA ARG A 18 -46.83 9.09 17.52
C ARG A 18 -46.00 10.37 17.45
N ARG A 19 -44.81 10.29 16.90
CA ARG A 19 -43.96 11.47 16.83
C ARG A 19 -43.12 11.69 15.58
N LEU A 20 -42.95 10.65 14.76
CA LEU A 20 -42.12 10.79 13.58
C LEU A 20 -42.80 10.56 12.23
N PHE A 21 -43.79 9.67 12.17
CA PHE A 21 -44.47 9.44 10.90
C PHE A 21 -44.99 10.77 10.34
N PRO A 22 -44.51 11.16 9.14
CA PRO A 22 -44.92 12.41 8.51
C PRO A 22 -46.38 12.43 8.11
N TYR A 23 -47.26 12.47 9.11
CA TYR A 23 -48.71 12.46 8.84
C TYR A 23 -49.19 13.54 7.89
N SER A 24 -49.06 14.80 8.29
CA SER A 24 -49.52 15.90 7.43
C SER A 24 -49.07 15.79 5.97
N GLN A 25 -47.83 15.35 5.75
CA GLN A 25 -47.36 15.22 4.37
C GLN A 25 -48.01 14.00 3.73
N TYR A 26 -48.18 12.94 4.51
CA TYR A 26 -48.79 11.72 4.00
C TYR A 26 -50.19 12.09 3.54
N TYR A 27 -50.89 12.87 4.36
CA TYR A 27 -52.26 13.30 4.03
C TYR A 27 -52.26 14.20 2.79
N ARG A 28 -51.47 15.28 2.82
CA ARG A 28 -51.38 16.21 1.70
C ARG A 28 -51.32 15.45 0.36
N TRP A 29 -50.58 14.35 0.36
CA TRP A 29 -50.44 13.55 -0.84
C TRP A 29 -51.69 12.78 -1.21
N LEU A 30 -52.10 11.86 -0.34
CA LEU A 30 -53.25 11.02 -0.61
C LEU A 30 -54.58 11.72 -0.80
N ASN A 31 -54.66 12.97 -0.34
CA ASN A 31 -55.88 13.75 -0.48
C ASN A 31 -55.89 14.54 -1.80
N TYR A 32 -54.72 14.60 -2.43
CA TYR A 32 -54.53 15.28 -3.71
C TYR A 32 -55.16 16.68 -3.83
N GLY A 33 -55.41 17.35 -2.72
CA GLY A 33 -55.97 18.69 -2.80
C GLY A 33 -57.46 18.92 -2.65
N GLY A 34 -58.21 17.93 -2.21
CA GLY A 34 -59.65 18.14 -2.05
C GLY A 34 -60.36 18.43 -3.35
N VAL A 35 -59.67 18.24 -4.45
CA VAL A 35 -60.26 18.47 -5.76
C VAL A 35 -61.23 17.36 -6.14
N ILE A 36 -61.41 16.36 -5.27
CA ILE A 36 -62.31 15.25 -5.59
C ILE A 36 -63.14 14.78 -4.40
N LYS A 37 -64.39 14.44 -4.68
CA LYS A 37 -65.35 13.99 -3.66
C LYS A 37 -64.75 13.44 -2.38
N ASN A 38 -64.54 12.13 -2.33
CA ASN A 38 -64.00 11.51 -1.15
C ASN A 38 -62.76 10.74 -1.54
N TYR A 39 -62.00 11.27 -2.49
CA TYR A 39 -60.80 10.57 -2.96
C TYR A 39 -60.03 9.96 -1.80
N PHE A 40 -59.94 10.69 -0.68
CA PHE A 40 -59.22 10.16 0.47
C PHE A 40 -60.10 9.21 1.25
N GLN A 41 -61.29 9.68 1.58
CA GLN A 41 -62.23 8.89 2.35
C GLN A 41 -62.48 7.52 1.70
N HIS A 42 -62.28 7.44 0.39
CA HIS A 42 -62.49 6.18 -0.31
C HIS A 42 -61.22 5.40 -0.59
N ARG A 43 -60.12 5.80 0.05
CA ARG A 43 -58.85 5.12 -0.14
C ARG A 43 -58.71 3.97 0.84
N GLU A 44 -58.30 2.82 0.33
CA GLU A 44 -58.12 1.63 1.15
C GLU A 44 -56.69 1.48 1.67
N PHE A 45 -56.57 1.25 2.97
CA PHE A 45 -55.27 1.02 3.56
C PHE A 45 -55.36 -0.39 4.10
N SER A 46 -54.23 -1.06 4.24
CA SER A 46 -54.20 -2.42 4.77
C SER A 46 -53.20 -2.39 5.91
N PHE A 47 -53.39 -3.25 6.91
CA PHE A 47 -52.47 -3.27 8.04
C PHE A 47 -52.13 -4.69 8.45
N THR A 48 -50.96 -4.83 9.05
CA THR A 48 -50.52 -6.13 9.55
C THR A 48 -50.16 -5.86 10.99
N LEU A 49 -51.07 -6.25 11.87
CA LEU A 49 -50.96 -6.03 13.32
C LEU A 49 -50.13 -7.00 14.15
N LYS A 50 -50.50 -7.05 15.42
CA LYS A 50 -49.94 -7.87 16.51
C LYS A 50 -49.24 -9.19 16.22
N ASP A 51 -50.05 -10.24 16.11
CA ASP A 51 -49.57 -11.60 15.89
C ASP A 51 -49.48 -11.88 14.41
N ASP A 52 -49.39 -10.81 13.64
CA ASP A 52 -49.30 -10.87 12.19
C ASP A 52 -50.72 -11.01 11.63
N ILE A 53 -51.69 -10.51 12.39
CA ILE A 53 -53.07 -10.56 11.94
C ILE A 53 -53.12 -9.60 10.75
N TYR A 54 -53.95 -9.89 9.76
CA TYR A 54 -54.04 -9.03 8.59
C TYR A 54 -55.41 -8.41 8.37
N ILE A 55 -55.53 -7.13 8.70
CA ILE A 55 -56.77 -6.40 8.53
C ILE A 55 -56.62 -5.83 7.12
N ARG A 56 -57.72 -5.51 6.44
CA ARG A 56 -57.56 -5.04 5.08
C ARG A 56 -58.36 -3.86 4.56
N TYR A 57 -59.68 -3.93 4.53
CA TYR A 57 -60.45 -2.82 3.99
C TYR A 57 -60.57 -1.61 4.93
N GLN A 58 -59.45 -1.15 5.47
CA GLN A 58 -59.45 0.01 6.38
C GLN A 58 -59.62 1.32 5.64
N SER A 59 -60.37 2.24 6.24
CA SER A 59 -60.60 3.55 5.66
C SER A 59 -60.61 4.65 6.72
N PHE A 60 -60.56 5.90 6.29
CA PHE A 60 -60.54 7.02 7.22
C PHE A 60 -61.21 8.30 6.70
N ASN A 61 -61.82 9.06 7.61
CA ASN A 61 -62.51 10.30 7.28
C ASN A 61 -61.64 11.50 6.97
N ASN A 62 -60.60 11.69 7.77
CA ASN A 62 -59.70 12.82 7.57
C ASN A 62 -58.36 12.45 8.15
N GLN A 63 -57.41 13.38 8.10
CA GLN A 63 -56.08 13.12 8.62
C GLN A 63 -56.06 12.69 10.09
N SER A 64 -56.97 13.24 10.89
CA SER A 64 -57.00 12.89 12.31
C SER A 64 -57.38 11.44 12.56
N ASP A 65 -58.24 10.87 11.73
CA ASP A 65 -58.60 9.47 11.90
C ASP A 65 -57.35 8.66 11.71
N LEU A 66 -56.70 8.89 10.58
CA LEU A 66 -55.47 8.19 10.22
C LEU A 66 -54.45 8.16 11.36
N GLU A 67 -54.29 9.29 12.05
CA GLU A 67 -53.35 9.35 13.16
C GLU A 67 -53.86 8.53 14.35
N LYS A 68 -55.07 8.85 14.81
CA LYS A 68 -55.67 8.16 15.95
C LYS A 68 -55.58 6.65 15.76
N GLU A 69 -56.21 6.16 14.69
CA GLU A 69 -56.21 4.74 14.40
C GLU A 69 -54.82 4.11 14.35
N MET A 70 -53.91 4.71 13.61
CA MET A 70 -52.57 4.15 13.51
C MET A 70 -51.91 4.03 14.85
N GLN A 71 -52.01 5.09 15.65
CA GLN A 71 -51.40 5.09 16.97
C GLN A 71 -52.01 4.06 17.90
N LYS A 72 -53.28 3.74 17.70
CA LYS A 72 -53.91 2.74 18.54
C LYS A 72 -53.50 1.33 18.09
N MET A 73 -53.35 1.11 16.79
CA MET A 73 -52.98 -0.20 16.27
C MET A 73 -51.49 -0.42 16.03
N ASN A 74 -50.70 0.65 16.06
CA ASN A 74 -49.24 0.54 15.84
C ASN A 74 -48.91 -0.58 14.85
N PRO A 75 -49.34 -0.44 13.59
CA PRO A 75 -49.12 -1.41 12.52
C PRO A 75 -47.66 -1.81 12.28
N TYR A 76 -47.44 -3.10 12.09
CA TYR A 76 -46.11 -3.58 11.79
C TYR A 76 -45.92 -3.23 10.32
N LYS A 77 -47.02 -3.28 9.57
CA LYS A 77 -46.99 -2.99 8.14
C LYS A 77 -48.18 -2.12 7.75
N ILE A 78 -47.98 -1.25 6.76
CA ILE A 78 -49.08 -0.40 6.29
C ILE A 78 -49.05 -0.43 4.77
N ASP A 79 -50.15 -0.81 4.14
CA ASP A 79 -50.20 -0.85 2.69
C ASP A 79 -51.30 0.05 2.11
N ILE A 80 -51.01 0.64 0.95
CA ILE A 80 -51.94 1.54 0.29
C ILE A 80 -52.59 0.88 -0.91
N GLY A 81 -53.90 1.06 -1.04
CA GLY A 81 -54.61 0.42 -2.12
C GLY A 81 -55.30 1.40 -3.03
N ALA A 82 -56.37 0.97 -3.69
CA ALA A 82 -57.08 1.85 -4.61
C ALA A 82 -58.11 2.74 -3.94
N VAL A 83 -58.66 3.63 -4.75
CA VAL A 83 -59.72 4.52 -4.33
C VAL A 83 -60.98 3.83 -4.86
N TYR A 84 -61.91 3.54 -3.95
CA TYR A 84 -63.14 2.81 -4.29
C TYR A 84 -64.41 3.61 -4.51
N SER A 85 -65.43 2.95 -5.03
CA SER A 85 -66.73 3.56 -5.27
C SER A 85 -67.43 3.92 -3.97
N HIS A 86 -67.03 3.28 -2.88
CA HIS A 86 -67.64 3.54 -1.58
C HIS A 86 -66.55 3.40 -0.54
N ARG A 87 -66.73 4.04 0.60
CA ARG A 87 -65.74 3.94 1.67
C ARG A 87 -65.44 2.47 1.89
N PRO A 88 -64.17 2.10 1.82
CA PRO A 88 -63.78 0.71 2.00
C PRO A 88 -64.37 -0.02 3.22
N ASN A 89 -64.30 0.60 4.38
CA ASN A 89 -64.80 -0.06 5.59
C ASN A 89 -66.31 -0.33 5.62
N GLN A 90 -67.04 0.26 4.67
CA GLN A 90 -68.49 0.06 4.60
C GLN A 90 -68.84 -0.88 3.45
N HIS A 91 -67.97 -1.84 3.18
CA HIS A 91 -68.19 -2.80 2.10
C HIS A 91 -69.23 -3.83 2.46
N ASN A 92 -69.64 -3.84 3.72
CA ASN A 92 -70.66 -4.77 4.18
C ASN A 92 -71.97 -4.06 3.91
N THR A 93 -71.85 -2.75 3.71
CA THR A 93 -72.99 -1.89 3.44
C THR A 93 -73.29 -1.79 1.96
N VAL A 94 -72.29 -2.06 1.13
CA VAL A 94 -72.49 -1.94 -0.30
C VAL A 94 -72.96 -3.22 -0.98
N LYS A 95 -73.88 -3.05 -1.93
CA LYS A 95 -74.45 -4.15 -2.70
C LYS A 95 -73.38 -5.08 -3.26
N LEU A 96 -73.80 -6.11 -3.99
CA LEU A 96 -72.83 -7.02 -4.56
C LEU A 96 -72.59 -6.64 -6.00
N GLY A 97 -71.35 -6.23 -6.30
CA GLY A 97 -71.02 -5.83 -7.65
C GLY A 97 -71.08 -4.34 -7.80
N ALA A 98 -71.31 -3.65 -6.69
CA ALA A 98 -71.39 -2.20 -6.69
C ALA A 98 -70.08 -1.62 -6.15
N PHE A 99 -69.43 -2.41 -5.30
CA PHE A 99 -68.18 -2.03 -4.67
C PHE A 99 -67.03 -2.32 -5.64
N GLN A 100 -66.32 -1.27 -6.05
CA GLN A 100 -65.25 -1.44 -7.03
C GLN A 100 -64.06 -0.50 -6.91
N ALA A 101 -62.91 -1.02 -7.36
CA ALA A 101 -61.66 -0.28 -7.40
C ALA A 101 -61.75 0.65 -8.60
N GLN A 102 -61.60 1.95 -8.37
CA GLN A 102 -61.76 2.88 -9.46
C GLN A 102 -60.50 3.60 -9.90
N GLU A 103 -59.73 4.09 -8.93
CA GLU A 103 -58.51 4.80 -9.23
C GLU A 103 -57.36 4.44 -8.30
N LYS A 104 -56.15 4.51 -8.85
CA LYS A 104 -54.95 4.20 -8.09
C LYS A 104 -53.72 4.50 -8.91
N GLU A 105 -52.74 5.07 -8.24
CA GLU A 105 -51.46 5.38 -8.87
C GLU A 105 -50.88 4.15 -9.58
N LEU A 106 -50.20 4.37 -10.71
CA LEU A 106 -49.50 3.27 -11.39
C LEU A 106 -48.28 2.99 -10.49
N VAL A 107 -48.02 1.73 -10.19
CA VAL A 107 -46.87 1.42 -9.34
C VAL A 107 -45.95 0.35 -9.94
N PHE A 108 -44.68 0.38 -9.52
CA PHE A 108 -43.72 -0.61 -9.97
C PHE A 108 -42.99 -1.08 -8.76
N ASP A 109 -42.49 -2.32 -8.78
CA ASP A 109 -41.72 -2.83 -7.64
C ASP A 109 -40.50 -3.58 -8.16
N ILE A 110 -39.29 -3.12 -7.83
CA ILE A 110 -38.11 -3.80 -8.30
C ILE A 110 -37.31 -4.47 -7.19
N ASP A 111 -37.21 -5.80 -7.28
CA ASP A 111 -36.58 -6.60 -6.24
C ASP A 111 -35.32 -7.32 -6.70
N MET A 112 -34.25 -7.16 -5.91
CA MET A 112 -32.98 -7.76 -6.23
C MET A 112 -33.05 -9.27 -6.45
N THR A 113 -33.95 -9.96 -5.75
CA THR A 113 -34.00 -11.41 -5.95
C THR A 113 -34.43 -11.76 -7.37
N ASP A 114 -34.95 -10.79 -8.10
CA ASP A 114 -35.34 -11.04 -9.47
C ASP A 114 -34.10 -11.03 -10.38
N TYR A 115 -32.92 -10.90 -9.77
CA TYR A 115 -31.64 -10.89 -10.50
C TYR A 115 -30.62 -11.90 -9.97
N ASP A 116 -31.04 -12.78 -9.06
CA ASP A 116 -30.11 -13.72 -8.47
C ASP A 116 -29.23 -14.52 -9.46
N ASP A 117 -29.68 -14.58 -10.70
CA ASP A 117 -28.96 -15.33 -11.72
C ASP A 117 -27.91 -14.47 -12.44
N VAL A 118 -27.85 -13.19 -12.10
CA VAL A 118 -26.94 -12.25 -12.73
C VAL A 118 -26.01 -11.53 -11.72
N ARG A 119 -25.98 -12.02 -10.48
CA ARG A 119 -25.14 -11.42 -9.45
C ARG A 119 -24.31 -12.47 -8.73
N ARG A 120 -23.04 -12.15 -8.47
CA ARG A 120 -22.09 -13.05 -7.82
C ARG A 120 -21.72 -12.55 -6.44
N CYS A 121 -22.15 -11.34 -6.12
CA CYS A 121 -21.83 -10.74 -4.83
C CYS A 121 -22.49 -11.40 -3.63
N CYS A 122 -23.77 -11.12 -3.41
CA CYS A 122 -24.48 -11.69 -2.26
C CYS A 122 -25.34 -12.90 -2.56
N SER A 123 -26.18 -13.20 -1.56
CA SER A 123 -27.17 -14.28 -1.54
C SER A 123 -28.51 -13.61 -1.81
N SER A 124 -29.50 -14.41 -2.19
CA SER A 124 -30.84 -13.90 -2.56
C SER A 124 -31.52 -12.73 -1.86
N ALA A 125 -31.80 -12.84 -0.56
CA ALA A 125 -32.51 -11.76 0.08
C ALA A 125 -31.63 -10.61 0.52
N ASP A 126 -30.33 -10.74 0.29
CA ASP A 126 -29.40 -9.69 0.68
C ASP A 126 -28.97 -8.77 -0.45
N ILE A 127 -28.27 -7.71 -0.08
CA ILE A 127 -27.77 -6.74 -1.04
C ILE A 127 -26.51 -6.11 -0.51
N CYS A 128 -25.63 -5.70 -1.40
CA CYS A 128 -24.42 -5.06 -0.93
C CYS A 128 -24.11 -3.92 -1.88
N PRO A 129 -23.04 -3.19 -1.64
CA PRO A 129 -22.77 -2.11 -2.56
C PRO A 129 -22.45 -2.60 -3.98
N LYS A 130 -22.05 -3.87 -4.11
CA LYS A 130 -21.70 -4.40 -5.42
C LYS A 130 -22.88 -4.70 -6.33
N CYS A 131 -24.06 -4.92 -5.74
CA CYS A 131 -25.24 -5.20 -6.57
C CYS A 131 -26.24 -4.07 -6.61
N TRP A 132 -26.12 -3.10 -5.71
CA TRP A 132 -27.07 -2.01 -5.68
C TRP A 132 -27.08 -1.16 -6.93
N THR A 133 -26.04 -1.25 -7.72
CA THR A 133 -25.95 -0.48 -8.95
C THR A 133 -27.15 -0.85 -9.84
N LEU A 134 -27.57 -2.12 -9.75
CA LEU A 134 -28.71 -2.60 -10.55
C LEU A 134 -29.95 -1.74 -10.22
N MET A 135 -30.19 -1.49 -8.95
CA MET A 135 -31.31 -0.63 -8.58
C MET A 135 -31.12 0.76 -9.18
N THR A 136 -29.86 1.16 -9.28
CA THR A 136 -29.55 2.47 -9.84
C THR A 136 -29.93 2.46 -11.30
N MET A 137 -29.49 1.43 -12.01
CA MET A 137 -29.83 1.33 -13.42
C MET A 137 -31.34 1.15 -13.62
N ALA A 138 -31.98 0.34 -12.77
CA ALA A 138 -33.43 0.13 -12.87
C ALA A 138 -34.16 1.48 -12.77
N ILE A 139 -33.87 2.24 -11.72
CA ILE A 139 -34.51 3.52 -11.55
C ILE A 139 -34.31 4.45 -12.74
N ARG A 140 -33.15 4.41 -13.38
CA ARG A 140 -32.88 5.32 -14.49
C ARG A 140 -33.50 4.88 -15.78
N ILE A 141 -33.48 3.58 -16.02
CA ILE A 141 -34.07 3.07 -17.23
C ILE A 141 -35.58 3.26 -17.18
N ILE A 142 -36.21 2.85 -16.08
CA ILE A 142 -37.64 2.98 -15.91
C ILE A 142 -38.10 4.43 -15.74
N ASP A 143 -37.40 5.22 -14.94
CA ASP A 143 -37.85 6.60 -14.76
C ASP A 143 -37.66 7.45 -16.00
N ARG A 144 -36.81 7.03 -16.92
CA ARG A 144 -36.64 7.84 -18.12
C ARG A 144 -37.83 7.62 -19.06
N ALA A 145 -38.22 6.35 -19.22
CA ALA A 145 -39.35 5.97 -20.05
C ALA A 145 -40.64 6.62 -19.53
N LEU A 146 -40.90 6.47 -18.24
CA LEU A 146 -42.09 7.06 -17.68
C LEU A 146 -42.16 8.56 -17.91
N LYS A 147 -41.01 9.20 -17.96
CA LYS A 147 -40.99 10.64 -18.13
C LYS A 147 -40.89 11.12 -19.55
N GLU A 148 -39.97 10.53 -20.30
CA GLU A 148 -39.78 10.94 -21.68
C GLU A 148 -40.70 10.28 -22.70
N ASP A 149 -41.07 9.03 -22.43
CA ASP A 149 -41.95 8.28 -23.32
C ASP A 149 -43.41 8.52 -23.04
N PHE A 150 -43.82 8.27 -21.80
CA PHE A 150 -45.22 8.41 -21.43
C PHE A 150 -45.65 9.79 -20.98
N GLY A 151 -44.69 10.68 -20.77
CA GLY A 151 -45.06 12.01 -20.34
C GLY A 151 -45.59 12.08 -18.92
N PHE A 152 -45.32 11.05 -18.11
CA PHE A 152 -45.74 11.09 -16.71
C PHE A 152 -44.76 12.05 -15.99
N LYS A 153 -45.31 13.06 -15.32
CA LYS A 153 -44.50 14.04 -14.62
C LYS A 153 -44.26 13.82 -13.14
N HIS A 154 -45.16 13.11 -12.47
CA HIS A 154 -45.03 12.89 -11.04
C HIS A 154 -44.70 11.47 -10.66
N ARG A 155 -43.43 11.23 -10.35
CA ARG A 155 -42.97 9.91 -10.02
C ARG A 155 -42.25 9.87 -8.69
N LEU A 156 -42.82 9.20 -7.70
CA LEU A 156 -42.21 9.09 -6.37
C LEU A 156 -41.48 7.77 -6.22
N TRP A 157 -40.15 7.77 -6.26
CA TRP A 157 -39.37 6.54 -6.09
C TRP A 157 -39.06 6.31 -4.60
N VAL A 158 -39.32 5.09 -4.12
CA VAL A 158 -39.15 4.80 -2.72
C VAL A 158 -38.36 3.54 -2.43
N TYR A 159 -37.53 3.60 -1.39
CA TYR A 159 -36.72 2.45 -0.98
C TYR A 159 -37.64 1.46 -0.24
N SER A 160 -37.55 0.20 -0.62
CA SER A 160 -38.38 -0.84 -0.04
C SER A 160 -38.04 -1.21 1.39
N GLY A 161 -36.89 -0.78 1.87
CA GLY A 161 -36.50 -1.11 3.23
C GLY A 161 -35.48 -2.23 3.35
N ARG A 162 -35.21 -2.96 2.27
CA ARG A 162 -34.22 -4.01 2.38
C ARG A 162 -33.41 -4.25 1.13
N ARG A 163 -34.06 -4.65 0.06
CA ARG A 163 -33.34 -4.95 -1.16
C ARG A 163 -34.05 -4.57 -2.45
N GLY A 164 -34.59 -3.37 -2.52
CA GLY A 164 -35.27 -2.97 -3.75
C GLY A 164 -35.94 -1.62 -3.63
N VAL A 165 -36.61 -1.22 -4.71
CA VAL A 165 -37.28 0.06 -4.73
C VAL A 165 -38.69 -0.06 -5.34
N HIS A 166 -39.54 0.93 -5.05
CA HIS A 166 -40.89 0.99 -5.60
C HIS A 166 -41.00 2.33 -6.28
N CYS A 167 -41.86 2.42 -7.28
CA CYS A 167 -42.12 3.68 -7.93
C CYS A 167 -43.64 3.93 -7.97
N TRP A 168 -44.07 5.11 -7.53
CA TRP A 168 -45.47 5.46 -7.53
C TRP A 168 -45.75 6.59 -8.53
N VAL A 169 -46.35 6.27 -9.67
CA VAL A 169 -46.65 7.31 -10.65
C VAL A 169 -47.99 7.89 -10.20
N CYS A 170 -48.03 9.20 -9.95
CA CYS A 170 -49.24 9.83 -9.45
C CYS A 170 -49.98 10.82 -10.32
N ASP A 171 -49.59 10.95 -11.59
CA ASP A 171 -50.29 11.86 -12.48
C ASP A 171 -51.81 11.61 -12.42
N GLU A 172 -52.56 12.68 -12.18
CA GLU A 172 -54.02 12.61 -12.09
C GLU A 172 -54.63 11.80 -13.23
N SER A 173 -53.99 11.86 -14.38
CA SER A 173 -54.44 11.13 -15.56
C SER A 173 -54.04 9.66 -15.48
N VAL A 174 -52.97 9.40 -14.75
CA VAL A 174 -52.43 8.05 -14.58
C VAL A 174 -53.24 7.27 -13.56
N ARG A 175 -53.72 7.97 -12.55
CA ARG A 175 -54.50 7.31 -11.52
C ARG A 175 -55.80 6.73 -12.12
N LYS A 176 -56.14 7.18 -13.32
CA LYS A 176 -57.33 6.72 -14.03
C LYS A 176 -57.05 5.69 -15.11
N LEU A 177 -55.84 5.15 -15.19
CA LEU A 177 -55.57 4.19 -16.25
C LEU A 177 -56.19 2.82 -16.05
N SER A 178 -56.65 2.24 -17.15
CA SER A 178 -57.25 0.93 -17.06
C SER A 178 -56.13 -0.09 -16.87
N SER A 179 -56.49 -1.23 -16.30
CA SER A 179 -55.54 -2.29 -16.09
C SER A 179 -54.89 -2.67 -17.42
N ALA A 180 -55.70 -2.69 -18.47
CA ALA A 180 -55.20 -3.07 -19.79
C ALA A 180 -54.05 -2.19 -20.22
N VAL A 181 -54.14 -0.91 -19.88
CA VAL A 181 -53.10 0.01 -20.25
C VAL A 181 -51.88 -0.20 -19.37
N ARG A 182 -52.11 -0.37 -18.08
CA ARG A 182 -51.01 -0.58 -17.16
C ARG A 182 -50.30 -1.83 -17.65
N SER A 183 -51.06 -2.90 -17.82
CA SER A 183 -50.46 -4.13 -18.28
C SER A 183 -49.62 -3.88 -19.52
N GLY A 184 -50.02 -2.88 -20.31
CA GLY A 184 -49.32 -2.56 -21.54
C GLY A 184 -48.05 -1.77 -21.31
N ILE A 185 -48.12 -0.84 -20.37
CA ILE A 185 -46.97 -0.04 -20.02
C ILE A 185 -45.88 -0.99 -19.56
N VAL A 186 -46.25 -1.97 -18.74
CA VAL A 186 -45.28 -2.93 -18.24
C VAL A 186 -44.64 -3.74 -19.35
N GLU A 187 -45.43 -4.17 -20.32
CA GLU A 187 -44.91 -4.96 -21.44
C GLU A 187 -43.96 -4.11 -22.31
N TYR A 188 -44.24 -2.82 -22.39
CA TYR A 188 -43.44 -1.93 -23.18
C TYR A 188 -42.05 -1.73 -22.59
N LEU A 189 -41.97 -1.82 -21.26
CA LEU A 189 -40.73 -1.66 -20.50
C LEU A 189 -40.02 -2.98 -20.27
N SER A 190 -40.73 -4.09 -20.47
CA SER A 190 -40.16 -5.40 -20.25
C SER A 190 -39.31 -5.87 -21.40
N LEU A 191 -38.22 -6.56 -21.07
CA LEU A 191 -37.32 -7.01 -22.10
C LEU A 191 -36.67 -8.35 -21.80
N VAL A 192 -36.48 -8.65 -20.52
CA VAL A 192 -35.87 -9.93 -20.17
C VAL A 192 -36.94 -10.99 -20.06
N LYS A 193 -36.97 -11.90 -21.04
CA LYS A 193 -37.94 -12.99 -21.09
C LYS A 193 -37.44 -14.14 -20.22
N GLY A 194 -37.59 -13.98 -18.91
CA GLY A 194 -37.15 -15.00 -17.97
C GLY A 194 -37.99 -16.27 -17.99
N GLY A 195 -37.76 -17.10 -19.02
CA GLY A 195 -38.51 -18.34 -19.16
C GLY A 195 -38.12 -19.40 -18.16
N GLN A 196 -38.79 -20.56 -18.28
CA GLN A 196 -38.55 -21.70 -17.39
C GLN A 196 -37.09 -22.15 -17.41
N ASP A 197 -36.21 -21.29 -16.90
CA ASP A 197 -34.80 -21.62 -16.87
C ASP A 197 -34.35 -21.86 -18.31
N VAL A 198 -34.08 -20.75 -19.00
CA VAL A 198 -33.60 -20.77 -20.37
C VAL A 198 -32.41 -19.84 -20.32
N LYS A 199 -31.24 -20.41 -20.58
CA LYS A 199 -30.00 -19.64 -20.53
C LYS A 199 -30.10 -18.26 -21.17
N LYS A 200 -30.28 -18.21 -22.49
CA LYS A 200 -30.37 -16.91 -23.15
C LYS A 200 -31.72 -16.25 -22.81
N LYS A 201 -31.73 -14.96 -22.52
CA LYS A 201 -32.98 -14.31 -22.16
C LYS A 201 -33.27 -12.97 -22.83
N VAL A 202 -32.42 -12.57 -23.76
CA VAL A 202 -32.66 -11.33 -24.45
C VAL A 202 -32.26 -11.56 -25.89
N HIS A 203 -33.09 -11.05 -26.80
CA HIS A 203 -32.87 -11.20 -28.22
C HIS A 203 -33.23 -9.91 -28.89
N LEU A 204 -32.29 -9.34 -29.61
CA LEU A 204 -32.57 -8.11 -30.30
C LEU A 204 -32.72 -8.50 -31.75
N SER A 205 -33.46 -7.69 -32.49
CA SER A 205 -33.65 -7.94 -33.90
C SER A 205 -32.82 -6.88 -34.58
N GLU A 206 -32.49 -7.06 -35.85
CA GLU A 206 -31.67 -6.07 -36.55
C GLU A 206 -32.10 -4.67 -36.12
N LYS A 207 -33.40 -4.37 -36.22
CA LYS A 207 -33.94 -3.07 -35.83
C LYS A 207 -33.92 -2.94 -34.31
N ILE A 208 -33.77 -1.72 -33.79
CA ILE A 208 -33.73 -1.51 -32.33
C ILE A 208 -34.67 -0.37 -31.90
N HIS A 209 -35.75 -0.70 -31.21
CA HIS A 209 -36.69 0.32 -30.78
C HIS A 209 -35.96 1.33 -29.89
N PRO A 210 -36.23 2.63 -30.08
CA PRO A 210 -35.57 3.66 -29.27
C PRO A 210 -35.55 3.48 -27.75
N PHE A 211 -36.60 2.88 -27.19
CA PHE A 211 -36.64 2.67 -25.75
C PHE A 211 -35.52 1.73 -25.40
N ILE A 212 -35.32 0.71 -26.22
CA ILE A 212 -34.25 -0.23 -25.96
C ILE A 212 -32.92 0.46 -26.09
N ARG A 213 -32.78 1.28 -27.13
CA ARG A 213 -31.53 1.98 -27.38
C ARG A 213 -31.16 2.85 -26.20
N LYS A 214 -32.03 3.81 -25.87
CA LYS A 214 -31.76 4.69 -24.74
C LYS A 214 -31.49 3.87 -23.48
N SER A 215 -32.06 2.68 -23.40
CA SER A 215 -31.82 1.87 -22.22
C SER A 215 -30.40 1.36 -22.29
N ILE A 216 -30.02 0.78 -23.43
CA ILE A 216 -28.67 0.28 -23.59
C ILE A 216 -27.68 1.37 -23.19
N ASN A 217 -27.92 2.60 -23.66
CA ASN A 217 -27.03 3.68 -23.33
C ASN A 217 -26.85 3.78 -21.82
N ILE A 218 -27.90 4.12 -21.09
CA ILE A 218 -27.76 4.24 -19.65
C ILE A 218 -26.91 3.10 -19.08
N ILE A 219 -27.19 1.88 -19.49
CA ILE A 219 -26.44 0.76 -18.96
C ILE A 219 -24.97 0.93 -19.25
N LYS A 220 -24.66 1.23 -20.51
CA LYS A 220 -23.28 1.44 -20.94
C LYS A 220 -22.49 2.28 -19.91
N LYS A 221 -23.12 3.32 -19.37
CA LYS A 221 -22.51 4.20 -18.40
C LYS A 221 -22.20 3.59 -17.03
N TYR A 222 -22.50 2.32 -16.81
CA TYR A 222 -22.16 1.69 -15.53
C TYR A 222 -21.67 0.27 -15.75
N PHE A 223 -21.79 -0.22 -16.96
CA PHE A 223 -21.41 -1.60 -17.18
C PHE A 223 -20.05 -2.05 -16.68
N GLU A 224 -19.01 -1.31 -17.06
CA GLU A 224 -17.63 -1.65 -16.69
C GLU A 224 -17.38 -1.76 -15.19
N GLU A 225 -17.67 -0.67 -14.49
CA GLU A 225 -17.46 -0.64 -13.06
C GLU A 225 -18.29 -1.71 -12.37
N TYR A 226 -19.58 -1.75 -12.68
CA TYR A 226 -20.48 -2.69 -12.05
C TYR A 226 -20.23 -4.13 -12.46
N ALA A 227 -20.32 -4.39 -13.75
CA ALA A 227 -20.16 -5.74 -14.26
C ALA A 227 -18.75 -6.29 -14.33
N LEU A 228 -17.83 -5.52 -14.89
CA LEU A 228 -16.46 -5.98 -15.05
C LEU A 228 -15.61 -5.86 -13.80
N VAL A 229 -15.77 -4.78 -13.05
CA VAL A 229 -14.98 -4.65 -11.84
C VAL A 229 -15.69 -5.27 -10.64
N ASN A 230 -16.83 -4.73 -10.23
CA ASN A 230 -17.57 -5.24 -9.08
C ASN A 230 -18.05 -6.69 -9.14
N GLN A 231 -18.83 -7.06 -10.15
CA GLN A 231 -19.33 -8.43 -10.28
C GLN A 231 -18.28 -9.37 -10.84
N ASP A 232 -17.36 -8.81 -11.62
CA ASP A 232 -16.27 -9.59 -12.20
C ASP A 232 -16.87 -10.80 -12.89
N ILE A 233 -17.84 -10.51 -13.76
CA ILE A 233 -18.55 -11.57 -14.48
C ILE A 233 -17.68 -12.49 -15.29
N LEU A 234 -16.51 -12.05 -15.69
CA LEU A 234 -15.62 -12.90 -16.48
C LEU A 234 -14.37 -13.37 -15.73
N GLU A 235 -14.48 -13.53 -14.41
CA GLU A 235 -13.38 -13.96 -13.56
C GLU A 235 -12.88 -15.39 -13.73
N ASN A 236 -13.79 -16.33 -13.99
CA ASN A 236 -13.42 -17.73 -14.11
C ASN A 236 -14.08 -18.38 -15.30
N LYS A 237 -13.85 -19.68 -15.42
CA LYS A 237 -14.47 -20.47 -16.46
C LYS A 237 -15.91 -20.63 -16.00
N GLU A 238 -16.09 -20.85 -14.70
CA GLU A 238 -17.42 -21.02 -14.15
C GLU A 238 -18.26 -19.76 -14.28
N SER A 239 -17.62 -18.66 -14.63
CA SER A 239 -18.33 -17.41 -14.77
C SER A 239 -18.49 -17.05 -16.22
N TRP A 240 -17.40 -17.07 -16.99
CA TRP A 240 -17.52 -16.71 -18.40
C TRP A 240 -18.26 -17.75 -19.21
N ASP A 241 -18.31 -19.00 -18.76
CA ASP A 241 -19.06 -20.00 -19.53
C ASP A 241 -20.51 -19.53 -19.57
N LYS A 242 -20.91 -18.97 -18.43
CA LYS A 242 -22.23 -18.42 -18.21
C LYS A 242 -22.49 -17.34 -19.27
N ILE A 243 -21.49 -16.54 -19.56
CA ILE A 243 -21.65 -15.51 -20.59
C ILE A 243 -21.46 -16.10 -21.98
N LEU A 244 -20.63 -17.12 -22.09
CA LEU A 244 -20.39 -17.75 -23.37
C LEU A 244 -21.69 -18.33 -23.86
N ALA A 245 -22.46 -18.84 -22.91
CA ALA A 245 -23.76 -19.45 -23.19
C ALA A 245 -24.69 -18.53 -24.00
N LEU A 246 -24.60 -17.23 -23.79
CA LEU A 246 -25.45 -16.29 -24.51
C LEU A 246 -24.88 -15.96 -25.87
N VAL A 247 -23.84 -16.68 -26.27
CA VAL A 247 -23.20 -16.42 -27.55
C VAL A 247 -23.16 -17.65 -28.45
N PRO A 248 -23.30 -17.45 -29.78
CA PRO A 248 -23.30 -18.57 -30.73
C PRO A 248 -22.10 -19.51 -30.53
N GLU A 249 -22.39 -20.78 -30.26
CA GLU A 249 -21.37 -21.81 -29.99
C GLU A 249 -20.17 -21.83 -30.94
N THR A 250 -20.35 -21.33 -32.14
CA THR A 250 -19.25 -21.31 -33.10
C THR A 250 -18.12 -20.38 -32.66
N ILE A 251 -18.36 -19.62 -31.60
CA ILE A 251 -17.37 -18.65 -31.10
C ILE A 251 -16.76 -19.03 -29.75
N HIS A 252 -17.30 -20.03 -29.10
CA HIS A 252 -16.82 -20.42 -27.79
C HIS A 252 -15.31 -20.64 -27.64
N ASP A 253 -14.80 -21.68 -28.29
CA ASP A 253 -13.38 -22.03 -28.22
C ASP A 253 -12.38 -20.89 -28.46
N GLU A 254 -12.67 -20.01 -29.41
CA GLU A 254 -11.77 -18.89 -29.69
C GLU A 254 -11.69 -18.07 -28.40
N LEU A 255 -12.81 -17.45 -28.01
CA LEU A 255 -12.90 -16.65 -26.79
C LEU A 255 -12.39 -17.43 -25.58
N GLN A 256 -12.72 -18.71 -25.52
CA GLN A 256 -12.28 -19.54 -24.42
C GLN A 256 -10.77 -19.39 -24.22
N GLN A 257 -10.05 -19.18 -25.31
CA GLN A 257 -8.61 -19.03 -25.25
C GLN A 257 -8.26 -17.62 -24.80
N SER A 258 -8.77 -16.63 -25.50
CA SER A 258 -8.52 -15.24 -25.15
C SER A 258 -8.75 -15.06 -23.66
N PHE A 259 -9.87 -15.60 -23.19
CA PHE A 259 -10.20 -15.51 -21.79
C PHE A 259 -9.07 -16.14 -21.00
N GLN A 260 -8.65 -17.32 -21.44
CA GLN A 260 -7.59 -18.05 -20.78
C GLN A 260 -6.27 -17.30 -20.74
N LYS A 261 -5.96 -16.55 -21.78
CA LYS A 261 -4.73 -15.78 -21.87
C LYS A 261 -4.88 -14.37 -21.31
N SER A 262 -6.02 -14.06 -20.68
CA SER A 262 -6.23 -12.73 -20.12
C SER A 262 -5.99 -12.71 -18.62
N HIS A 263 -5.96 -11.52 -18.04
CA HIS A 263 -5.73 -11.40 -16.60
C HIS A 263 -6.93 -10.86 -15.83
N ASN A 264 -7.82 -10.14 -16.52
CA ASN A 264 -8.97 -9.61 -15.83
C ASN A 264 -10.22 -9.52 -16.74
N SER A 265 -11.37 -9.23 -16.14
CA SER A 265 -12.64 -9.13 -16.88
C SER A 265 -12.69 -7.99 -17.86
N LEU A 266 -12.13 -6.83 -17.51
CA LEU A 266 -12.09 -5.69 -18.41
C LEU A 266 -11.36 -6.09 -19.70
N GLN A 267 -10.40 -6.99 -19.59
CA GLN A 267 -9.67 -7.46 -20.76
C GLN A 267 -10.57 -8.37 -21.54
N ARG A 268 -10.96 -9.48 -20.90
CA ARG A 268 -11.81 -10.46 -21.53
C ARG A 268 -13.03 -9.85 -22.20
N TRP A 269 -13.64 -8.86 -21.56
CA TRP A 269 -14.82 -8.24 -22.15
C TRP A 269 -14.47 -7.62 -23.47
N GLU A 270 -13.29 -7.02 -23.51
CA GLU A 270 -12.81 -6.35 -24.70
C GLU A 270 -12.55 -7.35 -25.81
N HIS A 271 -12.24 -8.59 -25.45
CA HIS A 271 -12.00 -9.64 -26.44
C HIS A 271 -13.36 -10.06 -26.96
N LEU A 272 -14.29 -10.24 -26.03
CA LEU A 272 -15.65 -10.63 -26.37
C LEU A 272 -16.17 -9.65 -27.39
N LYS A 273 -15.98 -8.36 -27.14
CA LYS A 273 -16.48 -7.40 -28.10
C LYS A 273 -15.83 -7.62 -29.44
N LYS A 274 -14.50 -7.69 -29.45
CA LYS A 274 -13.76 -7.86 -30.70
C LYS A 274 -14.24 -9.07 -31.50
N VAL A 275 -14.14 -10.25 -30.89
CA VAL A 275 -14.55 -11.48 -31.54
C VAL A 275 -15.98 -11.38 -32.04
N ALA A 276 -16.91 -11.12 -31.13
CA ALA A 276 -18.32 -11.00 -31.48
C ALA A 276 -18.53 -10.02 -32.63
N SER A 277 -17.75 -8.94 -32.66
CA SER A 277 -17.88 -7.97 -33.72
C SER A 277 -17.61 -8.61 -35.08
N ARG A 278 -16.57 -9.43 -35.18
CA ARG A 278 -16.25 -10.11 -36.44
C ARG A 278 -17.49 -10.91 -36.85
N TYR A 279 -17.88 -11.84 -35.98
CA TYR A 279 -19.05 -12.69 -36.21
C TYR A 279 -20.20 -11.87 -36.77
N GLN A 280 -20.69 -10.91 -35.97
CA GLN A 280 -21.77 -10.04 -36.37
C GLN A 280 -21.62 -9.57 -37.83
N ASN A 281 -20.39 -9.26 -38.23
CA ASN A 281 -20.14 -8.81 -39.59
C ASN A 281 -20.22 -9.98 -40.58
N TRP A 291 -25.10 -7.35 -32.42
CA TRP A 291 -25.96 -7.03 -31.28
C TRP A 291 -25.65 -7.92 -30.08
N LEU A 292 -24.94 -9.02 -30.33
CA LEU A 292 -24.56 -9.97 -29.29
C LEU A 292 -24.08 -9.30 -28.01
N GLU A 293 -23.40 -8.16 -28.15
CA GLU A 293 -22.88 -7.43 -27.00
C GLU A 293 -24.01 -6.89 -26.14
N TRP A 294 -24.75 -5.94 -26.69
CA TRP A 294 -25.91 -5.31 -26.05
C TRP A 294 -26.84 -6.29 -25.34
N GLU A 295 -27.08 -7.43 -25.98
CA GLU A 295 -27.94 -8.44 -25.38
C GLU A 295 -27.39 -8.90 -24.06
N ILE A 296 -26.07 -9.05 -23.98
CA ILE A 296 -25.49 -9.53 -22.74
C ILE A 296 -25.59 -8.45 -21.65
N MET A 297 -25.36 -7.21 -22.02
CA MET A 297 -25.43 -6.15 -21.04
C MET A 297 -26.84 -6.10 -20.48
N LEU A 298 -27.83 -6.13 -21.37
CA LEU A 298 -29.24 -6.11 -20.99
C LEU A 298 -29.60 -7.29 -20.08
N GLN A 299 -29.16 -8.47 -20.46
CA GLN A 299 -29.47 -9.66 -19.66
C GLN A 299 -28.83 -9.62 -18.29
N TYR A 300 -27.92 -8.68 -18.07
CA TYR A 300 -27.25 -8.59 -16.78
C TYR A 300 -27.62 -7.37 -16.01
N CYS A 301 -28.14 -6.38 -16.71
CA CYS A 301 -28.41 -5.13 -16.07
C CYS A 301 -29.80 -4.56 -16.22
N PHE A 302 -30.54 -5.02 -17.22
CA PHE A 302 -31.87 -4.47 -17.44
C PHE A 302 -32.86 -4.95 -16.39
N PRO A 303 -33.74 -4.04 -15.91
CA PRO A 303 -34.73 -4.37 -14.88
C PRO A 303 -35.70 -5.49 -15.21
N ARG A 304 -36.10 -6.21 -14.17
CA ARG A 304 -37.08 -7.27 -14.30
C ARG A 304 -38.30 -6.77 -13.52
N LEU A 305 -39.39 -6.53 -14.23
CA LEU A 305 -40.62 -6.03 -13.62
C LEU A 305 -41.66 -7.14 -13.48
N ASP A 306 -42.34 -7.18 -12.34
CA ASP A 306 -43.38 -8.18 -12.10
C ASP A 306 -44.71 -7.59 -12.57
N ILE A 307 -45.23 -8.08 -13.69
CA ILE A 307 -46.48 -7.56 -14.25
C ILE A 307 -47.63 -7.49 -13.26
N ASN A 308 -47.68 -8.45 -12.33
CA ASN A 308 -48.75 -8.45 -11.37
C ASN A 308 -48.85 -7.17 -10.55
N VAL A 309 -47.73 -6.71 -10.03
CA VAL A 309 -47.70 -5.50 -9.21
C VAL A 309 -48.31 -4.28 -9.88
N SER A 310 -48.17 -4.19 -11.19
CA SER A 310 -48.62 -3.01 -11.91
C SER A 310 -49.95 -3.15 -12.64
N LYS A 311 -50.31 -4.38 -12.96
CA LYS A 311 -51.54 -4.66 -13.69
C LYS A 311 -52.80 -4.37 -12.87
N GLY A 312 -52.88 -4.98 -11.71
CA GLY A 312 -54.03 -4.80 -10.84
C GLY A 312 -54.22 -3.41 -10.34
N ILE A 313 -55.42 -2.88 -10.46
CA ILE A 313 -55.72 -1.54 -10.01
C ILE A 313 -56.10 -1.55 -8.55
N ASN A 314 -56.23 -2.73 -7.98
CA ASN A 314 -56.59 -2.84 -6.57
C ASN A 314 -55.40 -3.30 -5.73
N HIS A 315 -54.27 -3.50 -6.39
CA HIS A 315 -53.04 -3.94 -5.73
C HIS A 315 -52.67 -3.11 -4.51
N LEU A 316 -52.46 -3.78 -3.37
CA LEU A 316 -52.07 -3.13 -2.13
C LEU A 316 -50.54 -3.15 -2.02
N LEU A 317 -49.90 -1.98 -2.04
CA LEU A 317 -48.46 -1.92 -1.98
C LEU A 317 -47.92 -1.23 -0.73
N LYS A 318 -46.72 -1.64 -0.33
CA LYS A 318 -46.00 -1.13 0.83
C LYS A 318 -46.04 0.37 0.81
N SER A 319 -46.49 0.95 1.90
CA SER A 319 -46.63 2.39 2.00
C SER A 319 -45.33 3.10 2.29
N PRO A 320 -45.13 4.28 1.67
CA PRO A 320 -43.89 5.00 1.94
C PRO A 320 -43.88 5.34 3.42
N PHE A 321 -42.69 5.45 4.00
CA PHE A 321 -42.55 5.75 5.41
C PHE A 321 -43.00 4.67 6.36
N SER A 322 -43.17 3.45 5.85
CA SER A 322 -43.51 2.34 6.73
C SER A 322 -42.17 1.78 7.24
N VAL A 323 -42.22 0.87 8.21
CA VAL A 323 -41.00 0.33 8.77
C VAL A 323 -40.82 -1.14 8.43
N HIS A 324 -39.60 -1.52 8.00
CA HIS A 324 -39.29 -2.90 7.63
C HIS A 324 -39.02 -3.74 8.87
N PRO A 325 -39.87 -4.74 9.13
CA PRO A 325 -39.77 -5.64 10.27
C PRO A 325 -38.40 -6.22 10.53
N LYS A 326 -37.71 -6.66 9.49
CA LYS A 326 -36.41 -7.22 9.73
C LYS A 326 -35.27 -6.20 9.72
N THR A 327 -35.05 -5.53 8.62
CA THR A 327 -33.96 -4.56 8.54
C THR A 327 -34.15 -3.35 9.41
N GLY A 328 -35.40 -3.07 9.74
CA GLY A 328 -35.68 -1.89 10.55
C GLY A 328 -35.60 -0.62 9.72
N ARG A 329 -35.00 -0.66 8.52
CA ARG A 329 -34.90 0.56 7.73
C ARG A 329 -36.27 1.21 7.45
N ILE A 330 -36.29 2.51 7.22
CA ILE A 330 -37.54 3.25 6.93
C ILE A 330 -37.70 3.28 5.42
N SER A 331 -38.94 3.19 4.94
CA SER A 331 -39.17 3.25 3.50
C SER A 331 -39.15 4.70 3.08
N VAL A 332 -37.97 5.18 2.73
CA VAL A 332 -37.80 6.58 2.38
C VAL A 332 -37.85 6.88 0.91
N PRO A 333 -38.26 8.10 0.58
CA PRO A 333 -38.34 8.54 -0.81
C PRO A 333 -36.91 8.72 -1.30
N ILE A 334 -36.63 8.30 -2.54
CA ILE A 334 -35.29 8.45 -3.15
C ILE A 334 -35.29 9.77 -3.92
N ASP A 335 -34.18 10.50 -3.86
CA ASP A 335 -34.06 11.76 -4.57
C ASP A 335 -33.49 11.52 -5.96
N LEU A 336 -34.28 11.73 -6.98
CA LEU A 336 -33.80 11.46 -8.33
C LEU A 336 -32.59 12.25 -8.76
N GLN A 337 -32.47 13.48 -8.30
CA GLN A 337 -31.33 14.28 -8.73
C GLN A 337 -30.00 13.79 -8.19
N LYS A 338 -30.04 12.76 -7.34
CA LYS A 338 -28.82 12.19 -6.80
C LYS A 338 -29.04 10.70 -6.55
N VAL A 339 -29.58 10.03 -7.55
CA VAL A 339 -29.85 8.61 -7.49
C VAL A 339 -28.62 7.81 -7.22
N ASP A 340 -27.58 8.04 -8.00
CA ASP A 340 -26.32 7.30 -7.82
C ASP A 340 -25.81 7.43 -6.40
N GLN A 341 -26.06 8.58 -5.79
CA GLN A 341 -25.61 8.78 -4.44
C GLN A 341 -26.42 8.03 -3.39
N PHE A 342 -27.64 7.60 -3.73
CA PHE A 342 -28.49 6.90 -2.76
C PHE A 342 -27.78 5.68 -2.19
N ASP A 343 -27.78 5.58 -0.86
CA ASP A 343 -27.12 4.49 -0.16
C ASP A 343 -28.11 3.76 0.75
N PRO A 344 -28.42 2.50 0.44
CA PRO A 344 -29.35 1.69 1.21
C PRO A 344 -28.87 1.51 2.64
N PHE A 345 -27.57 1.41 2.78
CA PHE A 345 -26.96 1.16 4.08
C PHE A 345 -26.87 2.33 5.04
N THR A 346 -27.12 3.54 4.55
CA THR A 346 -27.09 4.71 5.43
C THR A 346 -28.53 5.20 5.65
N VAL A 347 -29.49 4.34 5.33
CA VAL A 347 -30.89 4.70 5.48
C VAL A 347 -31.32 4.54 6.93
N PRO A 348 -31.77 5.64 7.56
CA PRO A 348 -32.21 5.62 8.95
C PRO A 348 -33.10 4.47 9.41
N THR A 349 -32.76 3.95 10.58
CA THR A 349 -33.48 2.86 11.22
C THR A 349 -34.54 3.45 12.13
N ILE A 350 -35.64 2.73 12.34
CA ILE A 350 -36.67 3.24 13.21
C ILE A 350 -36.03 3.40 14.59
N SER A 351 -35.11 2.50 14.88
CA SER A 351 -34.42 2.52 16.16
C SER A 351 -33.51 3.74 16.22
N PHE A 352 -32.70 3.88 15.18
CA PHE A 352 -31.76 4.97 15.09
C PHE A 352 -32.45 6.33 15.20
N ILE A 353 -33.57 6.52 14.49
CA ILE A 353 -34.24 7.81 14.55
C ILE A 353 -34.97 8.02 15.87
N CYS A 354 -35.42 6.94 16.49
CA CYS A 354 -36.10 7.09 17.78
C CYS A 354 -35.08 7.54 18.82
N ARG A 355 -33.85 7.02 18.70
CA ARG A 355 -32.79 7.39 19.62
C ARG A 355 -32.45 8.86 19.48
N GLU A 356 -32.33 9.34 18.25
CA GLU A 356 -32.02 10.75 18.03
C GLU A 356 -33.07 11.59 18.70
N LEU A 357 -34.32 11.22 18.49
CA LEU A 357 -35.44 11.93 19.10
C LEU A 357 -35.32 11.93 20.62
N ASP A 358 -34.91 10.79 21.15
CA ASP A 358 -34.78 10.63 22.60
C ASP A 358 -33.68 11.49 23.17
N ALA A 359 -32.57 11.56 22.46
CA ALA A 359 -31.44 12.34 22.90
C ALA A 359 -31.70 13.85 22.77
N ILE A 360 -32.98 14.22 22.73
CA ILE A 360 -33.37 15.63 22.58
C ILE A 360 -34.34 16.03 23.69
N HIS A 378 -46.60 21.55 21.60
CA HIS A 378 -46.46 20.37 20.76
C HIS A 378 -45.04 20.29 20.19
N ARG A 379 -44.85 19.44 19.18
CA ARG A 379 -43.53 19.33 18.58
C ARG A 379 -43.58 19.65 17.09
N THR A 380 -44.45 18.97 16.35
CA THR A 380 -44.65 19.17 14.90
C THR A 380 -43.45 19.33 13.97
N ARG A 381 -42.25 19.45 14.51
CA ARG A 381 -41.07 19.57 13.67
C ARG A 381 -40.02 18.62 14.21
N ASP A 382 -40.50 17.63 14.95
CA ASP A 382 -39.65 16.62 15.55
C ASP A 382 -38.90 15.84 14.52
N TYR A 383 -39.59 15.43 13.48
CA TYR A 383 -38.93 14.66 12.44
C TYR A 383 -37.74 15.42 11.85
N LYS A 384 -37.83 16.74 11.80
CA LYS A 384 -36.76 17.56 11.24
C LYS A 384 -35.46 17.52 12.04
N LYS A 385 -35.53 17.08 13.29
CA LYS A 385 -34.36 17.01 14.13
C LYS A 385 -33.80 15.60 14.08
N THR A 386 -34.39 14.79 13.21
CA THR A 386 -33.98 13.41 13.08
C THR A 386 -33.34 13.26 11.72
N SER A 387 -32.77 12.08 11.46
CA SER A 387 -32.17 11.79 10.18
C SER A 387 -33.20 11.58 9.07
N LEU A 388 -34.50 11.65 9.39
CA LEU A 388 -35.54 11.50 8.36
C LEU A 388 -35.62 12.78 7.56
N ALA A 389 -35.33 13.87 8.24
CA ALA A 389 -35.44 15.20 7.67
C ALA A 389 -35.21 15.34 6.17
N PRO A 390 -34.00 15.00 5.69
CA PRO A 390 -33.78 15.13 4.25
C PRO A 390 -34.79 14.38 3.41
N TYR A 391 -35.11 13.16 3.85
CA TYR A 391 -36.05 12.30 3.13
C TYR A 391 -37.43 12.87 3.06
N VAL A 392 -37.92 13.44 4.15
CA VAL A 392 -39.24 14.01 4.14
C VAL A 392 -39.22 15.26 3.29
N LYS A 393 -38.03 15.83 3.12
CA LYS A 393 -37.87 17.04 2.30
C LYS A 393 -38.16 16.66 0.86
N VAL A 394 -37.57 15.55 0.43
CA VAL A 394 -37.77 15.06 -0.92
C VAL A 394 -39.24 14.84 -1.18
N PHE A 395 -39.92 14.25 -0.20
CA PHE A 395 -41.34 13.97 -0.32
C PHE A 395 -42.13 15.26 -0.48
N GLU A 396 -41.65 16.32 0.16
CA GLU A 396 -42.31 17.62 0.08
C GLU A 396 -42.17 18.27 -1.28
N HIS A 397 -41.02 18.11 -1.90
CA HIS A 397 -40.86 18.70 -3.21
C HIS A 397 -41.81 17.95 -4.14
N PHE A 398 -41.81 16.64 -4.01
CA PHE A 398 -42.70 15.81 -4.81
C PHE A 398 -44.10 16.40 -4.67
N LEU A 399 -44.47 16.74 -3.45
CA LEU A 399 -45.77 17.31 -3.17
C LEU A 399 -45.94 18.71 -3.75
N GLU A 400 -44.90 19.53 -3.67
CA GLU A 400 -45.00 20.88 -4.23
C GLU A 400 -45.34 20.81 -5.72
N ASN A 401 -44.70 19.90 -6.45
CA ASN A 401 -44.99 19.77 -7.87
C ASN A 401 -46.42 19.31 -8.13
N LEU A 402 -46.94 18.44 -7.29
CA LEU A 402 -48.31 18.01 -7.48
C LEU A 402 -49.14 19.28 -7.44
N ASP A 403 -49.02 20.05 -6.36
CA ASP A 403 -49.75 21.29 -6.23
C ASP A 403 -49.66 22.13 -7.51
N LYS A 404 -48.46 22.28 -8.05
CA LYS A 404 -48.34 23.05 -9.27
C LYS A 404 -49.27 22.46 -10.33
N SER A 405 -48.87 21.36 -10.95
CA SER A 405 -49.68 20.70 -11.97
C SER A 405 -51.17 20.90 -11.73
N ARG A 406 -51.58 20.74 -10.48
CA ARG A 406 -52.98 20.90 -10.14
C ARG A 406 -53.39 22.34 -10.42
N LYS A 407 -52.74 23.26 -9.72
CA LYS A 407 -52.98 24.69 -9.87
C LYS A 407 -52.77 25.10 -11.33
N GLY A 408 -51.79 24.49 -11.98
CA GLY A 408 -51.54 24.82 -13.37
C GLY A 408 -52.76 24.45 -14.20
N GLU A 409 -53.01 23.16 -14.36
CA GLU A 409 -54.15 22.68 -15.14
C GLU A 409 -55.44 23.45 -14.88
N LEU A 410 -55.98 23.30 -13.68
CA LEU A 410 -57.23 23.98 -13.33
C LEU A 410 -57.27 25.48 -13.59
N LEU A 411 -56.57 26.24 -12.74
CA LEU A 411 -56.51 27.70 -12.84
C LEU A 411 -56.18 28.25 -14.23
N LYS A 412 -55.38 27.52 -15.00
CA LYS A 412 -55.03 28.00 -16.34
C LYS A 412 -55.79 27.31 -17.48
N LYS A 413 -56.27 26.10 -17.25
CA LYS A 413 -56.99 25.42 -18.32
C LYS A 413 -58.51 25.53 -18.19
N SER A 414 -59.02 25.79 -16.98
CA SER A 414 -60.46 25.95 -16.81
C SER A 414 -60.71 27.41 -17.24
N ASP A 415 -60.13 27.74 -18.39
CA ASP A 415 -60.20 29.06 -19.00
C ASP A 415 -60.21 28.87 -20.51
N PHE B 28 -69.06 0.38 -38.06
CA PHE B 28 -70.03 1.03 -37.14
C PHE B 28 -71.41 0.35 -37.21
N TYR B 29 -71.48 -0.87 -36.70
CA TYR B 29 -72.73 -1.62 -36.71
C TYR B 29 -73.31 -1.64 -35.31
N LEU B 30 -73.67 -0.46 -34.81
CA LEU B 30 -74.28 -0.33 -33.49
C LEU B 30 -75.71 0.16 -33.71
N GLN B 31 -76.53 0.13 -32.68
CA GLN B 31 -77.91 0.59 -32.79
C GLN B 31 -78.70 -0.37 -33.70
N PRO B 32 -79.29 -1.42 -33.10
CA PRO B 32 -80.07 -2.42 -33.82
C PRO B 32 -81.18 -1.78 -34.67
N PRO B 33 -81.42 -2.34 -35.86
CA PRO B 33 -82.46 -1.77 -36.71
C PRO B 33 -83.82 -1.87 -36.01
N SER B 34 -84.46 -0.73 -35.79
CA SER B 34 -85.75 -0.72 -35.12
C SER B 34 -86.90 -0.99 -36.10
N GLU B 35 -86.60 -0.96 -37.40
CA GLU B 35 -87.60 -1.21 -38.43
C GLU B 35 -88.20 -2.60 -38.28
N ASN B 36 -89.19 -2.90 -39.11
CA ASN B 36 -89.85 -4.21 -39.10
C ASN B 36 -89.79 -4.74 -40.52
N ILE B 37 -89.66 -6.04 -40.67
CA ILE B 37 -89.59 -6.64 -42.01
C ILE B 37 -90.33 -7.97 -42.04
N SER B 38 -90.81 -8.36 -43.22
CA SER B 38 -91.54 -9.62 -43.36
C SER B 38 -90.64 -10.78 -42.93
N LEU B 39 -91.26 -11.89 -42.54
CA LEU B 39 -90.49 -13.06 -42.13
C LEU B 39 -89.68 -13.46 -43.36
N ILE B 40 -90.11 -12.99 -44.53
CA ILE B 40 -89.41 -13.29 -45.76
C ILE B 40 -88.15 -12.44 -45.86
N GLU B 41 -88.26 -11.16 -45.53
CA GLU B 41 -87.12 -10.25 -45.55
C GLU B 41 -86.05 -10.92 -44.70
N PHE B 42 -86.40 -11.15 -43.44
CA PHE B 42 -85.52 -11.79 -42.48
C PHE B 42 -84.96 -13.07 -43.07
N GLU B 43 -85.84 -14.04 -43.27
CA GLU B 43 -85.44 -15.33 -43.82
C GLU B 43 -84.46 -15.18 -44.99
N ASN B 44 -84.76 -14.27 -45.91
CA ASN B 44 -83.90 -14.06 -47.07
C ASN B 44 -82.56 -13.47 -46.69
N LEU B 45 -82.58 -12.23 -46.20
CA LEU B 45 -81.37 -11.56 -45.79
C LEU B 45 -80.36 -12.53 -45.16
N ALA B 46 -80.76 -13.19 -44.08
CA ALA B 46 -79.88 -14.14 -43.41
C ALA B 46 -79.11 -14.96 -44.43
N ILE B 47 -79.83 -15.67 -45.28
CA ILE B 47 -79.19 -16.51 -46.29
C ILE B 47 -78.26 -15.69 -47.20
N ASP B 48 -78.66 -14.48 -47.56
CA ASP B 48 -77.83 -13.63 -48.41
C ASP B 48 -76.49 -13.32 -47.75
N ARG B 49 -76.52 -13.05 -46.44
CA ARG B 49 -75.30 -12.76 -45.69
C ARG B 49 -74.53 -14.03 -45.53
N VAL B 50 -75.18 -15.07 -45.02
CA VAL B 50 -74.53 -16.35 -44.83
C VAL B 50 -73.74 -16.68 -46.09
N LYS B 51 -74.13 -16.03 -47.19
CA LYS B 51 -73.47 -16.22 -48.47
C LYS B 51 -72.28 -15.28 -48.59
N LEU B 52 -72.52 -13.99 -48.37
CA LEU B 52 -71.46 -12.99 -48.46
C LEU B 52 -70.26 -13.40 -47.62
N LEU B 53 -70.50 -13.72 -46.34
CA LEU B 53 -69.42 -14.13 -45.47
C LEU B 53 -68.88 -15.46 -45.96
N LYS B 54 -69.75 -16.26 -46.55
CA LYS B 54 -69.35 -17.55 -47.08
C LYS B 54 -68.41 -17.25 -48.24
N SER B 55 -68.65 -16.12 -48.89
CA SER B 55 -67.85 -15.69 -50.03
C SER B 55 -66.51 -15.13 -49.50
N VAL B 56 -66.53 -14.54 -48.30
CA VAL B 56 -65.31 -14.01 -47.69
C VAL B 56 -64.48 -15.24 -47.33
N GLU B 57 -65.16 -16.39 -47.29
CA GLU B 57 -64.53 -17.66 -47.00
C GLU B 57 -63.87 -18.15 -48.30
N ASN B 58 -64.54 -17.90 -49.44
CA ASN B 58 -64.02 -18.29 -50.77
C ASN B 58 -62.85 -17.39 -51.17
N LEU B 59 -63.15 -16.10 -51.36
CA LEU B 59 -62.15 -15.11 -51.73
C LEU B 59 -61.03 -15.10 -50.68
N GLY B 60 -61.17 -15.93 -49.66
CA GLY B 60 -60.17 -16.00 -48.62
C GLY B 60 -59.04 -16.99 -48.84
N VAL B 61 -59.38 -18.24 -49.15
CA VAL B 61 -58.36 -19.27 -49.37
C VAL B 61 -58.03 -19.55 -50.84
N SER B 62 -58.82 -18.98 -51.75
CA SER B 62 -58.60 -19.18 -53.19
C SER B 62 -57.66 -18.11 -53.75
N TYR B 63 -57.71 -16.91 -53.15
CA TYR B 63 -56.86 -15.79 -53.55
C TYR B 63 -56.01 -15.43 -52.35
N VAL B 64 -55.64 -14.15 -52.33
CA VAL B 64 -54.86 -13.50 -51.28
C VAL B 64 -55.38 -12.08 -51.45
N LYS B 65 -54.93 -11.14 -50.62
CA LYS B 65 -55.39 -9.76 -50.79
C LYS B 65 -54.79 -9.24 -52.10
N GLY B 66 -54.88 -10.09 -53.13
CA GLY B 66 -54.36 -9.77 -54.45
C GLY B 66 -55.13 -8.69 -55.19
N THR B 67 -55.01 -7.46 -54.69
CA THR B 67 -55.67 -6.29 -55.26
C THR B 67 -57.09 -6.52 -55.79
N GLU B 68 -57.41 -5.86 -56.90
CA GLU B 68 -58.72 -5.95 -57.53
C GLU B 68 -59.29 -7.35 -57.70
N GLN B 69 -58.45 -8.34 -57.99
CA GLN B 69 -58.96 -9.71 -58.15
C GLN B 69 -59.76 -10.03 -56.89
N TYR B 70 -59.07 -10.14 -55.77
CA TYR B 70 -59.72 -10.40 -54.51
C TYR B 70 -60.72 -9.26 -54.25
N GLN B 71 -60.34 -8.05 -54.64
CA GLN B 71 -61.19 -6.87 -54.46
C GLN B 71 -62.48 -6.88 -55.27
N SER B 72 -62.40 -6.43 -56.52
CA SER B 72 -63.57 -6.37 -57.41
C SER B 72 -64.49 -7.59 -57.30
N LYS B 73 -63.90 -8.78 -57.20
CA LYS B 73 -64.68 -10.00 -57.07
C LYS B 73 -65.57 -9.88 -55.83
N LEU B 74 -64.97 -9.38 -54.76
CA LEU B 74 -65.67 -9.17 -53.50
C LEU B 74 -66.70 -8.05 -53.66
N GLU B 75 -66.36 -7.03 -54.45
CA GLU B 75 -67.27 -5.91 -54.65
C GLU B 75 -68.32 -6.15 -55.72
N SER B 76 -68.30 -7.35 -56.30
CA SER B 76 -69.31 -7.69 -57.30
C SER B 76 -70.37 -8.45 -56.51
N GLU B 77 -69.90 -9.15 -55.47
CA GLU B 77 -70.78 -9.90 -54.58
C GLU B 77 -71.52 -8.83 -53.79
N LEU B 78 -70.73 -7.93 -53.20
CA LEU B 78 -71.22 -6.83 -52.39
C LEU B 78 -72.55 -6.27 -52.86
N ARG B 79 -72.50 -5.52 -53.97
CA ARG B 79 -73.68 -4.90 -54.55
C ARG B 79 -74.72 -5.90 -55.05
N LYS B 80 -74.26 -6.92 -55.76
CA LYS B 80 -75.13 -7.97 -56.28
C LYS B 80 -75.98 -8.56 -55.15
N LEU B 81 -75.32 -9.17 -54.17
CA LEU B 81 -76.00 -9.78 -53.04
C LEU B 81 -76.89 -8.82 -52.27
N LYS B 82 -76.89 -7.55 -52.68
CA LYS B 82 -77.72 -6.49 -52.07
C LYS B 82 -76.89 -5.35 -51.48
N PHE B 83 -76.31 -5.62 -50.32
CA PHE B 83 -75.50 -4.67 -49.56
C PHE B 83 -74.22 -4.24 -50.29
N PRO B 95 -79.15 -0.85 -49.68
CA PRO B 95 -77.97 -1.71 -49.48
C PRO B 95 -77.29 -1.45 -48.13
N ARG B 96 -77.29 -0.18 -47.72
CA ARG B 96 -76.70 0.19 -46.43
C ARG B 96 -77.65 -0.33 -45.38
N ARG B 97 -78.91 0.15 -45.42
CA ARG B 97 -79.93 -0.28 -44.48
C ARG B 97 -80.09 -1.79 -44.57
N ARG B 98 -79.73 -2.34 -45.73
CA ARG B 98 -79.80 -3.78 -45.96
C ARG B 98 -78.66 -4.49 -45.24
N ASP B 99 -77.43 -3.97 -45.40
CA ASP B 99 -76.28 -4.55 -44.74
C ASP B 99 -76.51 -4.52 -43.23
N HIS B 100 -77.04 -3.39 -42.76
CA HIS B 100 -77.36 -3.16 -41.36
C HIS B 100 -78.15 -4.35 -40.80
N ILE B 101 -79.42 -4.42 -41.19
CA ILE B 101 -80.33 -5.49 -40.76
C ILE B 101 -79.69 -6.87 -40.92
N SER B 102 -79.16 -7.13 -42.11
CA SER B 102 -78.51 -8.39 -42.41
C SER B 102 -77.56 -8.78 -41.28
N HIS B 103 -76.67 -7.86 -40.95
CA HIS B 103 -75.67 -8.10 -39.91
C HIS B 103 -76.30 -8.55 -38.60
N PHE B 104 -77.15 -7.71 -38.03
CA PHE B 104 -77.81 -8.00 -36.77
C PHE B 104 -78.53 -9.36 -36.79
N ILE B 105 -79.36 -9.59 -37.79
CA ILE B 105 -80.07 -10.87 -37.89
C ILE B 105 -79.09 -12.04 -37.80
N LEU B 106 -77.91 -11.91 -38.39
CA LEU B 106 -76.94 -13.00 -38.32
C LEU B 106 -76.32 -13.14 -36.96
N ARG B 107 -76.45 -12.10 -36.14
CA ARG B 107 -75.91 -12.17 -34.80
C ARG B 107 -76.68 -13.23 -34.06
N LEU B 108 -78.01 -13.15 -34.14
CA LEU B 108 -78.85 -14.15 -33.49
C LEU B 108 -78.29 -15.53 -33.84
N ALA B 109 -77.83 -15.66 -35.08
CA ALA B 109 -77.28 -16.92 -35.55
C ALA B 109 -75.96 -17.36 -34.91
N TYR B 110 -74.89 -16.62 -35.15
CA TYR B 110 -73.60 -17.03 -34.61
C TYR B 110 -73.21 -16.64 -33.19
N CYS B 111 -74.17 -16.17 -32.40
CA CYS B 111 -73.86 -15.77 -31.03
C CYS B 111 -73.88 -16.95 -30.09
N GLN B 112 -73.98 -18.16 -30.63
CA GLN B 112 -74.02 -19.36 -29.79
C GLN B 112 -72.67 -20.09 -29.72
N SER B 113 -72.24 -20.72 -30.81
CA SER B 113 -70.95 -21.44 -30.84
C SER B 113 -69.79 -20.46 -30.98
N GLU B 114 -68.76 -20.63 -30.15
CA GLU B 114 -67.61 -19.73 -30.21
C GLU B 114 -66.97 -19.80 -31.58
N GLU B 115 -66.99 -20.98 -32.16
CA GLU B 115 -66.45 -21.18 -33.50
C GLU B 115 -67.17 -20.20 -34.42
N LEU B 116 -68.46 -20.01 -34.16
CA LEU B 116 -69.30 -19.10 -34.96
C LEU B 116 -68.87 -17.66 -34.69
N ARG B 117 -68.87 -17.28 -33.42
CA ARG B 117 -68.50 -15.94 -32.99
C ARG B 117 -67.12 -15.54 -33.51
N ARG B 118 -66.21 -16.51 -33.59
CA ARG B 118 -64.88 -16.25 -34.10
C ARG B 118 -64.99 -16.20 -35.61
N TRP B 119 -65.79 -17.11 -36.16
CA TRP B 119 -65.99 -17.19 -37.60
C TRP B 119 -66.72 -15.94 -38.10
N PHE B 120 -67.78 -15.57 -37.40
CA PHE B 120 -68.58 -14.42 -37.76
C PHE B 120 -67.77 -13.13 -37.66
N ILE B 121 -67.11 -12.92 -36.52
CA ILE B 121 -66.30 -11.73 -36.33
C ILE B 121 -65.18 -11.69 -37.37
N GLN B 122 -64.73 -12.87 -37.77
CA GLN B 122 -63.68 -13.01 -38.76
C GLN B 122 -64.04 -12.32 -40.08
N GLN B 123 -64.85 -13.00 -40.89
CA GLN B 123 -65.25 -12.47 -42.19
C GLN B 123 -65.84 -11.07 -42.10
N GLU B 124 -66.54 -10.82 -40.99
CA GLU B 124 -67.17 -9.53 -40.79
C GLU B 124 -66.11 -8.41 -40.78
N MET B 125 -64.90 -8.76 -40.37
CA MET B 125 -63.79 -7.82 -40.32
C MET B 125 -63.21 -7.57 -41.71
N ASP B 126 -62.75 -8.65 -42.36
CA ASP B 126 -62.17 -8.56 -43.69
C ASP B 126 -63.05 -7.70 -44.58
N LEU B 127 -64.36 -7.73 -44.29
CA LEU B 127 -65.34 -6.96 -45.04
C LEU B 127 -65.24 -5.48 -44.67
N LEU B 128 -65.05 -5.20 -43.39
CA LEU B 128 -64.95 -3.83 -42.94
C LEU B 128 -63.67 -3.17 -43.44
N ARG B 129 -62.61 -3.96 -43.60
CA ARG B 129 -61.35 -3.43 -44.11
C ARG B 129 -61.59 -3.04 -45.55
N PHE B 130 -62.13 -4.00 -46.30
CA PHE B 130 -62.44 -3.79 -47.69
C PHE B 130 -63.18 -2.48 -47.85
N ARG B 131 -64.21 -2.27 -47.03
CA ARG B 131 -65.01 -1.06 -47.10
C ARG B 131 -64.15 0.20 -46.91
N PHE B 132 -63.03 0.07 -46.21
CA PHE B 132 -62.14 1.20 -45.99
C PHE B 132 -61.29 1.38 -47.25
N SER B 133 -60.52 0.34 -47.57
CA SER B 133 -59.63 0.33 -48.72
C SER B 133 -60.13 1.28 -49.80
N ILE B 134 -61.24 0.89 -50.40
CA ILE B 134 -61.86 1.68 -51.45
C ILE B 134 -61.98 3.15 -51.07
N LEU B 135 -62.72 3.45 -50.03
CA LEU B 135 -62.91 4.83 -49.57
C LEU B 135 -61.76 5.77 -49.92
N PRO B 136 -62.08 6.97 -50.42
CA PRO B 136 -61.08 7.98 -50.80
C PRO B 136 -60.58 8.78 -49.59
N LYS B 137 -59.38 9.34 -49.74
CA LYS B 137 -58.73 10.13 -48.69
C LYS B 137 -59.66 11.18 -48.06
N ASP B 138 -60.51 11.75 -48.89
CA ASP B 138 -61.43 12.80 -48.46
C ASP B 138 -62.45 12.31 -47.45
N LYS B 139 -63.19 11.27 -47.81
CA LYS B 139 -64.21 10.74 -46.93
C LYS B 139 -63.60 9.98 -45.74
N ILE B 140 -62.44 9.35 -45.97
CA ILE B 140 -61.77 8.62 -44.89
C ILE B 140 -61.57 9.58 -43.73
N GLN B 141 -60.91 10.71 -44.01
CA GLN B 141 -60.64 11.72 -42.99
C GLN B 141 -61.86 12.09 -42.17
N ASP B 142 -63.04 12.03 -42.77
CA ASP B 142 -64.26 12.36 -42.07
C ASP B 142 -64.55 11.38 -40.96
N PHE B 143 -64.63 10.09 -41.31
CA PHE B 143 -64.93 9.07 -40.32
C PHE B 143 -63.92 9.07 -39.16
N LEU B 144 -62.69 9.49 -39.42
CA LEU B 144 -61.65 9.58 -38.40
C LEU B 144 -62.07 10.67 -37.40
N LYS B 145 -62.23 11.89 -37.94
CA LYS B 145 -62.63 13.05 -37.16
C LYS B 145 -63.99 12.78 -36.55
N ASP B 146 -64.98 12.64 -37.42
CA ASP B 146 -66.36 12.37 -37.00
C ASP B 146 -66.36 11.30 -35.90
N SER B 147 -65.27 10.56 -35.80
CA SER B 147 -65.11 9.56 -34.75
C SER B 147 -64.77 10.35 -33.49
N GLN B 148 -64.13 9.73 -32.52
CA GLN B 148 -63.79 10.43 -31.30
C GLN B 148 -62.28 10.54 -31.14
N LEU B 149 -61.58 9.54 -31.64
CA LEU B 149 -60.12 9.50 -31.57
C LEU B 149 -59.56 10.89 -31.80
N GLN B 150 -58.72 11.34 -30.88
CA GLN B 150 -58.11 12.65 -30.98
C GLN B 150 -56.69 12.54 -31.52
N PHE B 151 -56.53 12.84 -32.79
CA PHE B 151 -55.23 12.76 -33.42
C PHE B 151 -54.91 14.04 -34.18
N GLU B 152 -53.69 14.10 -34.69
CA GLU B 152 -53.22 15.23 -35.47
C GLU B 152 -52.25 14.70 -36.50
N ALA B 153 -52.03 15.48 -37.56
CA ALA B 153 -51.08 15.10 -38.58
C ALA B 153 -49.85 15.97 -38.32
N ILE B 154 -48.67 15.40 -38.46
CA ILE B 154 -47.46 16.16 -38.21
C ILE B 154 -46.89 16.71 -39.50
N SER B 155 -46.32 17.92 -39.42
CA SER B 155 -45.70 18.57 -40.57
C SER B 155 -44.34 17.92 -40.83
N ASP B 156 -43.84 18.03 -42.06
CA ASP B 156 -42.54 17.45 -42.39
C ASP B 156 -41.54 17.92 -41.33
N GLU B 157 -41.90 19.03 -40.67
CA GLU B 157 -41.10 19.62 -39.62
C GLU B 157 -40.70 18.52 -38.65
N GLU B 158 -41.66 18.11 -37.83
CA GLU B 158 -41.43 17.06 -36.87
C GLU B 158 -41.21 15.73 -37.58
N LYS B 159 -41.78 15.57 -38.77
CA LYS B 159 -41.62 14.31 -39.48
C LYS B 159 -40.18 13.87 -39.68
N THR B 160 -39.37 14.69 -40.33
CA THR B 160 -37.98 14.30 -40.54
C THR B 160 -37.22 14.22 -39.22
N LEU B 161 -37.50 15.16 -38.30
CA LEU B 161 -36.84 15.17 -37.00
C LEU B 161 -37.03 13.84 -36.28
N ARG B 162 -38.24 13.29 -36.38
CA ARG B 162 -38.56 12.02 -35.74
C ARG B 162 -38.54 10.84 -36.70
N GLU B 163 -38.37 11.13 -37.98
CA GLU B 163 -38.32 10.07 -38.98
C GLU B 163 -37.43 8.95 -38.46
N GLN B 164 -36.26 9.35 -37.97
CA GLN B 164 -35.26 8.45 -37.43
C GLN B 164 -35.86 7.47 -36.42
N GLU B 165 -36.45 8.02 -35.37
CA GLU B 165 -37.07 7.23 -34.30
C GLU B 165 -38.17 6.35 -34.88
N ILE B 166 -39.16 7.01 -35.47
CA ILE B 166 -40.29 6.34 -36.08
C ILE B 166 -39.87 5.13 -36.89
N VAL B 167 -38.93 5.32 -37.80
CA VAL B 167 -38.47 4.21 -38.62
C VAL B 167 -37.95 3.05 -37.80
N ALA B 168 -37.42 3.34 -36.62
CA ALA B 168 -36.85 2.31 -35.76
C ALA B 168 -37.90 1.62 -34.89
N SER B 169 -38.98 2.33 -34.60
CA SER B 169 -40.06 1.80 -33.78
C SER B 169 -40.88 0.76 -34.55
N SER B 170 -41.13 1.06 -35.82
CA SER B 170 -41.91 0.21 -36.72
C SER B 170 -41.64 -1.28 -36.68
N PRO B 171 -42.44 -2.07 -37.42
CA PRO B 171 -42.26 -3.52 -37.44
C PRO B 171 -40.93 -3.84 -38.15
N SER B 172 -40.86 -5.01 -38.78
CA SER B 172 -39.67 -5.39 -39.52
C SER B 172 -39.66 -4.53 -40.78
N LEU B 173 -40.68 -3.67 -40.88
CA LEU B 173 -40.89 -2.72 -41.98
C LEU B 173 -39.58 -2.34 -42.65
N SER B 174 -39.16 -3.18 -43.60
CA SER B 174 -37.90 -2.97 -44.32
C SER B 174 -37.81 -1.55 -44.87
N GLY B 175 -36.59 -1.09 -45.13
CA GLY B 175 -36.40 0.26 -45.62
C GLY B 175 -36.04 1.20 -44.50
N LEU B 176 -35.56 2.39 -44.87
CA LEU B 176 -35.18 3.40 -43.88
C LEU B 176 -35.83 4.73 -44.29
N LYS B 177 -36.87 4.64 -45.13
CA LYS B 177 -37.59 5.81 -45.61
C LYS B 177 -38.94 5.94 -44.95
N LEU B 178 -39.24 7.11 -44.39
CA LEU B 178 -40.54 7.32 -43.78
C LEU B 178 -41.49 7.73 -44.91
N GLY B 179 -41.30 7.09 -46.07
CA GLY B 179 -42.11 7.34 -47.24
C GLY B 179 -42.77 8.71 -47.32
N PHE B 180 -43.97 8.73 -47.86
CA PHE B 180 -44.72 9.98 -47.98
C PHE B 180 -45.99 9.87 -47.15
N GLU B 181 -46.34 8.64 -46.75
CA GLU B 181 -47.53 8.42 -45.94
C GLU B 181 -47.41 9.22 -44.66
N SER B 182 -48.26 10.23 -44.53
CA SER B 182 -48.24 11.08 -43.35
C SER B 182 -48.39 10.28 -42.06
N ILE B 183 -47.97 10.90 -40.96
CA ILE B 183 -48.03 10.27 -39.64
C ILE B 183 -48.80 11.12 -38.64
N TYR B 184 -49.48 10.46 -37.71
CA TYR B 184 -50.29 11.18 -36.72
C TYR B 184 -49.83 11.03 -35.27
N LYS B 185 -50.25 12.02 -34.48
CA LYS B 185 -49.92 12.12 -33.06
C LYS B 185 -51.18 11.85 -32.22
N ILE B 186 -51.26 10.66 -31.64
CA ILE B 186 -52.41 10.29 -30.81
C ILE B 186 -52.00 9.84 -29.42
N PRO B 187 -52.88 10.09 -28.42
CA PRO B 187 -52.63 9.71 -27.03
C PRO B 187 -52.13 8.28 -26.95
N PHE B 188 -51.03 8.09 -26.24
CA PHE B 188 -50.39 6.79 -26.11
C PHE B 188 -51.32 5.68 -25.69
N ALA B 189 -52.32 6.01 -24.87
CA ALA B 189 -53.23 4.98 -24.43
C ALA B 189 -53.99 4.44 -25.62
N ASP B 190 -54.51 5.34 -26.45
CA ASP B 190 -55.27 4.90 -27.60
C ASP B 190 -54.50 3.96 -28.50
N ALA B 191 -53.19 3.90 -28.36
CA ALA B 191 -52.40 3.00 -29.21
C ALA B 191 -52.00 1.72 -28.51
N LEU B 192 -52.65 1.44 -27.40
CA LEU B 192 -52.35 0.26 -26.59
C LEU B 192 -51.84 -0.95 -27.34
N ASP B 193 -52.56 -1.41 -28.32
CA ASP B 193 -52.12 -2.62 -28.99
C ASP B 193 -50.83 -2.46 -29.78
N LEU B 194 -50.45 -1.22 -30.02
CA LEU B 194 -49.23 -0.95 -30.77
C LEU B 194 -48.00 -0.83 -29.85
N PHE B 195 -48.07 0.06 -28.86
CA PHE B 195 -46.96 0.28 -27.96
C PHE B 195 -46.58 -0.83 -26.99
N ARG B 196 -47.53 -1.67 -26.61
CA ARG B 196 -47.24 -2.74 -25.67
C ARG B 196 -46.31 -3.76 -26.29
N GLY B 197 -46.11 -3.66 -27.59
CA GLY B 197 -45.23 -4.58 -28.29
C GLY B 197 -44.14 -3.77 -28.95
N ARG B 198 -44.00 -2.52 -28.53
CA ARG B 198 -43.01 -1.62 -29.06
C ARG B 198 -43.05 -1.64 -30.57
N LYS B 199 -44.26 -1.44 -31.10
CA LYS B 199 -44.44 -1.38 -32.55
C LYS B 199 -44.75 0.05 -32.92
N VAL B 200 -44.33 0.99 -32.06
CA VAL B 200 -44.53 2.43 -32.30
C VAL B 200 -43.73 3.34 -31.35
N TYR B 201 -43.56 4.56 -31.79
CA TYR B 201 -42.79 5.51 -31.03
C TYR B 201 -43.62 6.40 -30.13
N LEU B 202 -43.26 6.33 -28.85
CA LEU B 202 -43.89 7.12 -27.82
C LEU B 202 -42.93 8.24 -27.50
N GLU B 203 -43.47 9.43 -27.28
CA GLU B 203 -42.65 10.56 -26.93
C GLU B 203 -43.56 11.55 -26.24
N ASP B 204 -43.41 11.69 -24.93
CA ASP B 204 -44.20 12.63 -24.18
C ASP B 204 -45.65 12.20 -24.03
N GLY B 205 -45.89 10.89 -24.01
CA GLY B 205 -47.23 10.37 -23.86
C GLY B 205 -48.04 10.30 -25.15
N PHE B 206 -47.35 10.42 -26.28
CA PHE B 206 -48.01 10.37 -27.58
C PHE B 206 -47.42 9.30 -28.44
N ALA B 207 -48.27 8.70 -29.24
CA ALA B 207 -47.82 7.67 -30.15
C ALA B 207 -47.79 8.30 -31.53
N TYR B 208 -46.70 8.08 -32.24
CA TYR B 208 -46.55 8.62 -33.58
C TYR B 208 -46.72 7.47 -34.54
N VAL B 209 -47.88 7.43 -35.20
CA VAL B 209 -48.22 6.37 -36.13
C VAL B 209 -48.60 6.79 -37.54
N PRO B 210 -48.45 5.86 -38.48
CA PRO B 210 -48.80 6.13 -39.88
C PRO B 210 -50.32 5.98 -39.95
N LEU B 211 -50.93 6.53 -40.99
CA LEU B 211 -52.38 6.41 -41.12
C LEU B 211 -52.79 4.96 -41.35
N LYS B 212 -51.86 4.12 -41.74
CA LYS B 212 -52.15 2.71 -41.97
C LYS B 212 -52.47 2.09 -40.61
N ASP B 213 -51.76 2.55 -39.59
CA ASP B 213 -51.92 2.04 -38.24
C ASP B 213 -53.11 2.60 -37.46
N ILE B 214 -53.50 3.85 -37.71
CA ILE B 214 -54.64 4.40 -37.00
C ILE B 214 -55.88 3.55 -37.30
N VAL B 215 -56.02 3.17 -38.56
CA VAL B 215 -57.15 2.35 -38.96
C VAL B 215 -57.05 0.97 -38.30
N ALA B 216 -55.87 0.36 -38.40
CA ALA B 216 -55.65 -0.96 -37.80
C ALA B 216 -56.12 -0.97 -36.32
N ILE B 217 -56.04 0.19 -35.67
CA ILE B 217 -56.47 0.34 -34.28
C ILE B 217 -57.99 0.31 -34.26
N ILE B 218 -58.59 1.20 -35.04
CA ILE B 218 -60.04 1.29 -35.14
C ILE B 218 -60.69 -0.05 -35.45
N LEU B 219 -59.97 -0.92 -36.17
CA LEU B 219 -60.51 -2.22 -36.51
C LEU B 219 -60.55 -3.17 -35.31
N ASN B 220 -59.49 -3.17 -34.50
CA ASN B 220 -59.49 -4.03 -33.33
C ASN B 220 -60.52 -3.52 -32.35
N GLU B 221 -60.79 -2.22 -32.40
CA GLU B 221 -61.78 -1.62 -31.53
C GLU B 221 -63.13 -2.16 -31.96
N PHE B 222 -63.25 -2.42 -33.26
CA PHE B 222 -64.46 -2.98 -33.85
C PHE B 222 -64.60 -4.41 -33.32
N ARG B 223 -63.66 -5.27 -33.70
CA ARG B 223 -63.68 -6.67 -33.27
C ARG B 223 -64.11 -6.75 -31.82
N ALA B 224 -63.51 -5.89 -31.00
CA ALA B 224 -63.83 -5.85 -29.58
C ALA B 224 -65.28 -5.46 -29.30
N LYS B 225 -65.69 -4.26 -29.72
CA LYS B 225 -67.06 -3.81 -29.49
C LYS B 225 -68.09 -4.82 -29.99
N LEU B 226 -67.83 -5.38 -31.17
CA LEU B 226 -68.74 -6.37 -31.74
C LEU B 226 -68.82 -7.55 -30.78
N SER B 227 -67.67 -8.12 -30.45
CA SER B 227 -67.64 -9.25 -29.53
C SER B 227 -68.47 -9.00 -28.28
N LYS B 228 -68.42 -7.78 -27.76
CA LYS B 228 -69.20 -7.46 -26.57
C LYS B 228 -70.68 -7.63 -26.92
N ALA B 229 -71.04 -7.24 -28.14
CA ALA B 229 -72.40 -7.35 -28.60
C ALA B 229 -72.86 -8.82 -28.73
N LEU B 230 -72.08 -9.66 -29.42
CA LEU B 230 -72.48 -11.06 -29.58
C LEU B 230 -72.67 -11.69 -28.20
N ALA B 231 -71.92 -11.19 -27.24
CA ALA B 231 -72.01 -11.71 -25.88
C ALA B 231 -73.38 -11.37 -25.34
N LEU B 232 -73.76 -10.09 -25.42
CA LEU B 232 -75.06 -9.65 -24.94
C LEU B 232 -76.25 -10.30 -25.66
N THR B 233 -76.11 -10.54 -26.95
CA THR B 233 -77.20 -11.17 -27.70
C THR B 233 -77.41 -12.58 -27.17
N ALA B 234 -76.35 -13.39 -27.20
CA ALA B 234 -76.44 -14.75 -26.69
C ALA B 234 -77.03 -14.73 -25.29
N ARG B 235 -76.61 -13.74 -24.52
CA ARG B 235 -77.07 -13.58 -23.16
C ARG B 235 -78.58 -13.63 -23.11
N SER B 236 -79.23 -12.80 -23.92
CA SER B 236 -80.69 -12.77 -23.95
C SER B 236 -81.31 -13.54 -25.12
N LEU B 237 -80.59 -14.52 -25.65
CA LEU B 237 -81.11 -15.32 -26.76
C LEU B 237 -82.30 -16.12 -26.25
N PRO B 238 -82.17 -16.75 -25.06
CA PRO B 238 -83.25 -17.54 -24.48
C PRO B 238 -84.65 -16.96 -24.71
N ALA B 239 -84.79 -15.65 -24.56
CA ALA B 239 -86.09 -15.03 -24.78
C ALA B 239 -86.44 -14.99 -26.27
N VAL B 240 -85.90 -15.93 -27.03
CA VAL B 240 -86.13 -15.97 -28.46
C VAL B 240 -85.94 -17.38 -29.03
N GLN B 241 -85.36 -18.27 -28.22
CA GLN B 241 -85.14 -19.65 -28.64
C GLN B 241 -86.46 -20.26 -29.07
N SER B 242 -87.39 -20.27 -28.12
CA SER B 242 -88.73 -20.82 -28.29
C SER B 242 -89.48 -20.41 -29.55
N ASP B 243 -89.24 -19.21 -30.08
CA ASP B 243 -89.95 -18.80 -31.28
C ASP B 243 -89.65 -19.70 -32.48
N GLU B 244 -90.72 -20.15 -33.13
CA GLU B 244 -90.64 -21.06 -34.25
C GLU B 244 -90.12 -20.41 -35.53
N ARG B 245 -90.53 -19.17 -35.80
CA ARG B 245 -90.10 -18.49 -37.00
C ARG B 245 -88.58 -18.46 -37.12
N LEU B 246 -87.90 -18.53 -35.98
CA LEU B 246 -86.43 -18.46 -35.89
C LEU B 246 -85.64 -19.78 -35.91
N GLN B 247 -86.29 -20.90 -36.18
CA GLN B 247 -85.58 -22.17 -36.20
C GLN B 247 -84.72 -22.37 -37.45
N PRO B 248 -85.23 -21.96 -38.62
CA PRO B 248 -84.37 -22.18 -39.79
C PRO B 248 -83.01 -21.55 -39.49
N LEU B 249 -83.04 -20.26 -39.13
CA LEU B 249 -81.85 -19.47 -38.81
C LEU B 249 -80.91 -20.11 -37.81
N LEU B 250 -81.38 -20.28 -36.57
CA LEU B 250 -80.56 -20.87 -35.52
C LEU B 250 -80.07 -22.29 -35.85
N ASN B 251 -80.33 -22.75 -37.08
CA ASN B 251 -79.92 -24.10 -37.49
C ASN B 251 -79.77 -24.24 -39.02
N MET C 1 7.50 -11.20 -29.19
CA MET C 1 7.36 -9.73 -28.98
C MET C 1 8.04 -8.99 -30.14
N GLU C 2 7.25 -8.32 -30.98
CA GLU C 2 7.80 -7.57 -32.12
C GLU C 2 8.92 -6.64 -31.65
N THR C 3 10.12 -6.79 -32.21
CA THR C 3 11.26 -5.95 -31.80
C THR C 3 10.87 -4.47 -31.73
N PHE C 4 11.23 -3.83 -30.63
CA PHE C 4 10.91 -2.43 -30.39
C PHE C 4 11.66 -1.48 -31.31
N ASP C 5 10.95 -0.49 -31.84
CA ASP C 5 11.56 0.48 -32.74
C ASP C 5 11.66 1.82 -32.03
N PRO C 6 12.83 2.10 -31.46
CA PRO C 6 13.15 3.32 -30.72
C PRO C 6 12.89 4.66 -31.38
N THR C 7 12.38 4.67 -32.61
CA THR C 7 12.09 5.95 -33.26
C THR C 7 10.66 6.39 -32.96
N GLU C 8 9.80 5.43 -32.66
CA GLU C 8 8.42 5.73 -32.32
C GLU C 8 8.36 6.32 -30.92
N LEU C 9 9.47 6.25 -30.18
CA LEU C 9 9.49 6.72 -28.79
C LEU C 9 8.84 8.04 -28.38
N PRO C 10 9.12 9.15 -29.09
CA PRO C 10 8.50 10.43 -28.69
C PRO C 10 6.98 10.38 -28.69
N GLU C 11 6.39 9.77 -29.72
CA GLU C 11 4.95 9.63 -29.81
C GLU C 11 4.40 8.69 -28.76
N LEU C 12 4.86 7.43 -28.78
CA LEU C 12 4.41 6.45 -27.79
C LEU C 12 4.47 7.02 -26.37
N LEU C 13 5.54 7.73 -26.06
CA LEU C 13 5.67 8.29 -24.72
C LEU C 13 4.52 9.23 -24.38
N LYS C 14 4.15 10.10 -25.32
CA LYS C 14 3.05 11.03 -25.07
C LYS C 14 1.79 10.24 -24.75
N LEU C 15 1.53 9.20 -25.52
CA LEU C 15 0.35 8.37 -25.30
C LEU C 15 0.43 7.70 -23.93
N TYR C 16 1.54 7.02 -23.70
CA TYR C 16 1.79 6.32 -22.45
C TYR C 16 1.71 7.19 -21.21
N TYR C 17 2.23 8.41 -21.28
CA TYR C 17 2.18 9.29 -20.12
C TYR C 17 0.84 10.00 -20.02
N ARG C 18 -0.02 9.82 -21.01
CA ARG C 18 -1.32 10.47 -21.02
C ARG C 18 -2.45 9.52 -20.66
N ARG C 19 -2.27 8.24 -20.95
CA ARG C 19 -3.32 7.25 -20.73
C ARG C 19 -3.03 5.93 -20.03
N LEU C 20 -1.76 5.57 -19.86
CA LEU C 20 -1.48 4.28 -19.23
C LEU C 20 -0.64 4.32 -17.96
N PHE C 21 0.04 5.43 -17.68
CA PHE C 21 0.89 5.49 -16.49
C PHE C 21 0.12 5.52 -15.18
N PRO C 22 0.29 4.47 -14.34
CA PRO C 22 -0.39 4.31 -13.04
C PRO C 22 -0.23 5.47 -12.10
N TYR C 23 -0.50 6.70 -12.56
CA TYR C 23 -0.37 7.87 -11.69
C TYR C 23 -0.99 7.72 -10.30
N SER C 24 -2.18 7.14 -10.23
CA SER C 24 -2.83 7.02 -8.92
C SER C 24 -2.06 6.08 -8.01
N GLN C 25 -1.64 4.93 -8.51
CA GLN C 25 -0.90 4.00 -7.68
C GLN C 25 0.47 4.59 -7.33
N TYR C 26 0.99 5.40 -8.25
CA TYR C 26 2.28 6.05 -8.08
C TYR C 26 2.24 7.00 -6.89
N TYR C 27 1.40 8.04 -7.01
CA TYR C 27 1.24 9.03 -5.95
C TYR C 27 0.81 8.36 -4.65
N ARG C 28 -0.02 7.32 -4.75
CA ARG C 28 -0.47 6.65 -3.56
C ARG C 28 0.74 6.15 -2.80
N TRP C 29 1.75 5.66 -3.53
CA TRP C 29 2.98 5.14 -2.95
C TRP C 29 3.92 6.21 -2.40
N LEU C 30 4.27 7.21 -3.18
CA LEU C 30 5.18 8.22 -2.67
C LEU C 30 4.60 9.14 -1.62
N ASN C 31 3.26 9.20 -1.54
CA ASN C 31 2.61 10.06 -0.55
C ASN C 31 2.47 9.33 0.77
N TYR C 32 2.77 8.04 0.74
CA TYR C 32 2.73 7.19 1.93
C TYR C 32 1.58 7.46 2.91
N GLY C 33 0.47 8.03 2.42
CA GLY C 33 -0.67 8.26 3.28
C GLY C 33 -0.83 9.59 3.98
N GLY C 34 -0.34 10.68 3.38
CA GLY C 34 -0.46 12.00 3.99
C GLY C 34 -0.12 12.08 5.48
N VAL C 35 0.31 10.95 6.04
CA VAL C 35 0.68 10.87 7.44
C VAL C 35 1.77 11.87 7.82
N ILE C 36 2.46 12.42 6.83
CA ILE C 36 3.53 13.36 7.12
C ILE C 36 3.47 14.66 6.34
N LYS C 37 4.03 15.72 6.92
CA LYS C 37 4.09 17.05 6.33
C LYS C 37 4.03 17.05 4.80
N ASN C 38 5.21 17.11 4.19
CA ASN C 38 5.27 17.12 2.74
C ASN C 38 6.21 16.01 2.29
N TYR C 39 5.96 14.79 2.76
CA TYR C 39 6.82 13.69 2.38
C TYR C 39 6.83 13.54 0.86
N PHE C 40 5.83 14.09 0.19
CA PHE C 40 5.74 14.01 -1.26
C PHE C 40 6.13 15.33 -1.89
N GLN C 41 5.60 16.41 -1.34
CA GLN C 41 5.88 17.73 -1.85
C GLN C 41 7.36 18.08 -1.67
N HIS C 42 8.11 17.18 -1.04
CA HIS C 42 9.54 17.39 -0.82
C HIS C 42 10.39 16.28 -1.41
N ARG C 43 9.77 15.41 -2.20
CA ARG C 43 10.48 14.29 -2.81
C ARG C 43 11.12 14.75 -4.11
N GLU C 44 12.38 14.41 -4.32
CA GLU C 44 13.01 14.83 -5.56
C GLU C 44 12.80 13.81 -6.67
N PHE C 45 12.53 14.30 -7.87
CA PHE C 45 12.37 13.44 -9.03
C PHE C 45 13.39 13.98 -10.01
N SER C 46 13.72 13.17 -11.00
CA SER C 46 14.69 13.58 -12.00
C SER C 46 14.18 13.12 -13.36
N PHE C 47 14.35 13.95 -14.38
CA PHE C 47 13.91 13.58 -15.72
C PHE C 47 14.99 13.79 -16.74
N THR C 48 15.00 12.94 -17.76
CA THR C 48 15.92 13.05 -18.87
C THR C 48 14.93 13.33 -20.00
N LEU C 49 15.04 14.53 -20.56
CA LEU C 49 14.16 15.00 -21.62
C LEU C 49 14.60 14.81 -23.04
N LYS C 50 14.26 15.80 -23.86
CA LYS C 50 14.58 15.85 -25.28
C LYS C 50 16.07 16.11 -25.48
N ASP C 51 16.60 15.65 -26.62
CA ASP C 51 18.01 15.83 -26.96
C ASP C 51 18.93 15.32 -25.85
N ASP C 52 18.36 14.55 -24.93
CA ASP C 52 19.09 13.99 -23.80
C ASP C 52 19.41 15.02 -22.72
N ILE C 53 18.58 16.05 -22.64
CA ILE C 53 18.74 17.08 -21.63
C ILE C 53 18.39 16.51 -20.26
N TYR C 54 19.10 16.93 -19.22
CA TYR C 54 18.86 16.39 -17.89
C TYR C 54 18.36 17.44 -16.91
N ILE C 55 17.16 17.26 -16.39
CA ILE C 55 16.65 18.21 -15.43
C ILE C 55 16.76 17.42 -14.11
N ARG C 56 16.79 18.08 -12.96
CA ARG C 56 16.98 17.30 -11.73
C ARG C 56 16.25 17.58 -10.43
N TYR C 57 16.20 18.83 -9.99
CA TYR C 57 15.52 19.08 -8.72
C TYR C 57 14.02 19.31 -8.85
N GLN C 58 13.35 18.40 -9.56
CA GLN C 58 11.91 18.46 -9.78
C GLN C 58 11.13 18.07 -8.54
N SER C 59 10.10 18.86 -8.26
CA SER C 59 9.25 18.64 -7.10
C SER C 59 7.81 19.03 -7.51
N PHE C 60 6.80 18.34 -6.97
CA PHE C 60 5.42 18.66 -7.34
C PHE C 60 4.49 18.82 -6.13
N ASN C 61 3.50 19.71 -6.25
CA ASN C 61 2.53 19.98 -5.16
C ASN C 61 1.54 18.86 -4.87
N ASN C 62 1.11 18.15 -5.90
CA ASN C 62 0.15 17.06 -5.73
C ASN C 62 0.07 16.22 -7.00
N GLN C 63 -0.57 15.05 -6.90
CA GLN C 63 -0.74 14.13 -8.02
C GLN C 63 -1.07 14.80 -9.36
N SER C 64 -1.61 16.00 -9.30
CA SER C 64 -1.99 16.73 -10.50
C SER C 64 -0.80 17.26 -11.25
N ASP C 65 -0.01 18.11 -10.57
CA ASP C 65 1.18 18.71 -11.16
C ASP C 65 1.99 17.59 -11.78
N LEU C 66 2.08 16.50 -11.04
CA LEU C 66 2.82 15.36 -11.53
C LEU C 66 2.31 15.06 -12.93
N GLU C 67 1.03 14.73 -13.04
CA GLU C 67 0.42 14.42 -14.33
C GLU C 67 0.62 15.57 -15.33
N LYS C 68 0.27 16.78 -14.92
CA LYS C 68 0.39 17.96 -15.77
C LYS C 68 1.80 18.13 -16.36
N GLU C 69 2.81 18.14 -15.49
CA GLU C 69 4.18 18.31 -15.95
C GLU C 69 4.75 17.10 -16.68
N MET C 70 4.40 15.91 -16.20
CA MET C 70 4.92 14.71 -16.80
C MET C 70 4.43 14.55 -18.23
N GLN C 71 3.24 15.07 -18.53
CA GLN C 71 2.69 14.96 -19.89
C GLN C 71 3.15 16.15 -20.71
N LYS C 72 3.66 17.16 -20.03
CA LYS C 72 4.16 18.37 -20.68
C LYS C 72 5.65 18.17 -20.99
N MET C 73 6.27 17.18 -20.34
CA MET C 73 7.67 16.90 -20.55
C MET C 73 7.87 15.60 -21.32
N ASN C 74 7.01 14.62 -21.05
CA ASN C 74 7.10 13.33 -21.72
C ASN C 74 8.55 12.86 -21.70
N PRO C 75 9.09 12.64 -20.50
CA PRO C 75 10.47 12.20 -20.26
C PRO C 75 10.82 10.84 -20.83
N TYR C 76 12.07 10.71 -21.27
CA TYR C 76 12.57 9.45 -21.77
C TYR C 76 12.91 8.63 -20.55
N LYS C 77 13.23 9.31 -19.45
CA LYS C 77 13.60 8.61 -18.22
C LYS C 77 13.08 9.35 -17.00
N ILE C 78 12.84 8.60 -15.93
CA ILE C 78 12.38 9.20 -14.68
C ILE C 78 13.15 8.60 -13.52
N ASP C 79 13.65 9.45 -12.62
CA ASP C 79 14.40 8.95 -11.47
C ASP C 79 13.84 9.49 -10.15
N ILE C 80 13.76 8.62 -9.15
CA ILE C 80 13.22 8.98 -7.84
C ILE C 80 14.34 9.22 -6.83
N GLY C 81 14.34 10.40 -6.26
CA GLY C 81 15.36 10.74 -5.30
C GLY C 81 14.89 10.66 -3.86
N ALA C 82 15.44 11.54 -3.02
CA ALA C 82 15.09 11.56 -1.62
C ALA C 82 14.04 12.60 -1.27
N VAL C 83 13.62 12.55 -0.02
CA VAL C 83 12.68 13.50 0.53
C VAL C 83 13.58 14.50 1.23
N TYR C 84 13.56 15.76 0.78
CA TYR C 84 14.39 16.80 1.38
C TYR C 84 13.76 17.62 2.50
N SER C 85 14.58 18.49 3.07
CA SER C 85 14.18 19.39 4.15
C SER C 85 13.33 20.55 3.62
N HIS C 86 13.30 20.71 2.30
CA HIS C 86 12.53 21.75 1.67
C HIS C 86 12.12 21.22 0.30
N ARG C 87 11.25 21.95 -0.38
CA ARG C 87 10.81 21.55 -1.69
C ARG C 87 12.00 21.61 -2.66
N PRO C 88 12.39 20.46 -3.21
CA PRO C 88 13.51 20.41 -4.14
C PRO C 88 13.48 21.53 -5.19
N ASN C 89 12.30 21.80 -5.75
CA ASN C 89 12.21 22.83 -6.78
C ASN C 89 12.31 24.26 -6.25
N GLN C 90 12.96 24.43 -5.10
CA GLN C 90 13.12 25.75 -4.51
C GLN C 90 14.39 25.86 -3.68
N HIS C 91 15.40 25.07 -4.06
CA HIS C 91 16.67 25.08 -3.36
C HIS C 91 17.33 26.43 -3.50
N ASN C 92 17.03 27.14 -4.58
CA ASN C 92 17.61 28.45 -4.80
C ASN C 92 17.13 29.38 -3.68
N THR C 93 16.06 28.98 -3.03
CA THR C 93 15.50 29.75 -1.93
C THR C 93 16.17 29.42 -0.61
N VAL C 94 16.41 28.13 -0.37
CA VAL C 94 17.02 27.67 0.87
C VAL C 94 18.47 28.12 1.05
N LYS C 95 18.87 28.33 2.30
CA LYS C 95 20.24 28.76 2.61
C LYS C 95 21.25 27.63 2.56
N LEU C 96 22.39 27.91 1.96
CA LEU C 96 23.46 26.93 1.81
C LEU C 96 23.78 26.18 3.09
N GLY C 97 23.24 24.98 3.21
CA GLY C 97 23.48 24.15 4.39
C GLY C 97 22.22 23.71 5.11
N ALA C 98 21.09 24.23 4.65
CA ALA C 98 19.80 23.91 5.25
C ALA C 98 19.07 22.86 4.42
N PHE C 99 19.36 22.88 3.12
CA PHE C 99 18.76 21.97 2.16
C PHE C 99 19.50 20.64 2.16
N GLN C 100 18.89 19.61 2.71
CA GLN C 100 19.53 18.31 2.75
C GLN C 100 18.59 17.13 2.57
N ALA C 101 19.12 16.02 2.09
CA ALA C 101 18.34 14.81 1.88
C ALA C 101 18.11 14.22 3.26
N GLN C 102 16.85 14.03 3.63
CA GLN C 102 16.55 13.52 4.96
C GLN C 102 16.05 12.11 5.00
N GLU C 103 15.28 11.70 4.00
CA GLU C 103 14.76 10.33 3.98
C GLU C 103 14.59 9.80 2.58
N LYS C 104 14.74 8.49 2.46
CA LYS C 104 14.57 7.80 1.18
C LYS C 104 14.65 6.30 1.37
N GLU C 105 13.91 5.58 0.57
CA GLU C 105 13.90 4.13 0.66
C GLU C 105 15.32 3.57 0.45
N LEU C 106 15.57 2.41 1.02
CA LEU C 106 16.83 1.71 0.86
C LEU C 106 16.68 0.94 -0.45
N VAL C 107 17.50 1.25 -1.46
CA VAL C 107 17.42 0.55 -2.75
C VAL C 107 18.67 -0.28 -3.10
N PHE C 108 18.46 -1.28 -3.93
CA PHE C 108 19.49 -2.16 -4.43
C PHE C 108 19.30 -2.24 -5.92
N ASP C 109 20.39 -2.47 -6.64
CA ASP C 109 20.29 -2.57 -8.08
C ASP C 109 21.17 -3.72 -8.47
N ILE C 110 20.60 -4.70 -9.15
CA ILE C 110 21.35 -5.86 -9.53
C ILE C 110 21.39 -5.98 -11.03
N ASP C 111 22.54 -5.62 -11.61
CA ASP C 111 22.76 -5.63 -13.05
C ASP C 111 23.58 -6.83 -13.48
N MET C 112 23.22 -7.40 -14.62
CA MET C 112 23.89 -8.56 -15.19
C MET C 112 25.33 -8.24 -15.65
N THR C 113 25.66 -6.96 -15.85
CA THR C 113 27.02 -6.60 -16.25
C THR C 113 28.03 -6.88 -15.15
N ASP C 114 27.56 -7.26 -13.96
CA ASP C 114 28.49 -7.52 -12.89
C ASP C 114 28.84 -8.98 -12.74
N TYR C 115 28.56 -9.73 -13.80
CA TYR C 115 28.82 -11.16 -13.83
C TYR C 115 29.37 -11.47 -15.22
N ASP C 116 30.01 -10.48 -15.84
CA ASP C 116 30.56 -10.65 -17.18
C ASP C 116 31.75 -11.58 -17.21
N ASP C 117 31.76 -12.54 -16.30
CA ASP C 117 32.87 -13.49 -16.23
C ASP C 117 32.37 -14.81 -15.71
N VAL C 118 31.05 -14.93 -15.62
CA VAL C 118 30.45 -16.14 -15.11
C VAL C 118 29.45 -16.81 -16.05
N ARG C 119 28.98 -16.06 -17.05
CA ARG C 119 28.04 -16.64 -18.01
C ARG C 119 28.69 -16.92 -19.34
N ARG C 120 28.34 -18.07 -19.90
CA ARG C 120 28.84 -18.56 -21.18
C ARG C 120 27.76 -18.39 -22.25
N CYS C 121 26.70 -17.66 -21.94
CA CYS C 121 25.61 -17.49 -22.92
C CYS C 121 25.42 -16.13 -23.59
N CYS C 122 25.52 -15.04 -22.86
CA CYS C 122 25.31 -13.74 -23.48
C CYS C 122 26.48 -12.80 -23.25
N SER C 123 26.48 -11.70 -23.99
CA SER C 123 27.47 -10.65 -23.85
C SER C 123 27.01 -9.92 -22.60
N SER C 124 27.83 -9.01 -22.11
CA SER C 124 27.54 -8.28 -20.88
C SER C 124 26.27 -7.47 -20.80
N ALA C 125 25.78 -6.95 -21.90
CA ALA C 125 24.60 -6.11 -21.79
C ALA C 125 23.26 -6.80 -21.98
N ASP C 126 23.28 -8.04 -22.45
CA ASP C 126 22.05 -8.75 -22.69
C ASP C 126 21.79 -9.85 -21.69
N ILE C 127 20.63 -10.49 -21.83
CA ILE C 127 20.20 -11.58 -20.97
C ILE C 127 19.43 -12.53 -21.83
N CYS C 128 19.26 -13.76 -21.36
CA CYS C 128 18.52 -14.75 -22.11
C CYS C 128 17.95 -15.74 -21.11
N PRO C 129 17.01 -16.58 -21.57
CA PRO C 129 16.42 -17.56 -20.65
C PRO C 129 17.44 -18.42 -19.91
N LYS C 130 18.59 -18.66 -20.52
CA LYS C 130 19.61 -19.50 -19.88
C LYS C 130 20.34 -18.81 -18.75
N CYS C 131 20.23 -17.50 -18.64
CA CYS C 131 20.94 -16.81 -17.58
C CYS C 131 20.09 -15.98 -16.61
N TRP C 132 18.79 -15.83 -16.89
CA TRP C 132 17.93 -15.05 -15.98
C TRP C 132 17.94 -15.60 -14.54
N THR C 133 17.96 -16.92 -14.41
CA THR C 133 18.02 -17.60 -13.15
C THR C 133 18.96 -16.92 -12.14
N LEU C 134 19.97 -16.19 -12.62
CA LEU C 134 20.91 -15.51 -11.72
C LEU C 134 20.13 -14.42 -11.01
N MET C 135 19.29 -13.75 -11.79
CA MET C 135 18.46 -12.70 -11.22
C MET C 135 17.52 -13.39 -10.23
N THR C 136 17.16 -14.62 -10.54
CA THR C 136 16.29 -15.34 -9.65
C THR C 136 16.97 -15.58 -8.32
N MET C 137 18.12 -16.22 -8.34
CA MET C 137 18.85 -16.44 -7.11
C MET C 137 19.18 -15.12 -6.40
N ALA C 138 19.42 -14.07 -7.16
CA ALA C 138 19.72 -12.79 -6.55
C ALA C 138 18.54 -12.31 -5.73
N ILE C 139 17.36 -12.29 -6.33
CA ILE C 139 16.18 -11.82 -5.62
C ILE C 139 15.88 -12.67 -4.41
N ARG C 140 16.09 -13.99 -4.54
CA ARG C 140 15.83 -14.85 -3.40
C ARG C 140 16.81 -14.67 -2.26
N ILE C 141 18.08 -14.44 -2.61
CA ILE C 141 19.10 -14.25 -1.60
C ILE C 141 18.97 -12.91 -0.91
N ILE C 142 18.82 -11.84 -1.67
CA ILE C 142 18.68 -10.56 -1.03
C ILE C 142 17.37 -10.46 -0.28
N ASP C 143 16.26 -10.74 -0.95
CA ASP C 143 14.95 -10.61 -0.32
C ASP C 143 14.85 -11.47 0.93
N ARG C 144 15.44 -12.66 0.93
CA ARG C 144 15.35 -13.44 2.14
C ARG C 144 15.98 -12.68 3.28
N ALA C 145 17.23 -12.26 3.10
CA ALA C 145 17.91 -11.52 4.13
C ALA C 145 17.10 -10.26 4.47
N LEU C 146 16.71 -9.48 3.49
CA LEU C 146 15.98 -8.26 3.80
C LEU C 146 14.78 -8.50 4.70
N LYS C 147 14.31 -9.74 4.74
CA LYS C 147 13.14 -10.05 5.55
C LYS C 147 13.46 -10.90 6.77
N GLU C 148 14.11 -12.04 6.57
CA GLU C 148 14.43 -12.89 7.69
C GLU C 148 15.48 -12.35 8.66
N ASP C 149 16.46 -11.60 8.16
CA ASP C 149 17.50 -11.05 9.01
C ASP C 149 17.23 -9.63 9.49
N PHE C 150 16.87 -8.72 8.60
CA PHE C 150 16.63 -7.32 8.97
C PHE C 150 15.18 -6.98 9.29
N GLY C 151 14.31 -7.98 9.22
CA GLY C 151 12.90 -7.76 9.49
C GLY C 151 12.26 -6.67 8.64
N PHE C 152 12.77 -6.43 7.43
CA PHE C 152 12.13 -5.41 6.60
C PHE C 152 10.90 -6.09 5.99
N LYS C 153 9.76 -5.39 6.01
CA LYS C 153 8.53 -5.97 5.50
C LYS C 153 8.07 -5.52 4.11
N HIS C 154 8.32 -4.26 3.78
CA HIS C 154 7.89 -3.75 2.49
C HIS C 154 9.02 -3.66 1.47
N ARG C 155 9.06 -4.63 0.58
CA ARG C 155 10.09 -4.74 -0.41
C ARG C 155 9.58 -4.83 -1.84
N LEU C 156 9.59 -3.69 -2.54
CA LEU C 156 9.14 -3.65 -3.92
C LEU C 156 10.24 -3.96 -4.97
N TRP C 157 10.29 -5.20 -5.48
CA TRP C 157 11.25 -5.54 -6.54
C TRP C 157 10.73 -5.19 -7.95
N VAL C 158 11.54 -4.49 -8.74
CA VAL C 158 11.20 -4.09 -10.10
C VAL C 158 12.17 -4.63 -11.17
N TYR C 159 11.71 -4.76 -12.42
CA TYR C 159 12.55 -5.19 -13.55
C TYR C 159 13.09 -3.88 -14.03
N SER C 160 14.39 -3.82 -14.30
CA SER C 160 15.01 -2.56 -14.69
C SER C 160 14.89 -2.20 -16.14
N GLY C 161 14.47 -3.14 -16.98
CA GLY C 161 14.31 -2.82 -18.38
C GLY C 161 15.07 -3.64 -19.41
N ARG C 162 16.26 -4.12 -19.07
CA ARG C 162 17.02 -4.86 -20.05
C ARG C 162 17.76 -6.04 -19.50
N ARG C 163 18.37 -5.88 -18.34
CA ARG C 163 19.16 -6.97 -17.77
C ARG C 163 19.38 -6.94 -16.27
N GLY C 164 18.38 -6.53 -15.52
CA GLY C 164 18.55 -6.53 -14.10
C GLY C 164 17.28 -6.22 -13.35
N VAL C 165 17.36 -6.16 -12.03
CA VAL C 165 16.18 -5.89 -11.24
C VAL C 165 16.51 -4.90 -10.13
N HIS C 166 15.53 -4.12 -9.70
CA HIS C 166 15.75 -3.19 -8.61
C HIS C 166 15.03 -3.70 -7.38
N CYS C 167 15.29 -3.09 -6.24
CA CYS C 167 14.58 -3.46 -5.03
C CYS C 167 14.46 -2.22 -4.19
N TRP C 168 13.25 -1.89 -3.79
CA TRP C 168 13.04 -0.71 -2.98
C TRP C 168 12.46 -1.09 -1.63
N VAL C 169 13.25 -1.00 -0.57
CA VAL C 169 12.73 -1.34 0.75
C VAL C 169 12.01 -0.07 1.25
N CYS C 170 10.75 -0.21 1.68
CA CYS C 170 10.01 0.98 2.08
C CYS C 170 9.54 1.12 3.51
N ASP C 171 9.85 0.14 4.37
CA ASP C 171 9.43 0.26 5.77
C ASP C 171 9.78 1.66 6.25
N GLU C 172 8.88 2.24 7.03
CA GLU C 172 9.07 3.60 7.55
C GLU C 172 10.38 3.78 8.30
N SER C 173 10.77 2.77 9.06
CA SER C 173 12.01 2.87 9.79
C SER C 173 13.17 2.81 8.82
N VAL C 174 12.99 2.03 7.75
CA VAL C 174 14.05 1.90 6.76
C VAL C 174 14.29 3.17 5.96
N ARG C 175 13.22 3.86 5.58
CA ARG C 175 13.39 5.08 4.79
C ARG C 175 14.18 6.10 5.58
N LYS C 176 14.32 5.88 6.88
CA LYS C 176 15.07 6.84 7.66
C LYS C 176 16.41 6.36 8.21
N LEU C 177 16.93 5.24 7.68
CA LEU C 177 18.22 4.75 8.12
C LEU C 177 19.27 5.74 7.65
N SER C 178 20.48 5.64 8.20
CA SER C 178 21.57 6.53 7.85
C SER C 178 22.47 5.84 6.86
N SER C 179 23.21 6.63 6.11
CA SER C 179 24.13 6.10 5.11
C SER C 179 25.10 5.07 5.68
N ALA C 180 25.51 5.32 6.91
CA ALA C 180 26.40 4.39 7.57
C ALA C 180 25.72 3.03 7.66
N VAL C 181 24.47 3.04 8.10
CA VAL C 181 23.72 1.80 8.24
C VAL C 181 23.49 1.12 6.91
N ARG C 182 23.20 1.89 5.86
CA ARG C 182 22.98 1.30 4.56
C ARG C 182 24.25 0.59 4.07
N SER C 183 25.42 1.23 4.16
CA SER C 183 26.64 0.55 3.73
C SER C 183 26.77 -0.71 4.55
N GLY C 184 26.34 -0.64 5.81
CA GLY C 184 26.41 -1.79 6.70
C GLY C 184 25.71 -2.99 6.05
N ILE C 185 24.45 -2.77 5.73
CA ILE C 185 23.65 -3.77 5.08
C ILE C 185 24.37 -4.31 3.81
N VAL C 186 24.88 -3.41 2.98
CA VAL C 186 25.55 -3.85 1.77
C VAL C 186 26.77 -4.71 2.09
N GLU C 187 27.48 -4.40 3.15
CA GLU C 187 28.64 -5.21 3.49
C GLU C 187 28.18 -6.56 3.95
N TYR C 188 27.09 -6.57 4.73
CA TYR C 188 26.53 -7.82 5.26
C TYR C 188 26.20 -8.79 4.12
N LEU C 189 25.46 -8.29 3.13
CA LEU C 189 25.00 -9.03 1.94
C LEU C 189 26.05 -9.41 0.92
N SER C 190 27.21 -8.77 1.01
CA SER C 190 28.27 -9.00 0.04
C SER C 190 29.23 -10.12 0.31
N LEU C 191 29.57 -10.86 -0.74
CA LEU C 191 30.49 -11.99 -0.60
C LEU C 191 31.52 -12.09 -1.70
N VAL C 192 31.21 -11.64 -2.90
CA VAL C 192 32.16 -11.75 -3.98
C VAL C 192 33.08 -10.55 -3.98
N LYS C 193 34.34 -10.79 -3.63
CA LYS C 193 35.34 -9.74 -3.61
C LYS C 193 36.03 -9.70 -4.96
N GLY C 194 35.35 -9.11 -5.93
CA GLY C 194 35.89 -9.01 -7.28
C GLY C 194 36.98 -7.95 -7.38
N GLY C 195 38.17 -8.30 -6.93
CA GLY C 195 39.28 -7.37 -6.96
C GLY C 195 39.73 -7.10 -8.38
N GLN C 196 40.79 -6.30 -8.52
CA GLN C 196 41.37 -5.95 -9.82
C GLN C 196 41.69 -7.23 -10.57
N ASP C 197 40.64 -7.84 -11.10
CA ASP C 197 40.75 -9.09 -11.82
C ASP C 197 41.60 -10.11 -11.08
N VAL C 198 40.98 -10.64 -10.04
CA VAL C 198 41.58 -11.69 -9.21
C VAL C 198 40.75 -12.88 -9.69
N LYS C 199 41.37 -14.03 -9.92
CA LYS C 199 40.58 -15.16 -10.37
C LYS C 199 39.64 -15.69 -9.27
N LYS C 200 40.17 -15.98 -8.09
CA LYS C 200 39.36 -16.51 -6.99
C LYS C 200 38.73 -15.38 -6.19
N LYS C 201 37.46 -15.11 -6.45
CA LYS C 201 36.78 -14.00 -5.78
C LYS C 201 35.97 -14.30 -4.53
N VAL C 202 36.05 -15.54 -4.03
CA VAL C 202 35.30 -15.93 -2.83
C VAL C 202 36.08 -16.89 -1.92
N HIS C 203 36.16 -16.54 -0.64
CA HIS C 203 36.87 -17.33 0.35
C HIS C 203 36.00 -17.51 1.56
N LEU C 204 35.89 -18.72 2.05
CA LEU C 204 35.09 -18.98 3.24
C LEU C 204 35.97 -19.50 4.38
N SER C 205 35.66 -19.06 5.60
CA SER C 205 36.38 -19.49 6.80
C SER C 205 35.85 -20.88 7.09
N GLU C 206 36.26 -21.51 8.18
CA GLU C 206 35.70 -22.81 8.42
C GLU C 206 34.35 -22.65 9.13
N LYS C 207 34.17 -21.49 9.78
CA LYS C 207 32.91 -21.18 10.45
C LYS C 207 32.05 -20.45 9.39
N ILE C 208 30.88 -20.99 9.05
CA ILE C 208 30.03 -20.33 8.05
C ILE C 208 28.89 -19.54 8.67
N HIS C 209 28.84 -18.24 8.44
CA HIS C 209 27.77 -17.46 9.03
C HIS C 209 26.43 -17.87 8.46
N PRO C 210 25.38 -17.90 9.28
CA PRO C 210 24.03 -18.27 8.84
C PRO C 210 23.57 -17.66 7.49
N PHE C 211 23.86 -16.37 7.28
CA PHE C 211 23.47 -15.72 6.03
C PHE C 211 24.09 -16.45 4.86
N ILE C 212 25.37 -16.77 4.98
CA ILE C 212 26.01 -17.44 3.89
C ILE C 212 25.42 -18.83 3.74
N ARG C 213 25.34 -19.58 4.83
CA ARG C 213 24.82 -20.96 4.80
C ARG C 213 23.44 -21.00 4.12
N LYS C 214 22.55 -20.10 4.54
CA LYS C 214 21.23 -20.04 3.94
C LYS C 214 21.38 -19.68 2.46
N SER C 215 22.31 -18.78 2.13
CA SER C 215 22.51 -18.36 0.75
C SER C 215 23.03 -19.48 -0.12
N ILE C 216 23.92 -20.31 0.43
CA ILE C 216 24.44 -21.45 -0.31
C ILE C 216 23.26 -22.38 -0.58
N ASN C 217 22.35 -22.48 0.38
CA ASN C 217 21.19 -23.34 0.25
C ASN C 217 20.29 -22.97 -0.92
N ILE C 218 20.02 -21.69 -1.09
CA ILE C 218 19.22 -21.26 -2.22
C ILE C 218 19.94 -21.57 -3.55
N ILE C 219 21.22 -21.25 -3.64
CA ILE C 219 21.96 -21.52 -4.87
C ILE C 219 21.94 -23.03 -5.13
N LYS C 220 21.89 -23.82 -4.07
CA LYS C 220 21.85 -25.27 -4.24
C LYS C 220 20.57 -25.70 -4.95
N LYS C 221 19.46 -25.02 -4.67
CA LYS C 221 18.18 -25.35 -5.35
C LYS C 221 18.22 -25.17 -6.89
N TYR C 222 19.03 -24.24 -7.39
CA TYR C 222 19.08 -24.01 -8.83
C TYR C 222 20.41 -24.30 -9.50
N PHE C 223 21.44 -24.57 -8.74
CA PHE C 223 22.73 -24.73 -9.35
C PHE C 223 22.87 -25.63 -10.57
N GLU C 224 22.32 -26.83 -10.49
CA GLU C 224 22.42 -27.81 -11.58
C GLU C 224 21.78 -27.44 -12.92
N GLU C 225 20.52 -27.05 -12.89
CA GLU C 225 19.82 -26.70 -14.12
C GLU C 225 20.53 -25.49 -14.73
N TYR C 226 20.91 -24.56 -13.87
CA TYR C 226 21.53 -23.33 -14.30
C TYR C 226 23.00 -23.41 -14.70
N ALA C 227 23.85 -23.77 -13.75
CA ALA C 227 25.25 -23.85 -14.02
C ALA C 227 25.65 -25.04 -14.86
N LEU C 228 25.14 -26.20 -14.49
CA LEU C 228 25.52 -27.42 -15.20
C LEU C 228 24.78 -27.77 -16.47
N VAL C 229 23.52 -27.34 -16.59
CA VAL C 229 22.79 -27.70 -17.76
C VAL C 229 22.61 -26.59 -18.76
N ASN C 230 22.42 -25.37 -18.29
CA ASN C 230 22.22 -24.25 -19.17
C ASN C 230 23.49 -23.51 -19.53
N GLN C 231 24.37 -23.32 -18.55
CA GLN C 231 25.62 -22.61 -18.81
C GLN C 231 26.68 -23.60 -19.25
N ASP C 232 26.51 -24.87 -18.87
CA ASP C 232 27.45 -25.91 -19.23
C ASP C 232 28.86 -25.47 -18.88
N ILE C 233 29.01 -24.84 -17.72
CA ILE C 233 30.31 -24.34 -17.28
C ILE C 233 31.47 -25.33 -17.30
N LEU C 234 31.19 -26.62 -17.46
CA LEU C 234 32.27 -27.60 -17.48
C LEU C 234 32.30 -28.41 -18.78
N GLU C 235 31.96 -27.79 -19.90
CA GLU C 235 31.94 -28.54 -21.15
C GLU C 235 33.26 -28.62 -21.92
N ASN C 236 34.14 -27.65 -21.72
CA ASN C 236 35.44 -27.56 -22.40
C ASN C 236 36.57 -27.41 -21.43
N LYS C 237 37.79 -27.66 -21.90
CA LYS C 237 38.92 -27.43 -21.03
C LYS C 237 38.89 -25.91 -20.92
N GLU C 238 38.55 -25.25 -22.03
CA GLU C 238 38.49 -23.79 -21.99
C GLU C 238 37.49 -23.32 -20.93
N SER C 239 36.46 -24.13 -20.69
CA SER C 239 35.49 -23.75 -19.68
C SER C 239 35.89 -24.28 -18.33
N TRP C 240 36.10 -25.58 -18.21
CA TRP C 240 36.47 -26.12 -16.91
C TRP C 240 37.79 -25.58 -16.31
N ASP C 241 38.72 -25.12 -17.14
CA ASP C 241 39.96 -24.56 -16.60
C ASP C 241 39.59 -23.36 -15.72
N LYS C 242 38.72 -22.54 -16.27
CA LYS C 242 38.25 -21.34 -15.63
C LYS C 242 37.74 -21.62 -14.21
N ILE C 243 37.38 -22.88 -13.95
CA ILE C 243 36.90 -23.30 -12.63
C ILE C 243 38.09 -23.88 -11.86
N LEU C 244 38.85 -24.75 -12.50
CA LEU C 244 40.02 -25.33 -11.84
C LEU C 244 40.83 -24.18 -11.24
N ALA C 245 40.75 -23.02 -11.88
CA ALA C 245 41.46 -21.85 -11.40
C ALA C 245 41.15 -21.54 -9.95
N LEU C 246 39.94 -21.87 -9.51
CA LEU C 246 39.53 -21.58 -8.14
C LEU C 246 39.87 -22.69 -7.16
N VAL C 247 40.43 -23.78 -7.69
CA VAL C 247 40.77 -24.89 -6.83
C VAL C 247 42.29 -25.16 -6.79
N PRO C 248 42.84 -25.41 -5.58
CA PRO C 248 44.27 -25.68 -5.36
C PRO C 248 44.96 -26.51 -6.44
N GLU C 249 45.96 -25.90 -7.06
CA GLU C 249 46.73 -26.51 -8.14
C GLU C 249 46.95 -27.99 -7.95
N THR C 250 47.32 -28.37 -6.74
CA THR C 250 47.57 -29.78 -6.44
C THR C 250 46.47 -30.72 -6.89
N ILE C 251 45.28 -30.19 -7.13
CA ILE C 251 44.13 -31.00 -7.54
C ILE C 251 43.89 -31.11 -9.03
N HIS C 252 44.37 -30.13 -9.78
CA HIS C 252 44.18 -30.09 -11.21
C HIS C 252 44.29 -31.40 -11.98
N ASP C 253 45.50 -31.81 -12.33
CA ASP C 253 45.73 -33.06 -13.08
C ASP C 253 44.74 -34.21 -12.82
N GLU C 254 44.34 -34.40 -11.57
CA GLU C 254 43.39 -35.45 -11.25
C GLU C 254 42.03 -35.10 -11.84
N LEU C 255 41.59 -33.86 -11.61
CA LEU C 255 40.31 -33.40 -12.12
C LEU C 255 40.27 -33.40 -13.65
N GLN C 256 41.30 -32.83 -14.24
CA GLN C 256 41.40 -32.74 -15.69
C GLN C 256 41.19 -34.10 -16.37
N GLN C 257 41.74 -35.15 -15.79
CA GLN C 257 41.59 -36.48 -16.38
C GLN C 257 40.15 -36.96 -16.28
N SER C 258 39.55 -36.81 -15.09
CA SER C 258 38.17 -37.21 -14.89
C SER C 258 37.29 -36.44 -15.86
N PHE C 259 37.52 -35.12 -15.96
CA PHE C 259 36.75 -34.30 -16.87
C PHE C 259 36.86 -34.88 -18.27
N GLN C 260 38.10 -35.08 -18.69
CA GLN C 260 38.40 -35.62 -20.01
C GLN C 260 37.64 -36.90 -20.30
N LYS C 261 37.46 -37.71 -19.27
CA LYS C 261 36.76 -38.99 -19.38
C LYS C 261 35.24 -38.94 -19.30
N SER C 262 34.69 -37.84 -18.80
CA SER C 262 33.22 -37.71 -18.68
C SER C 262 32.59 -37.18 -19.97
N HIS C 263 31.26 -37.26 -20.06
CA HIS C 263 30.56 -36.77 -21.26
C HIS C 263 29.82 -35.47 -21.09
N ASN C 264 29.67 -34.98 -19.86
CA ASN C 264 28.94 -33.73 -19.65
C ASN C 264 29.23 -33.06 -18.32
N SER C 265 28.89 -31.78 -18.23
CA SER C 265 29.10 -31.00 -17.02
C SER C 265 28.57 -31.68 -15.78
N LEU C 266 27.36 -32.24 -15.85
CA LEU C 266 26.79 -32.91 -14.70
C LEU C 266 27.74 -33.99 -14.18
N GLN C 267 28.23 -34.87 -15.05
CA GLN C 267 29.13 -35.92 -14.60
C GLN C 267 30.38 -35.30 -14.01
N ARG C 268 30.91 -34.31 -14.70
CA ARG C 268 32.13 -33.66 -14.23
C ARG C 268 32.03 -32.97 -12.87
N TRP C 269 30.91 -32.29 -12.62
CA TRP C 269 30.71 -31.62 -11.35
C TRP C 269 30.81 -32.65 -10.27
N GLU C 270 30.18 -33.79 -10.57
CA GLU C 270 30.16 -34.92 -9.67
C GLU C 270 31.59 -35.35 -9.28
N HIS C 271 32.52 -35.22 -10.21
CA HIS C 271 33.92 -35.57 -9.97
C HIS C 271 34.54 -34.48 -9.12
N LEU C 272 34.35 -33.23 -9.54
CA LEU C 272 34.87 -32.09 -8.80
C LEU C 272 34.42 -32.23 -7.36
N LYS C 273 33.14 -32.50 -7.15
CA LYS C 273 32.67 -32.64 -5.77
C LYS C 273 33.41 -33.73 -5.00
N LYS C 274 33.66 -34.87 -5.63
CA LYS C 274 34.36 -35.96 -4.95
C LYS C 274 35.81 -35.59 -4.62
N VAL C 275 36.61 -35.37 -5.65
CA VAL C 275 38.00 -35.01 -5.43
C VAL C 275 38.11 -33.92 -4.38
N ALA C 276 37.42 -32.81 -4.60
CA ALA C 276 37.48 -31.70 -3.67
C ALA C 276 37.15 -32.19 -2.29
N SER C 277 36.25 -33.16 -2.20
CA SER C 277 35.83 -33.71 -0.92
C SER C 277 36.97 -34.48 -0.26
N ARG C 278 37.56 -35.42 -0.97
CA ARG C 278 38.69 -36.18 -0.43
C ARG C 278 39.74 -35.16 0.02
N TYR C 279 40.05 -34.20 -0.84
CA TYR C 279 41.02 -33.15 -0.54
C TYR C 279 40.67 -32.46 0.78
N GLN C 280 39.45 -31.93 0.87
CA GLN C 280 38.98 -31.24 2.07
C GLN C 280 39.45 -31.91 3.35
N ASN C 281 39.17 -33.21 3.48
CA ASN C 281 39.58 -33.94 4.68
C ASN C 281 41.07 -33.82 4.97
N ASN C 282 41.86 -34.66 4.32
CA ASN C 282 43.31 -34.69 4.47
C ASN C 282 43.95 -33.33 4.78
N GLY C 289 37.13 -27.58 5.63
CA GLY C 289 38.38 -26.88 5.38
C GLY C 289 38.11 -25.66 4.52
N PRO C 290 38.68 -25.61 3.30
CA PRO C 290 38.44 -24.45 2.44
C PRO C 290 36.97 -24.26 2.00
N TRP C 291 36.28 -25.38 1.71
CA TRP C 291 34.88 -25.36 1.25
C TRP C 291 34.83 -25.04 -0.25
N LEU C 292 35.65 -25.74 -1.01
CA LEU C 292 35.72 -25.49 -2.44
C LEU C 292 34.38 -25.41 -3.13
N GLU C 293 33.65 -26.51 -3.14
CA GLU C 293 32.33 -26.58 -3.77
C GLU C 293 31.54 -25.29 -3.55
N TRP C 294 31.23 -24.98 -2.30
CA TRP C 294 30.47 -23.77 -2.01
C TRP C 294 31.14 -22.51 -2.51
N GLU C 295 32.46 -22.49 -2.53
CA GLU C 295 33.14 -21.30 -3.01
C GLU C 295 32.93 -21.17 -4.51
N ILE C 296 33.05 -22.27 -5.23
CA ILE C 296 32.84 -22.24 -6.68
C ILE C 296 31.39 -21.81 -6.99
N MET C 297 30.42 -22.47 -6.38
CA MET C 297 29.01 -22.14 -6.58
C MET C 297 28.73 -20.70 -6.23
N LEU C 298 29.34 -20.24 -5.15
CA LEU C 298 29.12 -18.89 -4.70
C LEU C 298 29.65 -17.89 -5.70
N GLN C 299 30.80 -18.18 -6.29
CA GLN C 299 31.39 -17.26 -7.23
C GLN C 299 30.66 -17.20 -8.55
N TYR C 300 29.92 -18.24 -8.89
CA TYR C 300 29.16 -18.18 -10.13
C TYR C 300 27.73 -17.68 -9.95
N CYS C 301 27.19 -17.76 -8.74
CA CYS C 301 25.80 -17.39 -8.54
C CYS C 301 25.41 -16.33 -7.54
N PHE C 302 26.26 -16.07 -6.55
CA PHE C 302 25.93 -15.09 -5.54
C PHE C 302 25.87 -13.69 -6.13
N PRO C 303 24.83 -12.91 -5.75
CA PRO C 303 24.69 -11.54 -6.27
C PRO C 303 25.86 -10.63 -5.96
N ARG C 304 26.03 -9.60 -6.79
CA ARG C 304 27.09 -8.63 -6.61
C ARG C 304 26.43 -7.30 -6.57
N LEU C 305 26.61 -6.60 -5.45
CA LEU C 305 25.97 -5.31 -5.25
C LEU C 305 26.90 -4.10 -5.36
N ASP C 306 26.37 -3.03 -5.93
CA ASP C 306 27.10 -1.80 -6.07
C ASP C 306 26.80 -0.94 -4.84
N ILE C 307 27.75 -0.87 -3.92
CA ILE C 307 27.58 -0.06 -2.71
C ILE C 307 27.21 1.40 -2.96
N ASN C 308 27.57 1.95 -4.12
CA ASN C 308 27.28 3.35 -4.38
C ASN C 308 25.79 3.62 -4.66
N VAL C 309 25.07 2.55 -4.94
CA VAL C 309 23.65 2.65 -5.20
C VAL C 309 22.95 2.74 -3.85
N SER C 310 23.18 1.74 -3.01
CA SER C 310 22.56 1.63 -1.71
C SER C 310 22.98 2.62 -0.65
N LYS C 311 24.27 2.91 -0.63
CA LYS C 311 24.91 3.81 0.34
C LYS C 311 24.34 5.22 0.32
N GLY C 312 24.27 5.81 -0.86
CA GLY C 312 23.75 7.15 -0.98
C GLY C 312 22.35 7.30 -0.47
N ILE C 313 22.11 8.34 0.29
CA ILE C 313 20.79 8.58 0.86
C ILE C 313 20.08 9.61 0.02
N ASN C 314 20.67 9.92 -1.14
CA ASN C 314 20.10 10.92 -2.04
C ASN C 314 20.31 10.47 -3.48
N HIS C 315 20.69 9.21 -3.64
CA HIS C 315 20.91 8.60 -4.95
C HIS C 315 19.59 8.53 -5.74
N LEU C 316 19.56 9.11 -6.93
CA LEU C 316 18.36 9.09 -7.77
C LEU C 316 18.31 7.79 -8.55
N LEU C 317 17.24 7.00 -8.35
CA LEU C 317 17.12 5.72 -9.07
C LEU C 317 15.94 5.66 -10.04
N LYS C 318 16.05 4.76 -11.04
CA LYS C 318 15.03 4.53 -12.06
C LYS C 318 13.67 4.30 -11.39
N SER C 319 12.68 5.12 -11.73
CA SER C 319 11.36 5.01 -11.16
C SER C 319 10.62 3.79 -11.66
N PRO C 320 9.86 3.12 -10.77
CA PRO C 320 9.17 1.96 -11.36
C PRO C 320 8.18 2.51 -12.41
N PHE C 321 7.76 1.67 -13.36
CA PHE C 321 6.84 2.09 -14.42
C PHE C 321 7.45 3.06 -15.42
N SER C 322 8.77 3.06 -15.51
CA SER C 322 9.47 3.94 -16.43
C SER C 322 9.69 3.12 -17.69
N VAL C 323 10.10 3.78 -18.78
CA VAL C 323 10.30 3.14 -20.09
C VAL C 323 11.76 3.08 -20.52
N HIS C 324 12.17 1.91 -20.97
CA HIS C 324 13.53 1.72 -21.43
C HIS C 324 13.66 2.19 -22.86
N PRO C 325 14.44 3.25 -23.08
CA PRO C 325 14.61 3.79 -24.44
C PRO C 325 15.13 2.78 -25.46
N LYS C 326 15.83 1.76 -25.01
CA LYS C 326 16.35 0.82 -25.98
C LYS C 326 15.51 -0.42 -26.14
N THR C 327 15.18 -1.10 -25.05
CA THR C 327 14.37 -2.33 -25.14
C THR C 327 12.86 -2.06 -25.33
N GLY C 328 12.44 -0.88 -24.95
CA GLY C 328 11.05 -0.53 -25.03
C GLY C 328 10.35 -0.97 -23.74
N ARG C 329 10.82 -2.08 -23.15
CA ARG C 329 10.22 -2.65 -21.95
C ARG C 329 9.85 -1.69 -20.83
N ILE C 330 8.84 -2.07 -20.05
CA ILE C 330 8.34 -1.22 -18.96
C ILE C 330 8.90 -1.71 -17.66
N SER C 331 9.28 -0.78 -16.80
CA SER C 331 9.86 -1.18 -15.54
C SER C 331 8.76 -1.71 -14.64
N VAL C 332 8.47 -2.99 -14.81
CA VAL C 332 7.38 -3.59 -14.08
C VAL C 332 7.71 -4.21 -12.76
N PRO C 333 6.77 -4.12 -11.80
CA PRO C 333 6.94 -4.70 -10.47
C PRO C 333 6.98 -6.19 -10.63
N ILE C 334 7.68 -6.89 -9.76
CA ILE C 334 7.79 -8.34 -9.82
C ILE C 334 7.08 -8.99 -8.62
N ASP C 335 6.33 -10.05 -8.91
CA ASP C 335 5.59 -10.79 -7.89
C ASP C 335 6.50 -11.79 -7.20
N LEU C 336 6.77 -11.54 -5.92
CA LEU C 336 7.67 -12.43 -5.19
C LEU C 336 7.16 -13.83 -4.98
N GLN C 337 5.86 -14.00 -5.09
CA GLN C 337 5.29 -15.31 -4.88
C GLN C 337 5.59 -16.18 -6.08
N LYS C 338 5.74 -15.54 -7.23
CA LYS C 338 6.06 -16.30 -8.42
C LYS C 338 7.29 -15.74 -9.12
N VAL C 339 8.38 -15.56 -8.36
CA VAL C 339 9.62 -15.07 -8.91
C VAL C 339 10.07 -16.03 -9.98
N ASP C 340 10.33 -17.26 -9.57
CA ASP C 340 10.80 -18.25 -10.51
C ASP C 340 10.08 -18.21 -11.84
N GLN C 341 8.90 -17.62 -11.87
CA GLN C 341 8.17 -17.60 -13.11
C GLN C 341 8.21 -16.27 -13.81
N PHE C 342 8.94 -15.32 -13.25
CA PHE C 342 9.03 -14.04 -13.92
C PHE C 342 9.80 -14.28 -15.22
N ASP C 343 9.30 -13.68 -16.29
CA ASP C 343 9.89 -13.81 -17.59
C ASP C 343 10.11 -12.39 -18.10
N PRO C 344 11.37 -11.97 -18.23
CA PRO C 344 11.70 -10.63 -18.71
C PRO C 344 11.17 -10.44 -20.12
N PHE C 345 11.20 -11.51 -20.88
CA PHE C 345 10.78 -11.47 -22.27
C PHE C 345 9.29 -11.26 -22.55
N THR C 346 8.42 -11.65 -21.63
CA THR C 346 6.99 -11.42 -21.88
C THR C 346 6.55 -10.12 -21.26
N VAL C 347 7.50 -9.40 -20.71
CA VAL C 347 7.24 -8.11 -20.10
C VAL C 347 6.85 -7.18 -21.23
N PRO C 348 5.70 -6.50 -21.10
CA PRO C 348 5.18 -5.56 -22.10
C PRO C 348 6.12 -4.44 -22.55
N THR C 349 5.90 -4.03 -23.78
CA THR C 349 6.66 -2.97 -24.42
C THR C 349 5.81 -1.71 -24.41
N ILE C 350 6.40 -0.54 -24.26
CA ILE C 350 5.58 0.65 -24.26
C ILE C 350 4.81 0.66 -25.57
N SER C 351 5.38 -0.01 -26.57
CA SER C 351 4.80 -0.09 -27.89
C SER C 351 3.64 -1.10 -27.91
N PHE C 352 3.90 -2.31 -27.43
CA PHE C 352 2.89 -3.34 -27.37
C PHE C 352 1.63 -2.85 -26.63
N ILE C 353 1.78 -2.18 -25.49
CA ILE C 353 0.63 -1.69 -24.76
C ILE C 353 0.01 -0.43 -25.37
N CYS C 354 0.77 0.33 -26.14
CA CYS C 354 0.15 1.50 -26.75
C CYS C 354 -0.70 1.00 -27.91
N ARG C 355 -0.38 -0.19 -28.40
CA ARG C 355 -1.15 -0.76 -29.48
C ARG C 355 -2.46 -1.25 -28.88
N GLU C 356 -2.35 -2.04 -27.82
CA GLU C 356 -3.51 -2.59 -27.14
C GLU C 356 -4.53 -1.49 -26.89
N LEU C 357 -4.09 -0.39 -26.29
CA LEU C 357 -5.00 0.70 -26.03
C LEU C 357 -5.68 1.13 -27.33
N ASP C 358 -4.91 1.31 -28.40
CA ASP C 358 -5.51 1.72 -29.66
C ASP C 358 -6.50 0.71 -30.25
N ALA C 359 -6.19 -0.58 -30.18
CA ALA C 359 -7.07 -1.63 -30.69
C ALA C 359 -8.36 -1.77 -29.85
N ILE C 360 -8.87 -0.65 -29.36
CA ILE C 360 -10.06 -0.62 -28.52
C ILE C 360 -10.99 0.49 -28.98
N HIS C 378 -12.97 11.33 -18.99
CA HIS C 378 -12.54 10.49 -17.88
C HIS C 378 -12.29 9.03 -18.31
N ARG C 379 -11.08 8.52 -17.99
CA ARG C 379 -10.66 7.14 -18.33
C ARG C 379 -9.66 6.57 -17.32
N THR C 380 -10.15 6.09 -16.18
CA THR C 380 -9.26 5.57 -15.14
C THR C 380 -9.12 4.06 -15.03
N ARG C 381 -9.14 3.35 -16.15
CA ARG C 381 -8.98 1.90 -16.10
C ARG C 381 -8.42 1.38 -17.41
N ASP C 382 -8.17 2.29 -18.35
CA ASP C 382 -7.63 1.89 -19.63
C ASP C 382 -6.46 0.93 -19.42
N TYR C 383 -5.64 1.19 -18.40
CA TYR C 383 -4.49 0.34 -18.15
C TYR C 383 -4.84 -1.11 -17.87
N LYS C 384 -6.02 -1.34 -17.29
CA LYS C 384 -6.46 -2.70 -16.97
C LYS C 384 -6.75 -3.54 -18.23
N LYS C 385 -6.96 -2.86 -19.35
CA LYS C 385 -7.24 -3.54 -20.59
C LYS C 385 -5.95 -3.87 -21.33
N THR C 386 -4.88 -3.20 -20.91
CA THR C 386 -3.56 -3.41 -21.47
C THR C 386 -2.88 -4.56 -20.75
N SER C 387 -1.77 -5.06 -21.31
CA SER C 387 -0.99 -6.12 -20.67
C SER C 387 -0.31 -5.55 -19.42
N LEU C 388 -0.32 -4.23 -19.30
CA LEU C 388 0.25 -3.57 -18.13
C LEU C 388 -0.42 -4.00 -16.83
N ALA C 389 -1.65 -4.46 -16.96
CA ALA C 389 -2.52 -4.86 -15.87
C ALA C 389 -2.03 -5.71 -14.72
N PRO C 390 -1.73 -6.99 -14.96
CA PRO C 390 -1.27 -7.79 -13.82
C PRO C 390 -0.12 -7.22 -13.00
N TYR C 391 0.73 -6.40 -13.64
CA TYR C 391 1.88 -5.79 -12.96
C TYR C 391 1.47 -4.65 -12.07
N VAL C 392 0.44 -3.90 -12.51
CA VAL C 392 -0.06 -2.79 -11.69
C VAL C 392 -0.90 -3.40 -10.54
N LYS C 393 -1.20 -4.70 -10.67
CA LYS C 393 -1.94 -5.41 -9.66
C LYS C 393 -0.97 -5.70 -8.52
N VAL C 394 0.23 -6.17 -8.88
CA VAL C 394 1.28 -6.46 -7.90
C VAL C 394 1.65 -5.17 -7.18
N PHE C 395 1.71 -4.09 -7.93
CA PHE C 395 2.06 -2.83 -7.31
C PHE C 395 1.02 -2.46 -6.27
N GLU C 396 -0.20 -2.96 -6.46
CA GLU C 396 -1.28 -2.65 -5.54
C GLU C 396 -1.29 -3.50 -4.27
N HIS C 397 -0.94 -4.78 -4.38
CA HIS C 397 -0.91 -5.60 -3.18
C HIS C 397 0.25 -5.14 -2.30
N PHE C 398 1.20 -4.44 -2.93
CA PHE C 398 2.36 -3.90 -2.24
C PHE C 398 1.91 -2.68 -1.46
N LEU C 399 1.02 -1.89 -2.06
CA LEU C 399 0.49 -0.69 -1.42
C LEU C 399 -0.47 -1.01 -0.30
N GLU C 400 -1.20 -2.12 -0.45
CA GLU C 400 -2.13 -2.52 0.59
C GLU C 400 -1.32 -2.79 1.85
N ASN C 401 -0.48 -3.82 1.83
CA ASN C 401 0.34 -4.13 3.00
C ASN C 401 0.99 -2.88 3.56
N LEU C 402 1.21 -1.90 2.70
CA LEU C 402 1.81 -0.66 3.16
C LEU C 402 0.74 -0.02 4.05
N ASP C 403 -0.49 0.03 3.55
CA ASP C 403 -1.63 0.59 4.27
C ASP C 403 -1.89 -0.12 5.60
N LYS C 404 -1.81 -1.45 5.57
CA LYS C 404 -2.01 -2.24 6.78
C LYS C 404 -1.05 -1.76 7.86
N SER C 405 0.24 -1.66 7.53
CA SER C 405 1.25 -1.20 8.48
C SER C 405 0.95 0.17 9.07
N ARG C 406 0.60 1.14 8.25
CA ARG C 406 0.29 2.46 8.79
C ARG C 406 -0.86 2.31 9.76
N LYS C 407 -1.93 1.65 9.31
CA LYS C 407 -3.13 1.42 10.09
C LYS C 407 -2.75 0.61 11.34
N GLY C 408 -2.03 -0.48 11.14
CA GLY C 408 -1.62 -1.29 12.27
C GLY C 408 -0.83 -0.38 13.20
N GLU C 409 0.44 -0.15 12.89
CA GLU C 409 1.33 0.71 13.67
C GLU C 409 0.60 1.82 14.44
N LEU C 410 0.23 2.86 13.70
CA LEU C 410 -0.47 4.00 14.29
C LEU C 410 -1.77 3.65 15.01
N LEU C 411 -2.85 3.54 14.23
CA LEU C 411 -4.17 3.25 14.77
C LEU C 411 -4.18 2.30 15.95
N LYS C 412 -3.24 1.36 15.99
CA LYS C 412 -3.18 0.43 17.11
C LYS C 412 -2.30 1.04 18.21
N TYR D 22 26.41 3.92 43.12
CA TYR D 22 25.85 4.97 42.22
C TYR D 22 26.33 4.77 40.79
N PRO D 23 25.79 5.56 39.82
CA PRO D 23 26.18 5.47 38.40
C PRO D 23 27.39 6.37 38.11
N HIS D 24 28.42 6.23 38.92
CA HIS D 24 29.64 7.04 38.82
C HIS D 24 30.61 6.76 37.68
N CYS D 25 31.82 6.34 38.08
CA CYS D 25 32.90 6.04 37.16
C CYS D 25 32.51 6.06 35.68
N LEU D 26 31.70 5.10 35.26
CA LEU D 26 31.25 5.05 33.87
C LEU D 26 30.48 6.29 33.44
N GLN D 27 30.94 6.91 32.35
CA GLN D 27 30.31 8.09 31.80
C GLN D 27 30.98 8.53 30.50
N PHE D 28 30.15 8.80 29.49
CA PHE D 28 30.63 9.28 28.19
C PHE D 28 30.70 10.78 28.35
N TYR D 29 31.92 11.31 28.42
CA TYR D 29 32.07 12.73 28.60
C TYR D 29 31.46 13.56 27.48
N LEU D 30 30.21 13.93 27.71
CA LEU D 30 29.45 14.76 26.79
C LEU D 30 28.85 15.80 27.71
N GLN D 31 28.40 16.92 27.14
CA GLN D 31 27.82 17.97 27.98
C GLN D 31 28.95 18.60 28.79
N PRO D 32 29.51 19.70 28.28
CA PRO D 32 30.61 20.43 28.91
C PRO D 32 30.27 21.01 30.28
N PRO D 33 31.25 21.02 31.20
CA PRO D 33 31.05 21.55 32.56
C PRO D 33 30.90 23.07 32.54
N SER D 34 29.81 23.56 33.09
CA SER D 34 29.55 25.00 33.13
C SER D 34 30.03 25.68 34.41
N GLU D 35 31.10 25.16 35.00
CA GLU D 35 31.65 25.75 36.21
C GLU D 35 32.85 26.60 35.81
N ASN D 36 33.71 26.87 36.80
CA ASN D 36 34.93 27.65 36.59
C ASN D 36 35.80 27.36 37.80
N ILE D 37 37.11 27.46 37.63
CA ILE D 37 38.04 27.18 38.72
C ILE D 37 39.32 27.99 38.56
N SER D 38 40.03 28.19 39.67
CA SER D 38 41.28 28.95 39.65
C SER D 38 42.28 28.28 38.72
N LEU D 39 43.12 29.06 38.07
CA LEU D 39 44.12 28.46 37.20
C LEU D 39 44.82 27.36 37.98
N ILE D 40 44.83 27.50 39.30
CA ILE D 40 45.47 26.51 40.16
C ILE D 40 44.73 25.17 40.05
N GLU D 41 43.40 25.22 40.09
CA GLU D 41 42.58 24.01 40.00
C GLU D 41 42.64 23.48 38.57
N PHE D 42 42.55 24.40 37.61
CA PHE D 42 42.63 24.08 36.19
C PHE D 42 43.94 23.35 36.00
N GLU D 43 45.03 24.06 36.25
CA GLU D 43 46.36 23.51 36.09
C GLU D 43 46.54 22.24 36.89
N ASN D 44 46.00 22.17 38.10
CA ASN D 44 46.14 20.93 38.89
C ASN D 44 45.35 19.74 38.36
N LEU D 45 44.16 19.99 37.83
CA LEU D 45 43.34 18.93 37.25
C LEU D 45 44.06 18.33 36.05
N ALA D 46 44.62 19.21 35.21
CA ALA D 46 45.35 18.78 34.03
C ALA D 46 46.46 17.83 34.43
N ILE D 47 47.26 18.28 35.39
CA ILE D 47 48.38 17.51 35.92
C ILE D 47 47.94 16.12 36.34
N ASP D 48 46.95 16.10 37.24
CA ASP D 48 46.45 14.84 37.76
C ASP D 48 45.92 13.91 36.67
N ARG D 49 45.27 14.48 35.67
CA ARG D 49 44.72 13.70 34.57
C ARG D 49 45.84 13.11 33.72
N VAL D 50 46.79 13.95 33.33
CA VAL D 50 47.90 13.47 32.53
C VAL D 50 48.68 12.41 33.29
N LYS D 51 48.72 12.55 34.60
CA LYS D 51 49.43 11.57 35.42
C LYS D 51 48.65 10.27 35.27
N LEU D 52 47.33 10.36 35.49
CA LEU D 52 46.44 9.20 35.36
C LEU D 52 46.53 8.50 34.02
N LEU D 53 46.35 9.27 32.95
CA LEU D 53 46.37 8.69 31.62
C LEU D 53 47.71 8.05 31.29
N LYS D 54 48.80 8.73 31.63
CA LYS D 54 50.15 8.21 31.36
C LYS D 54 50.33 6.89 32.08
N SER D 55 49.69 6.76 33.25
CA SER D 55 49.76 5.54 34.05
C SER D 55 49.07 4.44 33.28
N VAL D 56 47.88 4.77 32.78
CA VAL D 56 47.12 3.82 32.00
C VAL D 56 48.00 3.35 30.85
N GLU D 57 48.74 4.30 30.27
CA GLU D 57 49.67 4.05 29.17
C GLU D 57 50.70 2.98 29.53
N ASN D 58 51.32 3.11 30.71
CA ASN D 58 52.33 2.14 31.13
C ASN D 58 51.73 0.77 31.42
N LEU D 59 50.85 0.72 32.42
CA LEU D 59 50.22 -0.54 32.79
C LEU D 59 49.90 -1.36 31.53
N GLY D 60 49.54 -0.67 30.45
CA GLY D 60 49.23 -1.36 29.22
C GLY D 60 50.47 -1.93 28.55
N VAL D 61 51.50 -1.09 28.45
CA VAL D 61 52.75 -1.50 27.82
C VAL D 61 53.43 -2.62 28.60
N SER D 62 53.32 -2.58 29.92
CA SER D 62 53.96 -3.57 30.78
C SER D 62 53.18 -4.86 30.96
N TYR D 63 51.88 -4.75 31.20
CA TYR D 63 51.06 -5.94 31.42
C TYR D 63 50.05 -6.21 30.32
N VAL D 64 48.86 -6.59 30.76
CA VAL D 64 47.72 -6.89 29.90
C VAL D 64 46.52 -6.44 30.69
N LYS D 65 45.50 -5.93 30.01
CA LYS D 65 44.31 -5.42 30.68
C LYS D 65 43.50 -6.49 31.40
N GLY D 66 44.05 -7.69 31.54
CA GLY D 66 43.31 -8.76 32.19
C GLY D 66 43.91 -9.35 33.46
N THR D 67 44.80 -8.61 34.12
CA THR D 67 45.40 -9.12 35.34
C THR D 67 45.02 -8.33 36.58
N GLU D 68 44.98 -9.01 37.73
CA GLU D 68 44.66 -8.36 38.99
C GLU D 68 45.68 -7.25 39.19
N GLN D 69 46.90 -7.49 38.69
CA GLN D 69 47.97 -6.52 38.80
C GLN D 69 47.54 -5.23 38.10
N TYR D 70 47.43 -5.31 36.77
CA TYR D 70 47.02 -4.18 35.95
C TYR D 70 45.81 -3.47 36.54
N GLN D 71 44.84 -4.25 37.00
CA GLN D 71 43.62 -3.68 37.54
C GLN D 71 43.66 -3.02 38.91
N SER D 72 44.30 -3.65 39.88
CA SER D 72 44.35 -3.03 41.20
C SER D 72 45.21 -1.77 41.14
N LYS D 73 46.30 -1.84 40.39
CA LYS D 73 47.21 -0.71 40.24
C LYS D 73 46.45 0.48 39.72
N LEU D 74 45.81 0.29 38.57
CA LEU D 74 45.04 1.33 37.91
C LEU D 74 43.93 1.89 38.79
N GLU D 75 43.40 1.09 39.71
CA GLU D 75 42.38 1.66 40.56
C GLU D 75 43.06 2.34 41.72
N SER D 76 44.25 1.87 42.08
CA SER D 76 45.02 2.50 43.15
C SER D 76 45.41 3.90 42.64
N GLU D 77 45.75 3.98 41.35
CA GLU D 77 46.13 5.24 40.71
C GLU D 77 44.91 6.13 40.73
N LEU D 78 43.79 5.57 40.28
CA LEU D 78 42.54 6.30 40.25
C LEU D 78 42.22 6.77 41.65
N ARG D 79 42.33 5.85 42.60
CA ARG D 79 42.05 6.15 44.00
C ARG D 79 42.98 7.25 44.50
N LYS D 80 44.26 7.05 44.23
CA LYS D 80 45.28 7.99 44.63
C LYS D 80 45.12 9.35 43.96
N LEU D 81 44.81 9.32 42.67
CA LEU D 81 44.68 10.55 41.92
C LEU D 81 43.43 11.37 42.04
N LYS D 82 42.52 10.98 42.95
CA LYS D 82 41.28 11.71 43.19
C LYS D 82 40.16 11.40 42.21
N PHE D 83 40.29 10.31 41.45
CA PHE D 83 39.26 9.99 40.47
C PHE D 83 38.38 8.77 40.79
N SER D 84 38.17 8.52 42.10
CA SER D 84 37.33 7.41 42.56
C SER D 84 36.66 7.78 43.88
N ASP D 91 31.30 9.11 49.03
CA ASP D 91 32.15 9.97 48.22
C ASP D 91 31.85 9.81 46.75
N GLU D 92 30.91 10.60 46.25
CA GLU D 92 30.51 10.55 44.86
C GLU D 92 30.86 11.84 44.13
N TYR D 93 29.98 12.81 44.26
CA TYR D 93 30.13 14.13 43.63
C TYR D 93 31.57 14.64 43.50
N GLU D 94 32.43 14.29 44.46
CA GLU D 94 33.79 14.77 44.43
C GLU D 94 34.64 14.14 43.32
N PRO D 95 34.98 12.85 43.43
CA PRO D 95 35.80 12.24 42.37
C PRO D 95 35.20 12.37 40.96
N ARG D 96 33.88 12.42 40.90
CA ARG D 96 33.18 12.56 39.64
C ARG D 96 33.56 13.90 39.01
N ARG D 97 33.28 14.98 39.75
CA ARG D 97 33.57 16.34 39.31
C ARG D 97 34.98 16.50 38.77
N ARG D 98 35.96 15.98 39.51
CA ARG D 98 37.37 16.05 39.11
C ARG D 98 37.54 15.39 37.74
N ASP D 99 37.19 14.12 37.66
CA ASP D 99 37.31 13.38 36.41
C ASP D 99 36.58 14.04 35.26
N HIS D 100 35.40 14.59 35.54
CA HIS D 100 34.64 15.24 34.49
C HIS D 100 35.40 16.40 33.88
N ILE D 101 35.77 17.38 34.71
CA ILE D 101 36.49 18.55 34.26
C ILE D 101 37.90 18.24 33.71
N SER D 102 38.67 17.46 34.45
CA SER D 102 40.02 17.12 34.02
C SER D 102 40.00 16.59 32.60
N HIS D 103 38.95 15.84 32.28
CA HIS D 103 38.84 15.29 30.94
C HIS D 103 38.73 16.39 29.89
N PHE D 104 37.77 17.28 30.08
CA PHE D 104 37.58 18.36 29.12
C PHE D 104 38.79 19.26 29.04
N ILE D 105 39.40 19.54 30.17
CA ILE D 105 40.58 20.39 30.18
C ILE D 105 41.62 19.76 29.25
N LEU D 106 41.93 18.50 29.46
CA LEU D 106 42.92 17.83 28.62
C LEU D 106 42.56 17.76 27.14
N ARG D 107 41.37 18.20 26.77
CA ARG D 107 41.01 18.17 25.36
C ARG D 107 41.72 19.28 24.60
N LEU D 108 41.94 20.41 25.25
CA LEU D 108 42.63 21.50 24.63
C LEU D 108 44.06 21.06 24.29
N ALA D 109 44.62 20.19 25.13
CA ALA D 109 45.99 19.72 24.95
C ALA D 109 46.28 18.69 23.88
N TYR D 110 45.53 17.60 23.88
CA TYR D 110 45.76 16.54 22.92
C TYR D 110 44.92 16.65 21.66
N CYS D 111 44.39 17.84 21.40
CA CYS D 111 43.55 18.05 20.23
C CYS D 111 44.33 18.58 19.03
N GLN D 112 45.59 18.92 19.24
CA GLN D 112 46.38 19.50 18.17
C GLN D 112 47.03 18.50 17.23
N SER D 113 47.84 17.60 17.76
CA SER D 113 48.53 16.61 16.96
C SER D 113 47.72 15.35 16.74
N GLU D 114 47.58 14.92 15.49
CA GLU D 114 46.84 13.71 15.21
C GLU D 114 47.48 12.59 16.04
N GLU D 115 48.74 12.78 16.40
CA GLU D 115 49.46 11.82 17.25
C GLU D 115 48.89 11.91 18.66
N LEU D 116 48.73 13.13 19.15
CA LEU D 116 48.19 13.38 20.48
C LEU D 116 46.79 12.77 20.56
N ARG D 117 45.94 13.15 19.61
CA ARG D 117 44.59 12.65 19.56
C ARG D 117 44.55 11.14 19.63
N ARG D 118 45.38 10.48 18.84
CA ARG D 118 45.39 9.05 18.87
C ARG D 118 45.66 8.64 20.31
N TRP D 119 46.77 9.13 20.85
CA TRP D 119 47.19 8.83 22.21
C TRP D 119 46.07 9.09 23.23
N PHE D 120 45.62 10.33 23.32
CA PHE D 120 44.54 10.69 24.27
C PHE D 120 43.36 9.72 24.18
N ILE D 121 42.85 9.52 22.96
CA ILE D 121 41.74 8.60 22.76
C ILE D 121 42.12 7.20 23.21
N GLN D 122 43.32 6.77 22.84
CA GLN D 122 43.79 5.44 23.22
C GLN D 122 43.74 5.19 24.73
N GLN D 123 44.24 6.15 25.52
CA GLN D 123 44.28 6.06 26.98
C GLN D 123 42.89 6.24 27.56
N GLU D 124 42.30 7.39 27.24
CA GLU D 124 40.99 7.72 27.71
C GLU D 124 40.04 6.53 27.50
N MET D 125 40.33 5.74 26.47
CA MET D 125 39.51 4.60 26.13
C MET D 125 39.86 3.39 26.99
N ASP D 126 41.15 3.10 27.14
CA ASP D 126 41.56 1.99 27.98
C ASP D 126 41.10 2.25 29.42
N LEU D 127 40.73 3.50 29.71
CA LEU D 127 40.25 3.86 31.03
C LEU D 127 38.78 3.44 31.11
N LEU D 128 38.01 3.77 30.09
CA LEU D 128 36.60 3.39 30.08
C LEU D 128 36.48 1.86 30.11
N ARG D 129 37.28 1.17 29.30
CA ARG D 129 37.23 -0.30 29.31
C ARG D 129 37.37 -0.81 30.74
N PHE D 130 38.36 -0.28 31.44
CA PHE D 130 38.61 -0.71 32.81
C PHE D 130 37.43 -0.38 33.72
N ARG D 131 36.94 0.85 33.65
CA ARG D 131 35.81 1.21 34.50
C ARG D 131 34.67 0.23 34.31
N PHE D 132 34.51 -0.31 33.10
CA PHE D 132 33.46 -1.28 32.85
C PHE D 132 33.84 -2.58 33.55
N SER D 133 35.07 -3.03 33.29
CA SER D 133 35.61 -4.25 33.87
C SER D 133 35.31 -4.36 35.36
N ILE D 134 35.24 -3.23 36.04
CA ILE D 134 34.95 -3.20 37.48
C ILE D 134 33.53 -3.65 37.77
N LEU D 135 32.57 -2.89 37.26
CA LEU D 135 31.16 -3.16 37.46
C LEU D 135 30.69 -4.58 37.15
N PRO D 136 29.74 -5.08 37.96
CA PRO D 136 29.19 -6.44 37.77
C PRO D 136 28.09 -6.29 36.72
N LYS D 137 27.72 -7.37 36.06
CA LYS D 137 26.70 -7.29 35.02
C LYS D 137 25.50 -6.43 35.40
N ASP D 138 25.06 -6.54 36.64
CA ASP D 138 23.92 -5.76 37.13
C ASP D 138 24.07 -4.28 36.79
N LYS D 139 25.13 -3.69 37.34
CA LYS D 139 25.43 -2.28 37.16
C LYS D 139 25.53 -1.84 35.69
N ILE D 140 26.23 -2.64 34.87
CA ILE D 140 26.39 -2.31 33.45
C ILE D 140 25.05 -2.15 32.76
N GLN D 141 24.14 -3.09 33.02
CA GLN D 141 22.80 -3.04 32.43
C GLN D 141 22.08 -1.76 32.80
N ASP D 142 22.29 -1.30 34.04
CA ASP D 142 21.64 -0.07 34.49
C ASP D 142 22.24 1.10 33.74
N PHE D 143 23.56 1.11 33.64
CA PHE D 143 24.24 2.17 32.93
C PHE D 143 23.65 2.26 31.53
N LEU D 144 23.38 1.10 30.94
CA LEU D 144 22.83 1.00 29.58
C LEU D 144 21.43 1.62 29.48
N LYS D 145 20.54 1.24 30.39
CA LYS D 145 19.17 1.75 30.40
C LYS D 145 19.22 3.27 30.51
N ASP D 146 19.92 3.76 31.52
CA ASP D 146 20.08 5.19 31.77
C ASP D 146 20.59 5.87 30.52
N SER D 147 21.49 5.19 29.83
CA SER D 147 22.12 5.70 28.62
C SER D 147 21.17 5.80 27.42
N GLN D 148 19.97 5.23 27.56
CA GLN D 148 18.96 5.26 26.51
C GLN D 148 19.19 4.19 25.44
N LEU D 149 19.89 3.13 25.83
CA LEU D 149 20.19 2.04 24.91
C LEU D 149 19.12 0.97 25.09
N GLN D 150 18.57 0.49 23.98
CA GLN D 150 17.56 -0.55 24.08
C GLN D 150 18.27 -1.88 23.98
N PHE D 151 17.81 -2.84 24.77
CA PHE D 151 18.38 -4.16 24.76
C PHE D 151 17.48 -5.03 25.61
N GLU D 152 17.60 -6.34 25.46
CA GLU D 152 16.78 -7.26 26.22
C GLU D 152 17.48 -8.61 26.30
N ALA D 153 17.47 -9.22 27.48
CA ALA D 153 18.09 -10.52 27.65
C ALA D 153 17.09 -11.57 27.17
N ILE D 154 17.60 -12.70 26.69
CA ILE D 154 16.71 -13.75 26.23
C ILE D 154 16.77 -14.92 27.19
N SER D 155 15.63 -15.58 27.37
CA SER D 155 15.57 -16.72 28.26
C SER D 155 16.45 -17.84 27.75
N ASP D 156 16.80 -18.77 28.63
CA ASP D 156 17.63 -19.90 28.24
C ASP D 156 16.88 -20.59 27.11
N GLU D 157 15.59 -20.27 27.03
CA GLU D 157 14.73 -20.80 25.98
C GLU D 157 15.31 -20.33 24.66
N GLU D 158 14.95 -19.10 24.28
CA GLU D 158 15.44 -18.50 23.05
C GLU D 158 16.93 -18.76 22.89
N LYS D 159 17.66 -18.49 23.97
CA LYS D 159 19.11 -18.65 24.00
C LYS D 159 19.62 -19.96 23.39
N THR D 160 19.10 -21.09 23.84
CA THR D 160 19.56 -22.37 23.30
C THR D 160 18.98 -22.67 21.93
N LEU D 161 17.72 -22.30 21.72
CA LEU D 161 17.08 -22.52 20.43
C LEU D 161 17.99 -21.90 19.37
N ARG D 162 18.42 -20.68 19.67
CA ARG D 162 19.26 -19.88 18.80
C ARG D 162 20.76 -20.04 19.02
N GLU D 163 21.15 -20.90 19.95
CA GLU D 163 22.58 -21.06 20.23
C GLU D 163 23.46 -21.28 19.00
N GLN D 164 23.32 -22.45 18.39
CA GLN D 164 24.08 -22.84 17.20
C GLN D 164 24.27 -21.68 16.23
N GLU D 165 23.18 -20.96 15.97
CA GLU D 165 23.20 -19.82 15.07
C GLU D 165 24.05 -18.70 15.65
N ILE D 166 23.82 -18.36 16.91
CA ILE D 166 24.59 -17.31 17.55
C ILE D 166 26.09 -17.65 17.54
N VAL D 167 26.39 -18.93 17.57
CA VAL D 167 27.75 -19.43 17.60
C VAL D 167 28.40 -19.32 16.24
N ALA D 168 27.59 -19.52 15.21
CA ALA D 168 28.05 -19.49 13.84
C ALA D 168 28.43 -18.09 13.40
N SER D 169 27.63 -17.12 13.84
CA SER D 169 27.84 -15.73 13.50
C SER D 169 29.07 -15.09 14.15
N SER D 170 29.50 -15.62 15.29
CA SER D 170 30.63 -15.05 16.00
C SER D 170 31.96 -15.12 15.26
N PRO D 171 32.99 -14.41 15.76
CA PRO D 171 34.29 -14.43 15.08
C PRO D 171 34.87 -15.84 15.05
N SER D 172 36.19 -15.94 15.17
CA SER D 172 36.85 -17.24 15.16
C SER D 172 36.76 -17.90 16.55
N LEU D 173 35.83 -17.41 17.38
CA LEU D 173 35.59 -17.93 18.73
C LEU D 173 35.66 -19.46 18.70
N SER D 174 36.69 -20.02 19.32
CA SER D 174 36.89 -21.47 19.36
C SER D 174 35.71 -22.24 19.95
N GLY D 175 35.76 -23.56 19.81
CA GLY D 175 34.71 -24.42 20.34
C GLY D 175 33.32 -24.04 19.87
N LEU D 176 32.34 -24.79 20.33
CA LEU D 176 30.93 -24.56 19.98
C LEU D 176 30.23 -24.14 21.27
N LYS D 177 31.03 -23.84 22.28
CA LYS D 177 30.52 -23.45 23.57
C LYS D 177 29.89 -22.07 23.62
N LEU D 178 28.59 -22.02 23.85
CA LEU D 178 27.90 -20.74 23.98
C LEU D 178 27.67 -20.63 25.49
N GLY D 179 28.77 -20.40 26.21
CA GLY D 179 28.79 -20.27 27.65
C GLY D 179 27.55 -19.89 28.44
N PHE D 180 27.78 -19.61 29.72
CA PHE D 180 26.70 -19.22 30.61
C PHE D 180 26.38 -17.77 30.29
N GLU D 181 27.43 -17.01 30.01
CA GLU D 181 27.32 -15.60 29.69
C GLU D 181 26.09 -15.28 28.84
N SER D 182 25.16 -14.57 29.49
CA SER D 182 23.90 -14.16 28.89
C SER D 182 24.04 -13.40 27.57
N ILE D 183 23.02 -13.56 26.72
CA ILE D 183 22.98 -12.93 25.40
C ILE D 183 21.79 -11.98 25.27
N TYR D 184 22.05 -10.81 24.71
CA TYR D 184 21.03 -9.79 24.52
C TYR D 184 20.58 -9.60 23.08
N LYS D 185 19.37 -9.06 22.96
CA LYS D 185 18.70 -8.82 21.69
C LYS D 185 18.60 -7.31 21.52
N ILE D 186 19.46 -6.72 20.68
CA ILE D 186 19.44 -5.29 20.43
C ILE D 186 19.12 -5.02 18.96
N PRO D 187 18.57 -3.83 18.67
CA PRO D 187 18.21 -3.38 17.33
C PRO D 187 19.46 -3.43 16.43
N PHE D 188 19.39 -4.16 15.33
CA PHE D 188 20.53 -4.35 14.43
C PHE D 188 21.29 -3.07 14.06
N ALA D 189 20.59 -1.96 13.92
CA ALA D 189 21.25 -0.71 13.55
C ALA D 189 22.27 -0.28 14.59
N ASP D 190 22.01 -0.57 15.87
CA ASP D 190 22.93 -0.20 16.92
C ASP D 190 24.11 -1.15 16.94
N ALA D 191 23.98 -2.26 16.24
CA ALA D 191 25.06 -3.22 16.22
C ALA D 191 25.83 -3.07 14.92
N LEU D 192 25.67 -1.91 14.29
CA LEU D 192 26.32 -1.63 13.00
C LEU D 192 27.75 -2.13 12.87
N ASP D 193 28.61 -1.71 13.77
CA ASP D 193 29.99 -2.12 13.68
C ASP D 193 30.19 -3.62 13.75
N LEU D 194 29.17 -4.35 14.19
CA LEU D 194 29.26 -5.80 14.32
C LEU D 194 28.74 -6.60 13.16
N PHE D 195 27.53 -6.25 12.71
CA PHE D 195 26.93 -7.00 11.61
C PHE D 195 27.51 -6.66 10.23
N ARG D 196 27.99 -5.44 10.02
CA ARG D 196 28.54 -5.14 8.71
C ARG D 196 29.69 -6.09 8.38
N GLY D 197 30.34 -6.63 9.40
CA GLY D 197 31.43 -7.54 9.15
C GLY D 197 30.95 -8.94 9.37
N ARG D 198 29.64 -9.07 9.60
CA ARG D 198 29.00 -10.37 9.81
C ARG D 198 29.58 -11.08 11.01
N LYS D 199 29.55 -10.38 12.15
CA LYS D 199 30.07 -10.92 13.40
C LYS D 199 28.97 -10.93 14.46
N VAL D 200 27.74 -11.23 14.02
CA VAL D 200 26.58 -11.30 14.90
C VAL D 200 25.39 -11.92 14.20
N TYR D 201 24.66 -12.76 14.92
CA TYR D 201 23.49 -13.36 14.33
C TYR D 201 22.41 -12.27 14.33
N LEU D 202 21.77 -12.06 13.18
CA LEU D 202 20.72 -11.10 13.03
C LEU D 202 19.45 -11.89 12.81
N GLU D 203 18.31 -11.34 13.25
CA GLU D 203 17.04 -12.01 13.06
C GLU D 203 15.89 -11.04 13.25
N ASP D 204 14.96 -11.04 12.32
CA ASP D 204 13.85 -10.13 12.39
C ASP D 204 14.25 -8.71 12.82
N GLY D 205 15.46 -8.32 12.47
CA GLY D 205 15.94 -6.98 12.77
C GLY D 205 16.64 -6.78 14.10
N PHE D 206 17.10 -7.87 14.71
CA PHE D 206 17.79 -7.80 15.99
C PHE D 206 19.10 -8.57 15.97
N ALA D 207 20.13 -7.98 16.57
CA ALA D 207 21.41 -8.65 16.64
C ALA D 207 21.40 -9.34 18.01
N TYR D 208 21.86 -10.58 18.04
CA TYR D 208 21.91 -11.35 19.27
C TYR D 208 23.33 -11.41 19.75
N VAL D 209 23.68 -10.51 20.66
CA VAL D 209 25.04 -10.41 21.19
C VAL D 209 25.22 -10.58 22.69
N PRO D 210 26.45 -10.92 23.11
CA PRO D 210 26.79 -11.12 24.53
C PRO D 210 26.99 -9.73 25.09
N LEU D 211 27.05 -9.61 26.41
CA LEU D 211 27.20 -8.29 27.02
C LEU D 211 28.60 -7.72 26.71
N LYS D 212 29.57 -8.61 26.47
CA LYS D 212 30.93 -8.18 26.15
C LYS D 212 30.87 -7.19 24.97
N ASP D 213 30.22 -7.65 23.90
CA ASP D 213 30.07 -6.89 22.66
C ASP D 213 29.21 -5.62 22.80
N ILE D 214 28.20 -5.65 23.67
CA ILE D 214 27.38 -4.46 23.88
C ILE D 214 28.31 -3.36 24.38
N VAL D 215 29.35 -3.77 25.11
CA VAL D 215 30.32 -2.83 25.65
C VAL D 215 31.33 -2.47 24.56
N ALA D 216 31.83 -3.48 23.86
CA ALA D 216 32.78 -3.24 22.78
C ALA D 216 32.16 -2.25 21.81
N ILE D 217 30.84 -2.31 21.69
CA ILE D 217 30.15 -1.38 20.83
C ILE D 217 30.30 -0.03 21.50
N ILE D 218 29.79 0.09 22.72
CA ILE D 218 29.87 1.34 23.46
C ILE D 218 31.25 2.00 23.37
N LEU D 219 32.31 1.21 23.50
CA LEU D 219 33.69 1.74 23.44
C LEU D 219 33.96 2.46 22.13
N ASN D 220 33.64 1.79 21.03
CA ASN D 220 33.83 2.32 19.70
C ASN D 220 32.98 3.56 19.44
N GLU D 221 31.75 3.55 19.90
CA GLU D 221 30.92 4.72 19.72
C GLU D 221 31.66 5.85 20.43
N PHE D 222 32.19 5.55 21.61
CA PHE D 222 32.92 6.52 22.41
C PHE D 222 34.13 7.07 21.65
N ARG D 223 34.95 6.17 21.12
CA ARG D 223 36.12 6.57 20.36
C ARG D 223 35.73 7.60 19.29
N ALA D 224 34.84 7.19 18.40
CA ALA D 224 34.35 8.04 17.32
C ALA D 224 33.68 9.32 17.82
N LYS D 225 32.91 9.23 18.91
CA LYS D 225 32.27 10.42 19.43
C LYS D 225 33.34 11.38 19.95
N LEU D 226 34.30 10.83 20.70
CA LEU D 226 35.40 11.60 21.26
C LEU D 226 36.25 12.17 20.14
N SER D 227 36.67 11.28 19.25
CA SER D 227 37.48 11.64 18.10
C SER D 227 36.84 12.80 17.32
N LYS D 228 35.55 13.00 17.54
CA LYS D 228 34.83 14.07 16.89
C LYS D 228 35.09 15.32 17.72
N ALA D 229 34.79 15.23 19.01
CA ALA D 229 34.98 16.35 19.93
C ALA D 229 36.36 16.96 19.78
N LEU D 230 37.38 16.11 19.71
CA LEU D 230 38.74 16.59 19.55
C LEU D 230 38.79 17.58 18.41
N ALA D 231 38.41 17.11 17.23
CA ALA D 231 38.39 17.99 16.07
C ALA D 231 37.59 19.26 16.35
N LEU D 232 36.40 19.15 16.92
CA LEU D 232 35.60 20.35 17.19
C LEU D 232 36.27 21.35 18.13
N THR D 233 37.10 20.85 19.05
CA THR D 233 37.79 21.74 19.99
C THR D 233 38.94 22.39 19.26
N ALA D 234 39.67 21.60 18.47
CA ALA D 234 40.78 22.17 17.72
C ALA D 234 40.23 23.37 16.95
N ARG D 235 39.07 23.15 16.31
CA ARG D 235 38.36 24.15 15.53
C ARG D 235 38.48 25.53 16.17
N SER D 236 38.06 25.62 17.41
CA SER D 236 38.08 26.87 18.14
C SER D 236 39.26 27.04 19.11
N LEU D 237 40.37 26.37 18.83
CA LEU D 237 41.54 26.44 19.70
C LEU D 237 42.30 27.74 19.67
N PRO D 238 42.51 28.30 18.46
CA PRO D 238 43.24 29.56 18.33
C PRO D 238 42.63 30.70 19.11
N ALA D 239 41.41 30.51 19.62
CA ALA D 239 40.73 31.54 20.41
C ALA D 239 41.20 31.41 21.86
N VAL D 240 42.20 30.55 22.06
CA VAL D 240 42.72 30.31 23.39
C VAL D 240 44.24 30.12 23.40
N GLN D 241 44.82 29.79 22.24
CA GLN D 241 46.27 29.59 22.16
C GLN D 241 47.08 30.81 22.50
N SER D 242 46.56 31.99 22.16
CA SER D 242 47.28 33.21 22.44
C SER D 242 47.38 33.59 23.91
N ASP D 243 47.05 32.66 24.82
CA ASP D 243 47.11 32.99 26.24
C ASP D 243 48.34 32.47 26.94
N GLU D 244 48.98 33.35 27.71
CA GLU D 244 50.20 33.00 28.41
C GLU D 244 50.15 31.70 29.20
N ARG D 245 49.44 31.70 30.32
CA ARG D 245 49.39 30.52 31.17
C ARG D 245 49.07 29.20 30.47
N LEU D 246 48.39 29.26 29.33
CA LEU D 246 48.05 28.03 28.62
C LEU D 246 49.19 27.46 27.79
N GLN D 247 50.39 28.02 27.91
CA GLN D 247 51.51 27.53 27.11
C GLN D 247 52.17 26.27 27.65
N PRO D 248 52.29 26.12 28.99
CA PRO D 248 52.91 24.92 29.57
C PRO D 248 51.98 23.75 29.31
N LEU D 249 50.69 24.03 29.46
CA LEU D 249 49.68 23.02 29.23
C LEU D 249 49.71 22.65 27.73
N LEU D 250 49.46 23.63 26.87
CA LEU D 250 49.46 23.41 25.44
C LEU D 250 50.79 22.90 24.89
N ASN D 251 51.87 23.11 25.64
CA ASN D 251 53.20 22.69 25.17
C ASN D 251 53.99 21.62 25.94
N HIS D 252 54.03 21.67 27.28
CA HIS D 252 54.86 20.67 27.97
C HIS D 252 54.91 20.46 29.50
N LEU D 253 54.46 21.40 30.33
CA LEU D 253 54.54 21.19 31.79
C LEU D 253 53.89 19.88 32.25
N SER D 254 52.80 19.49 31.59
CA SER D 254 52.08 18.26 31.90
C SER D 254 52.15 17.41 30.64
N HIS D 255 51.63 17.99 29.57
CA HIS D 255 51.59 17.41 28.23
C HIS D 255 52.91 16.72 27.83
N SER D 256 54.02 17.17 28.42
CA SER D 256 55.34 16.61 28.14
C SER D 256 56.17 16.34 29.40
N TYR D 257 57.14 17.21 29.70
CA TYR D 257 58.01 17.03 30.87
C TYR D 257 57.28 17.39 32.17
N THR D 258 57.75 16.85 33.30
CA THR D 258 57.10 17.05 34.60
C THR D 258 57.83 17.92 35.65
N GLY D 259 57.71 19.23 35.51
CA GLY D 259 58.35 20.14 36.44
C GLY D 259 57.70 20.06 37.80
N GLN D 260 58.52 20.17 38.85
CA GLN D 260 58.05 20.09 40.24
C GLN D 260 59.08 20.81 41.10
N ASP D 261 59.44 20.21 42.24
CA ASP D 261 60.50 20.75 43.09
C ASP D 261 61.72 20.16 42.41
N TYR D 262 62.92 20.67 42.67
CA TYR D 262 64.06 20.19 41.89
C TYR D 262 65.49 20.24 42.44
N SER D 263 66.37 20.47 41.48
CA SER D 263 67.80 20.61 41.59
C SER D 263 68.08 21.11 40.17
N THR D 264 66.98 21.55 39.55
CA THR D 264 66.93 22.09 38.20
C THR D 264 68.28 22.36 37.51
N GLN D 265 68.60 23.62 37.26
CA GLN D 265 69.85 23.95 36.58
C GLN D 265 70.74 24.95 37.30
N GLY D 266 72.05 24.79 37.07
CA GLY D 266 73.04 25.63 37.70
C GLY D 266 73.38 24.92 39.00
N ASN D 267 72.79 25.40 40.09
CA ASN D 267 72.97 24.86 41.45
C ASN D 267 74.08 23.83 41.60
N VAL D 268 75.10 24.17 42.38
CA VAL D 268 76.24 23.27 42.56
C VAL D 268 76.64 23.02 44.03
N GLY D 269 77.56 22.08 44.19
CA GLY D 269 78.11 21.70 45.48
C GLY D 269 79.57 21.41 45.17
N LYS D 270 80.33 20.86 46.11
CA LYS D 270 81.74 20.57 45.84
C LYS D 270 82.04 19.08 46.01
N ILE D 271 81.85 18.34 44.93
CA ILE D 271 82.03 16.90 44.94
C ILE D 271 83.33 16.35 44.39
N SER D 272 83.90 15.39 45.11
CA SER D 272 85.14 14.76 44.69
C SER D 272 84.78 13.51 43.89
N LEU D 273 85.25 13.47 42.65
CA LEU D 273 85.00 12.37 41.75
C LEU D 273 85.33 10.98 42.33
N ASP D 274 85.86 10.95 43.55
CA ASP D 274 86.24 9.69 44.21
C ASP D 274 85.41 9.43 45.47
N GLN D 275 84.40 10.26 45.66
CA GLN D 275 83.49 10.16 46.79
C GLN D 275 82.22 9.44 46.35
N ILE D 276 81.91 9.54 45.07
CA ILE D 276 80.73 8.92 44.48
C ILE D 276 80.25 7.65 45.21
N ASP D 277 81.06 6.60 45.20
CA ASP D 277 80.68 5.36 45.86
C ASP D 277 80.09 5.58 47.26
N LEU D 278 80.84 6.26 48.13
CA LEU D 278 80.35 6.48 49.47
C LEU D 278 79.03 7.24 49.42
N LEU D 279 78.92 8.16 48.47
CA LEU D 279 77.70 8.94 48.31
C LEU D 279 76.57 8.04 47.82
N SER D 280 76.92 7.11 46.94
CA SER D 280 75.94 6.17 46.40
C SER D 280 75.11 5.59 47.54
N THR D 281 75.82 5.26 48.62
CA THR D 281 75.22 4.65 49.78
C THR D 281 74.48 5.56 50.73
N LYS D 282 75.10 6.68 51.06
CA LYS D 282 74.51 7.59 52.01
C LYS D 282 73.49 8.61 51.52
N SER D 283 73.57 9.07 50.27
CA SER D 283 72.65 10.10 49.83
C SER D 283 71.99 9.93 48.48
N PHE D 284 72.24 8.81 47.81
CA PHE D 284 71.62 8.57 46.52
C PHE D 284 70.28 7.87 46.67
N PRO D 285 69.20 8.45 46.11
CA PRO D 285 67.93 7.74 46.24
C PRO D 285 68.20 6.37 45.60
N PRO D 286 67.44 5.31 45.99
CA PRO D 286 67.66 3.96 45.43
C PRO D 286 67.72 3.77 43.92
N CYS D 287 67.17 4.68 43.14
CA CYS D 287 67.23 4.49 41.70
C CYS D 287 68.61 4.88 41.19
N MET D 288 69.14 5.98 41.69
CA MET D 288 70.44 6.44 41.29
C MET D 288 71.51 5.52 41.88
N ARG D 289 71.27 5.04 43.08
CA ARG D 289 72.18 4.13 43.75
C ARG D 289 72.21 2.81 42.99
N GLN D 290 71.07 2.49 42.40
CA GLN D 290 70.91 1.28 41.60
C GLN D 290 71.73 1.45 40.31
N LEU D 291 71.56 2.59 39.66
CA LEU D 291 72.27 2.89 38.43
C LEU D 291 73.78 2.95 38.61
N HIS D 292 74.24 3.45 39.76
CA HIS D 292 75.68 3.54 40.03
C HIS D 292 76.29 2.15 40.25
N LYS D 293 75.61 1.35 41.05
CA LYS D 293 76.07 -0.01 41.33
C LYS D 293 76.18 -0.79 40.04
N ALA D 294 75.23 -0.56 39.14
CA ALA D 294 75.22 -1.25 37.86
C ALA D 294 76.38 -0.76 37.01
N LEU D 295 76.57 0.56 36.99
CA LEU D 295 77.65 1.14 36.22
C LEU D 295 78.97 0.54 36.68
N ARG D 296 79.21 0.58 37.99
CA ARG D 296 80.44 0.07 38.59
C ARG D 296 80.68 -1.42 38.38
N GLU D 297 79.64 -2.19 38.15
CA GLU D 297 79.81 -3.63 37.95
C GLU D 297 79.89 -3.96 36.47
N ASN D 298 79.06 -3.31 35.67
CA ASN D 298 79.02 -3.55 34.24
C ASN D 298 79.99 -2.66 33.47
N HIS D 299 80.58 -1.71 34.17
CA HIS D 299 81.53 -0.80 33.55
C HIS D 299 80.91 -0.12 32.34
N HIS D 300 79.58 -0.01 32.37
CA HIS D 300 78.82 0.62 31.29
C HIS D 300 77.32 0.60 31.60
N LEU D 301 76.57 1.52 30.98
CA LEU D 301 75.12 1.59 31.17
C LEU D 301 74.41 1.97 29.87
N ARG D 302 73.21 1.44 29.66
CA ARG D 302 72.43 1.74 28.46
C ARG D 302 72.05 3.21 28.44
N HIS D 303 71.40 3.63 27.36
CA HIS D 303 71.00 5.02 27.23
C HIS D 303 70.17 5.46 28.44
N GLY D 304 69.12 4.71 28.73
CA GLY D 304 68.25 5.04 29.86
C GLY D 304 69.07 5.32 31.12
N GLY D 305 70.01 4.41 31.40
CA GLY D 305 70.84 4.57 32.58
C GLY D 305 71.70 5.82 32.52
N ARG D 306 72.48 5.95 31.44
CA ARG D 306 73.36 7.10 31.26
C ARG D 306 72.57 8.41 31.32
N MET D 307 71.41 8.41 30.69
CA MET D 307 70.60 9.60 30.63
C MET D 307 70.08 10.01 32.01
N GLN D 308 69.48 9.05 32.71
CA GLN D 308 68.92 9.32 34.03
C GLN D 308 70.01 9.58 35.06
N TYR D 309 70.98 8.67 35.14
CA TYR D 309 72.08 8.82 36.07
C TYR D 309 72.93 10.04 35.68
N GLY D 310 73.10 10.26 34.39
CA GLY D 310 73.89 11.38 33.91
C GLY D 310 73.43 12.76 34.34
N LEU D 311 72.15 13.09 34.11
CA LEU D 311 71.66 14.42 34.49
C LEU D 311 71.65 14.57 36.00
N PHE D 312 71.63 13.43 36.70
CA PHE D 312 71.64 13.42 38.16
C PHE D 312 73.01 13.87 38.67
N LEU D 313 74.06 13.31 38.06
CA LEU D 313 75.44 13.65 38.41
C LEU D 313 75.65 15.14 38.19
N LYS D 314 75.20 15.68 37.06
CA LYS D 314 75.35 17.11 36.87
C LYS D 314 74.56 17.80 37.97
N GLY D 315 73.44 17.20 38.34
CA GLY D 315 72.58 17.76 39.38
C GLY D 315 73.21 17.91 40.75
N ILE D 316 74.10 16.98 41.12
CA ILE D 316 74.76 17.05 42.42
C ILE D 316 75.97 17.98 42.44
N GLY D 317 76.29 18.57 41.30
CA GLY D 317 77.42 19.47 41.26
C GLY D 317 78.61 19.07 40.39
N LEU D 318 78.61 17.88 39.81
CA LEU D 318 79.73 17.52 38.95
C LEU D 318 79.86 18.58 37.85
N THR D 319 81.09 18.86 37.45
CA THR D 319 81.36 19.83 36.38
C THR D 319 81.40 19.05 35.09
N LEU D 320 81.21 19.74 33.98
CA LEU D 320 81.23 19.10 32.66
C LEU D 320 82.49 18.23 32.58
N GLU D 321 83.58 18.73 33.15
CA GLU D 321 84.86 18.04 33.12
C GLU D 321 84.84 16.74 33.93
N GLN D 322 84.47 16.84 35.21
CA GLN D 322 84.43 15.66 36.06
C GLN D 322 83.51 14.60 35.45
N ALA D 323 82.44 15.08 34.83
CA ALA D 323 81.49 14.19 34.18
C ALA D 323 82.21 13.31 33.16
N LEU D 324 82.99 13.94 32.28
CA LEU D 324 83.75 13.23 31.25
C LEU D 324 84.79 12.30 31.86
N GLN D 325 85.52 12.81 32.84
CA GLN D 325 86.54 12.00 33.50
C GLN D 325 85.88 10.77 34.08
N PHE D 326 84.84 11.02 34.89
CA PHE D 326 84.07 9.96 35.53
C PHE D 326 83.60 8.88 34.55
N TRP D 327 82.83 9.28 33.55
CA TRP D 327 82.30 8.33 32.57
C TRP D 327 83.40 7.59 31.82
N LYS D 328 84.20 8.33 31.06
CA LYS D 328 85.28 7.73 30.28
C LYS D 328 86.05 6.73 31.13
N GLN D 329 86.50 7.16 32.31
CA GLN D 329 87.25 6.32 33.23
C GLN D 329 86.57 4.96 33.46
N GLU D 330 85.26 4.97 33.71
CA GLU D 330 84.53 3.73 33.98
C GLU D 330 84.27 2.94 32.69
N PHE D 331 84.11 3.64 31.58
CA PHE D 331 83.86 2.96 30.33
C PHE D 331 85.12 2.27 29.82
N ILE D 332 86.28 2.77 30.24
CA ILE D 332 87.56 2.19 29.84
C ILE D 332 87.84 0.89 30.60
N LYS D 333 87.23 0.72 31.77
CA LYS D 333 87.39 -0.51 32.54
C LYS D 333 86.71 -1.67 31.81
N GLY D 334 85.69 -1.34 31.03
CA GLY D 334 84.97 -2.35 30.27
C GLY D 334 85.69 -2.67 28.98
N LYS D 335 87.01 -2.47 28.99
CA LYS D 335 87.87 -2.72 27.84
C LYS D 335 87.36 -1.98 26.60
N MET D 336 86.93 -0.73 26.78
CA MET D 336 86.42 0.09 25.68
C MET D 336 87.53 0.90 25.02
N ASP D 337 87.50 1.00 23.70
CA ASP D 337 88.49 1.76 22.94
C ASP D 337 88.45 3.21 23.47
N PRO D 338 89.50 3.64 24.18
CA PRO D 338 89.55 5.01 24.73
C PRO D 338 89.03 6.10 23.78
N ASP D 339 89.09 5.85 22.47
CA ASP D 339 88.61 6.82 21.48
C ASP D 339 87.16 6.53 21.09
N LYS D 340 86.84 5.25 20.91
CA LYS D 340 85.49 4.80 20.55
C LYS D 340 84.49 5.49 21.49
N PHE D 341 84.98 5.82 22.67
CA PHE D 341 84.21 6.50 23.70
C PHE D 341 83.88 7.93 23.24
N ASP D 342 84.93 8.65 22.83
CA ASP D 342 84.78 10.02 22.35
C ASP D 342 83.99 10.03 21.05
N LYS D 343 84.26 9.03 20.21
CA LYS D 343 83.59 8.88 18.93
C LYS D 343 82.15 8.39 19.12
N GLY D 344 81.70 8.33 20.37
CA GLY D 344 80.35 7.85 20.62
C GLY D 344 79.63 8.23 21.91
N TYR D 345 80.31 8.93 22.81
CA TYR D 345 79.66 9.31 24.06
C TYR D 345 80.05 10.73 24.49
N SER D 346 81.34 11.02 24.37
CA SER D 346 81.88 12.31 24.77
C SER D 346 81.05 13.53 24.35
N TYR D 347 80.46 13.49 23.15
CA TYR D 347 79.67 14.62 22.67
C TYR D 347 78.42 14.93 23.48
N ASN D 348 77.56 13.93 23.65
CA ASN D 348 76.33 14.11 24.40
C ASN D 348 76.59 14.43 25.85
N ILE D 349 77.64 13.86 26.44
CA ILE D 349 77.94 14.18 27.82
C ILE D 349 78.04 15.69 27.91
N ARG D 350 78.58 16.29 26.84
CA ARG D 350 78.72 17.74 26.78
C ARG D 350 77.39 18.40 26.47
N HIS D 351 76.69 17.90 25.45
CA HIS D 351 75.40 18.47 25.09
C HIS D 351 74.46 18.43 26.30
N SER D 352 74.87 17.66 27.32
CA SER D 352 74.09 17.51 28.54
C SER D 352 74.14 18.72 29.48
N PHE D 353 75.26 19.44 29.46
CA PHE D 353 75.43 20.62 30.30
C PHE D 353 75.04 21.94 29.59
N GLY D 354 75.38 23.07 30.21
CA GLY D 354 75.06 24.38 29.66
C GLY D 354 74.63 25.36 30.75
N LYS D 355 74.61 24.86 31.98
CA LYS D 355 74.21 25.57 33.21
C LYS D 355 72.69 25.75 33.37
N GLU D 356 72.26 26.98 33.65
CA GLU D 356 70.84 27.30 33.88
C GLU D 356 69.96 27.22 32.66
N GLY D 357 68.65 27.40 32.85
CA GLY D 357 67.73 27.34 31.73
C GLY D 357 67.62 25.92 31.19
N LYS D 358 66.40 25.43 31.06
CA LYS D 358 66.18 24.08 30.56
C LYS D 358 66.46 23.90 29.06
N ARG D 359 67.27 22.89 28.73
CA ARG D 359 67.58 22.58 27.34
C ARG D 359 66.50 21.57 26.91
N THR D 360 65.28 21.82 27.39
CA THR D 360 64.12 20.96 27.14
C THR D 360 64.48 19.51 27.41
N ASP D 361 64.89 18.81 26.35
CA ASP D 361 65.30 17.41 26.42
C ASP D 361 66.37 17.14 27.50
N TYR D 362 66.90 18.21 28.10
CA TYR D 362 67.92 18.05 29.14
C TYR D 362 67.64 18.85 30.41
N THR D 363 67.58 18.12 31.52
CA THR D 363 67.31 18.65 32.86
C THR D 363 67.15 17.44 33.76
N PRO D 364 67.85 17.42 34.91
CA PRO D 364 67.73 16.27 35.82
C PRO D 364 66.29 15.75 35.97
N PHE D 365 66.08 14.48 35.59
CA PHE D 365 64.76 13.87 35.68
C PHE D 365 64.13 14.01 37.07
N SER D 366 62.81 14.15 37.11
CA SER D 366 62.09 14.26 38.38
C SER D 366 61.54 12.85 38.66
N CYS D 367 60.94 12.65 39.85
CA CYS D 367 60.39 11.32 40.16
C CYS D 367 59.30 10.91 39.14
N LEU D 368 58.29 11.77 38.98
CA LEU D 368 57.23 11.50 38.02
C LEU D 368 57.79 11.10 36.66
N LYS D 369 58.73 11.89 36.15
CA LYS D 369 59.30 11.58 34.85
C LYS D 369 60.04 10.24 34.84
N ILE D 370 60.66 9.84 35.95
CA ILE D 370 61.37 8.58 35.93
C ILE D 370 60.41 7.41 36.10
N ILE D 371 59.34 7.67 36.85
CA ILE D 371 58.31 6.68 37.13
C ILE D 371 57.45 6.39 35.89
N LEU D 372 56.74 7.42 35.44
CA LEU D 372 55.83 7.34 34.30
C LEU D 372 56.45 7.22 32.91
N SER D 373 57.77 7.05 32.79
CA SER D 373 58.35 6.96 31.45
C SER D 373 59.37 5.85 31.22
N ASN D 374 59.82 5.75 29.98
CA ASN D 374 60.81 4.77 29.52
C ASN D 374 60.87 3.51 30.36
N PRO D 375 59.71 2.85 30.58
CA PRO D 375 59.72 1.63 31.38
C PRO D 375 60.85 0.73 30.94
N PRO D 376 61.88 0.57 31.80
CA PRO D 376 63.05 -0.27 31.52
C PRO D 376 62.73 -1.70 31.13
N SER D 377 63.72 -2.36 30.52
CA SER D 377 63.59 -3.75 30.08
C SER D 377 64.91 -4.45 30.33
N GLN D 378 64.90 -5.77 30.27
CA GLN D 378 66.08 -6.60 30.49
C GLN D 378 67.36 -5.88 30.03
N GLY D 379 68.29 -5.70 30.96
CA GLY D 379 69.52 -5.01 30.63
C GLY D 379 69.53 -3.60 31.16
N ASP D 380 68.33 -3.04 31.37
CA ASP D 380 68.18 -1.68 31.89
C ASP D 380 68.30 -1.62 33.42
N TYR D 381 68.45 -0.41 33.93
CA TYR D 381 68.60 -0.20 35.36
C TYR D 381 68.02 1.13 35.74
N HIS D 382 67.70 1.92 34.72
CA HIS D 382 67.10 3.21 35.02
C HIS D 382 65.68 2.95 35.49
N GLY D 383 64.95 4.01 35.78
CA GLY D 383 63.59 3.87 36.25
C GLY D 383 63.63 3.77 37.76
N CYS D 384 62.45 3.84 38.37
CA CYS D 384 62.32 3.79 39.82
C CYS D 384 62.03 2.40 40.35
N PRO D 385 62.83 1.89 41.29
CA PRO D 385 62.62 0.54 41.85
C PRO D 385 61.26 0.33 42.55
N PHE D 386 60.79 1.34 43.27
CA PHE D 386 59.53 1.21 43.96
C PHE D 386 58.40 1.02 42.96
N ARG D 387 58.70 1.23 41.68
CA ARG D 387 57.67 1.08 40.65
C ARG D 387 58.03 0.12 39.51
N HIS D 388 59.31 -0.13 39.30
CA HIS D 388 59.71 -1.02 38.21
C HIS D 388 60.28 -2.36 38.67
N SER D 389 60.48 -2.51 39.97
CA SER D 389 61.00 -3.75 40.54
C SER D 389 59.83 -4.56 41.07
N ASP D 390 59.85 -5.88 40.89
CA ASP D 390 58.75 -6.68 41.42
C ASP D 390 58.92 -6.73 42.93
N PRO D 391 57.79 -6.75 43.66
CA PRO D 391 57.76 -6.80 45.13
C PRO D 391 58.83 -7.69 45.75
N GLU D 392 59.04 -8.87 45.20
CA GLU D 392 60.03 -9.77 45.76
C GLU D 392 61.45 -9.25 45.68
N LEU D 393 61.81 -8.68 44.53
CA LEU D 393 63.16 -8.15 44.32
C LEU D 393 63.33 -6.90 45.17
N LEU D 394 62.34 -6.01 45.07
CA LEU D 394 62.34 -4.77 45.83
C LEU D 394 62.63 -5.11 47.29
N LYS D 395 62.20 -6.30 47.73
CA LYS D 395 62.42 -6.75 49.10
C LYS D 395 63.88 -7.08 49.35
N GLN D 396 64.41 -8.00 48.56
CA GLN D 396 65.82 -8.39 48.72
C GLN D 396 66.68 -7.15 48.56
N LYS D 397 66.28 -6.25 47.66
CA LYS D 397 67.02 -5.03 47.44
C LYS D 397 67.10 -4.27 48.75
N LEU D 398 65.93 -3.95 49.31
CA LEU D 398 65.87 -3.22 50.55
C LEU D 398 66.58 -3.96 51.67
N GLN D 399 66.61 -5.28 51.59
CA GLN D 399 67.29 -6.04 52.62
C GLN D 399 68.79 -5.74 52.54
N SER D 400 69.36 -5.82 51.34
CA SER D 400 70.78 -5.54 51.20
C SER D 400 71.07 -4.13 51.68
N TYR D 401 70.05 -3.27 51.64
CA TYR D 401 70.19 -1.88 52.07
C TYR D 401 70.08 -1.78 53.60
N LYS D 402 70.02 -2.93 54.26
CA LYS D 402 69.93 -3.00 55.71
C LYS D 402 68.65 -2.38 56.32
N ILE D 403 67.51 -2.54 55.65
CA ILE D 403 66.22 -2.01 56.10
C ILE D 403 65.48 -3.02 56.98
N SER D 404 64.98 -2.57 58.11
CA SER D 404 64.25 -3.45 59.03
C SER D 404 63.04 -4.10 58.37
N PRO D 405 62.89 -5.40 58.62
CA PRO D 405 61.76 -6.14 58.04
C PRO D 405 60.43 -5.35 58.25
N GLY D 406 60.32 -4.66 59.37
CA GLY D 406 59.13 -3.86 59.59
C GLY D 406 59.09 -2.78 58.53
N GLY D 407 60.19 -2.05 58.41
CA GLY D 407 60.29 -0.99 57.40
C GLY D 407 60.11 -1.51 55.99
N ILE D 408 60.71 -2.65 55.66
CA ILE D 408 60.55 -3.18 54.31
C ILE D 408 59.08 -3.40 54.09
N SER D 409 58.45 -3.93 55.12
CA SER D 409 57.03 -4.20 55.07
C SER D 409 56.22 -2.96 54.85
N GLN D 410 56.52 -1.91 55.60
CA GLN D 410 55.78 -0.66 55.47
C GLN D 410 55.91 -0.07 54.05
N ILE D 411 57.09 -0.26 53.44
CA ILE D 411 57.37 0.21 52.08
C ILE D 411 56.58 -0.61 51.09
N LEU D 412 56.77 -1.93 51.12
CA LEU D 412 56.04 -2.83 50.24
C LEU D 412 54.55 -2.50 50.21
N ASP D 413 54.00 -2.18 51.37
CA ASP D 413 52.59 -1.82 51.45
C ASP D 413 52.36 -0.57 50.61
N LEU D 414 53.04 0.52 50.95
CA LEU D 414 52.88 1.77 50.18
C LEU D 414 52.98 1.55 48.67
N VAL D 415 53.93 0.72 48.25
CA VAL D 415 54.11 0.43 46.84
C VAL D 415 52.82 -0.11 46.27
N LYS D 416 52.21 -1.04 47.00
CA LYS D 416 50.96 -1.67 46.59
C LYS D 416 49.85 -0.63 46.29
N GLY D 417 49.93 0.53 46.91
CA GLY D 417 48.94 1.57 46.68
C GLY D 417 49.43 2.58 45.66
N THR D 418 50.56 2.24 45.03
CA THR D 418 51.18 3.08 44.01
C THR D 418 51.84 4.35 44.54
N HIS D 419 52.06 4.41 45.86
CA HIS D 419 52.67 5.57 46.48
C HIS D 419 54.18 5.46 46.49
N TYR D 420 54.79 5.29 45.32
CA TYR D 420 56.23 5.13 45.20
C TYR D 420 57.08 6.15 45.93
N GLN D 421 56.80 7.42 45.69
CA GLN D 421 57.57 8.48 46.31
C GLN D 421 57.46 8.54 47.80
N VAL D 422 56.43 7.93 48.36
CA VAL D 422 56.32 7.95 49.79
C VAL D 422 57.06 6.72 50.25
N ALA D 423 57.01 5.68 49.42
CA ALA D 423 57.77 4.48 49.75
C ALA D 423 59.18 5.02 49.96
N CYS D 424 59.55 5.93 49.07
CA CYS D 424 60.87 6.54 49.08
C CYS D 424 61.14 7.43 50.26
N GLN D 425 60.19 8.29 50.59
CA GLN D 425 60.40 9.16 51.73
C GLN D 425 60.54 8.24 52.93
N LYS D 426 59.87 7.10 52.90
CA LYS D 426 60.00 6.21 54.05
C LYS D 426 61.42 5.68 54.08
N TYR D 427 61.90 5.17 52.96
CA TYR D 427 63.29 4.67 52.89
C TYR D 427 64.28 5.76 53.36
N PHE D 428 64.07 6.98 52.87
CA PHE D 428 64.91 8.12 53.26
C PHE D 428 64.96 8.29 54.77
N GLU D 429 63.78 8.39 55.38
CA GLU D 429 63.67 8.57 56.82
C GLU D 429 64.40 7.45 57.56
N MET D 430 64.31 6.26 57.03
CA MET D 430 64.97 5.16 57.68
C MET D 430 66.47 5.18 57.58
N ILE D 431 67.04 5.32 56.38
CA ILE D 431 68.49 5.36 56.32
C ILE D 431 69.03 6.58 57.06
N HIS D 432 68.27 7.66 57.16
CA HIS D 432 68.75 8.85 57.88
C HIS D 432 68.37 8.86 59.34
N ASN D 433 67.60 7.86 59.74
CA ASN D 433 67.14 7.74 61.11
C ASN D 433 66.42 8.98 61.61
N VAL D 434 65.53 9.52 60.79
CA VAL D 434 64.75 10.69 61.24
C VAL D 434 63.25 10.32 61.29
N ASP D 435 62.47 11.07 62.06
CA ASP D 435 61.02 10.79 62.18
C ASP D 435 60.30 11.19 60.93
N ASP D 436 60.60 12.37 60.41
CA ASP D 436 59.98 12.81 59.17
C ASP D 436 61.05 13.45 58.30
N CYS D 437 61.11 13.05 57.03
CA CYS D 437 62.10 13.60 56.12
C CYS D 437 61.96 15.11 55.98
N GLY D 438 60.78 15.62 56.30
CA GLY D 438 60.49 17.05 56.25
C GLY D 438 60.22 17.64 54.88
N PHE D 439 59.84 16.83 53.91
CA PHE D 439 59.63 17.39 52.58
C PHE D 439 58.92 16.43 51.64
N SER D 440 58.35 16.98 50.58
CA SER D 440 57.63 16.18 49.60
C SER D 440 58.52 15.76 48.45
N LEU D 441 59.03 14.54 48.55
CA LEU D 441 59.89 13.96 47.55
C LEU D 441 59.32 13.96 46.14
N ASN D 442 59.96 14.67 45.23
CA ASN D 442 59.47 14.69 43.86
C ASN D 442 60.58 14.74 42.84
N HIS D 443 61.83 14.63 43.30
CA HIS D 443 63.01 14.68 42.44
C HIS D 443 64.21 13.99 43.13
N PRO D 444 64.92 13.08 42.43
CA PRO D 444 66.08 12.39 43.02
C PRO D 444 67.10 13.34 43.65
N ASN D 445 67.38 14.45 42.99
CA ASN D 445 68.35 15.41 43.49
C ASN D 445 67.88 16.16 44.71
N GLN D 446 66.57 16.24 44.90
CA GLN D 446 66.02 16.90 46.08
C GLN D 446 66.30 15.93 47.23
N PHE D 447 66.37 14.65 46.87
CA PHE D 447 66.64 13.59 47.82
C PHE D 447 68.10 13.72 48.28
N PHE D 448 68.99 13.93 47.32
CA PHE D 448 70.40 14.08 47.62
C PHE D 448 70.65 15.32 48.52
N CYS D 449 70.14 16.48 48.13
CA CYS D 449 70.35 17.67 48.95
C CYS D 449 69.86 17.47 50.35
N GLU D 450 68.59 17.08 50.47
CA GLU D 450 67.98 16.85 51.78
C GLU D 450 68.80 15.86 52.60
N SER D 451 69.37 14.84 51.94
CA SER D 451 70.19 13.86 52.64
C SER D 451 71.43 14.55 53.22
N GLN D 452 72.11 15.30 52.37
CA GLN D 452 73.31 16.04 52.74
C GLN D 452 72.94 17.07 53.80
N ARG D 453 71.84 17.77 53.58
CA ARG D 453 71.40 18.78 54.52
C ARG D 453 71.35 18.16 55.91
N ILE D 454 71.11 16.85 55.96
CA ILE D 454 71.03 16.12 57.21
C ILE D 454 72.42 15.69 57.67
N LEU D 455 73.12 14.95 56.82
CA LEU D 455 74.45 14.46 57.14
C LEU D 455 75.47 15.50 57.65
N ASN D 456 75.25 16.77 57.32
CA ASN D 456 76.16 17.83 57.76
C ASN D 456 75.43 18.86 58.65
ZN ZN E . -24.35 -8.01 -3.73
ZN ZN F . 22.10 -15.49 -21.40
FE1 SF4 G . 61.99 9.32 42.65
FE2 SF4 G . 61.78 6.47 42.77
FE3 SF4 G . 62.87 7.86 45.11
FE4 SF4 G . 64.59 7.70 42.36
S1 SF4 G . 63.69 6.34 43.81
S2 SF4 G . 63.87 9.21 43.70
S3 SF4 G . 62.80 7.82 41.33
S4 SF4 G . 61.05 7.97 44.07
#